data_5JBM
# 
_entry.id   5JBM 
# 
_audit_conform.dict_name       mmcif_pdbx.dic 
_audit_conform.dict_version    5.379 
_audit_conform.dict_location   http://mmcif.pdb.org/dictionaries/ascii/mmcif_pdbx.dic 
# 
loop_
_database_2.database_id 
_database_2.database_code 
_database_2.pdbx_database_accession 
_database_2.pdbx_DOI 
PDB   5JBM         pdb_00005jbm 10.2210/pdb5jbm/pdb 
WWPDB D_1000220276 ?            ?                   
# 
_pdbx_database_status.status_code                     REL 
_pdbx_database_status.status_code_sf                  REL 
_pdbx_database_status.status_code_mr                  ? 
_pdbx_database_status.entry_id                        5JBM 
_pdbx_database_status.recvd_initial_deposition_date   2016-04-13 
_pdbx_database_status.SG_entry                        N 
_pdbx_database_status.deposit_site                    RCSB 
_pdbx_database_status.process_site                    RCSB 
_pdbx_database_status.status_code_cs                  ? 
_pdbx_database_status.methods_development_category    ? 
_pdbx_database_status.pdb_format_compatible           Y 
_pdbx_database_status.status_code_nmr_data            ? 
# 
loop_
_audit_author.name 
_audit_author.pdbx_ordinal 
'Churchill, M.E.A.' 1 
'Liu, W.'           2 
'Zhou, Y.'          3 
# 
_citation.abstract                  ? 
_citation.abstract_id_CAS           ? 
_citation.book_id_ISBN              ? 
_citation.book_publisher            ? 
_citation.book_publisher_city       ? 
_citation.book_title                ? 
_citation.coordinate_linkage        ? 
_citation.country                   US 
_citation.database_id_Medline       ? 
_citation.details                   ? 
_citation.id                        primary 
_citation.journal_abbrev            Elife 
_citation.journal_id_ASTM           ? 
_citation.journal_id_CSD            ? 
_citation.journal_id_ISSN           2050-084X 
_citation.journal_full              ? 
_citation.journal_issue             ? 
_citation.journal_volume            5 
_citation.language                  ? 
_citation.page_first                ? 
_citation.page_last                 ? 
_citation.title                     
'The Cac1 subunit of histone chaperone CAF-1 organizes CAF-1-H3/H4 architecture and tetramerizes histones.' 
_citation.year                      2016 
_citation.database_id_CSD           ? 
_citation.pdbx_database_id_DOI      10.7554/eLife.18023 
_citation.pdbx_database_id_PubMed   27690308 
_citation.unpublished_flag          ? 
# 
loop_
_citation_author.citation_id 
_citation_author.name 
_citation_author.ordinal 
_citation_author.identifier_ORCID 
primary 'Liu, W.H.'       1  ? 
primary 'Roemer, S.C.'    2  ? 
primary 'Zhou, Y.'        3  ? 
primary 'Shen, Z.J.'      4  ? 
primary 'Dennehey, B.K.'  5  ? 
primary 'Balsbaugh, J.L.' 6  ? 
primary 'Liddle, J.C.'    7  ? 
primary 'Nemkov, T.'      8  ? 
primary 'Ahn, N.G.'       9  ? 
primary 'Hansen, K.C.'    10 ? 
primary 'Tyler, J.K.'     11 ? 
primary 'Churchill, M.E.' 12 ? 
# 
_cell.entry_id           5JBM 
_cell.length_a           58.850 
_cell.length_b           58.850 
_cell.length_c           97.929 
_cell.angle_alpha        90.00 
_cell.angle_beta         90.00 
_cell.angle_gamma        90.00 
_cell.Z_PDB              8 
_cell.pdbx_unique_axis   ? 
# 
_symmetry.entry_id                         5JBM 
_symmetry.space_group_name_H-M             'P 41 2 2' 
_symmetry.pdbx_full_space_group_name_H-M   ? 
_symmetry.cell_setting                     ? 
_symmetry.Int_Tables_number                91 
# 
loop_
_entity.id 
_entity.type 
_entity.src_method 
_entity.pdbx_description 
_entity.formula_weight 
_entity.pdbx_number_of_molecules 
_entity.pdbx_ec 
_entity.pdbx_mutation 
_entity.pdbx_fragment 
_entity.details 
1 polymer man 'Chromatin assembly factor 1 subunit p90' 16962.012 1 ? ? ? ? 
2 water   nat water                                     18.015    1 ? ? ? ? 
# 
_entity_name_com.entity_id   1 
_entity_name_com.name        'CAF-1 90 kDa subunit,RAP1 localization factor 2' 
# 
_entity_poly.entity_id                      1 
_entity_poly.type                           'polypeptide(L)' 
_entity_poly.nstd_linkage                   no 
_entity_poly.nstd_monomer                   no 
_entity_poly.pdbx_seq_one_letter_code       
;SNFENLSEENKRYLQQLKAEVIIETDGPIDPFKEPKTSSLPSKRSNSDLQAQTASQSQSPEKKQKAMITDPMDLLRLFDG
VQDSTFSLGTVTEIAQKNLPQYNKQTIKNTIKEYAIRSSGKGDLPRKWVIKDAQNWENLRANANMPTPSL
;
_entity_poly.pdbx_seq_one_letter_code_can   
;SNFENLSEENKRYLQQLKAEVIIETDGPIDPFKEPKTSSLPSKRSNSDLQAQTASQSQSPEKKQKAMITDPMDLLRLFDG
VQDSTFSLGTVTEIAQKNLPQYNKQTIKNTIKEYAIRSSGKGDLPRKWVIKDAQNWENLRANANMPTPSL
;
_entity_poly.pdbx_strand_id                 A 
_entity_poly.pdbx_target_identifier         ? 
# 
loop_
_entity_poly_seq.entity_id 
_entity_poly_seq.num 
_entity_poly_seq.mon_id 
_entity_poly_seq.hetero 
1 1   SER n 
1 2   ASN n 
1 3   PHE n 
1 4   GLU n 
1 5   ASN n 
1 6   LEU n 
1 7   SER n 
1 8   GLU n 
1 9   GLU n 
1 10  ASN n 
1 11  LYS n 
1 12  ARG n 
1 13  TYR n 
1 14  LEU n 
1 15  GLN n 
1 16  GLN n 
1 17  LEU n 
1 18  LYS n 
1 19  ALA n 
1 20  GLU n 
1 21  VAL n 
1 22  ILE n 
1 23  ILE n 
1 24  GLU n 
1 25  THR n 
1 26  ASP n 
1 27  GLY n 
1 28  PRO n 
1 29  ILE n 
1 30  ASP n 
1 31  PRO n 
1 32  PHE n 
1 33  LYS n 
1 34  GLU n 
1 35  PRO n 
1 36  LYS n 
1 37  THR n 
1 38  SER n 
1 39  SER n 
1 40  LEU n 
1 41  PRO n 
1 42  SER n 
1 43  LYS n 
1 44  ARG n 
1 45  SER n 
1 46  ASN n 
1 47  SER n 
1 48  ASP n 
1 49  LEU n 
1 50  GLN n 
1 51  ALA n 
1 52  GLN n 
1 53  THR n 
1 54  ALA n 
1 55  SER n 
1 56  GLN n 
1 57  SER n 
1 58  GLN n 
1 59  SER n 
1 60  PRO n 
1 61  GLU n 
1 62  LYS n 
1 63  LYS n 
1 64  GLN n 
1 65  LYS n 
1 66  ALA n 
1 67  MET n 
1 68  ILE n 
1 69  THR n 
1 70  ASP n 
1 71  PRO n 
1 72  MET n 
1 73  ASP n 
1 74  LEU n 
1 75  LEU n 
1 76  ARG n 
1 77  LEU n 
1 78  PHE n 
1 79  ASP n 
1 80  GLY n 
1 81  VAL n 
1 82  GLN n 
1 83  ASP n 
1 84  SER n 
1 85  THR n 
1 86  PHE n 
1 87  SER n 
1 88  LEU n 
1 89  GLY n 
1 90  THR n 
1 91  VAL n 
1 92  THR n 
1 93  GLU n 
1 94  ILE n 
1 95  ALA n 
1 96  GLN n 
1 97  LYS n 
1 98  ASN n 
1 99  LEU n 
1 100 PRO n 
1 101 GLN n 
1 102 TYR n 
1 103 ASN n 
1 104 LYS n 
1 105 GLN n 
1 106 THR n 
1 107 ILE n 
1 108 LYS n 
1 109 ASN n 
1 110 THR n 
1 111 ILE n 
1 112 LYS n 
1 113 GLU n 
1 114 TYR n 
1 115 ALA n 
1 116 ILE n 
1 117 ARG n 
1 118 SER n 
1 119 SER n 
1 120 GLY n 
1 121 LYS n 
1 122 GLY n 
1 123 ASP n 
1 124 LEU n 
1 125 PRO n 
1 126 ARG n 
1 127 LYS n 
1 128 TRP n 
1 129 VAL n 
1 130 ILE n 
1 131 LYS n 
1 132 ASP n 
1 133 ALA n 
1 134 GLN n 
1 135 ASN n 
1 136 TRP n 
1 137 GLU n 
1 138 ASN n 
1 139 LEU n 
1 140 ARG n 
1 141 ALA n 
1 142 ASN n 
1 143 ALA n 
1 144 ASN n 
1 145 MET n 
1 146 PRO n 
1 147 THR n 
1 148 PRO n 
1 149 SER n 
1 150 LEU n 
# 
_entity_src_gen.entity_id                          1 
_entity_src_gen.pdbx_src_id                        1 
_entity_src_gen.pdbx_alt_source_flag               sample 
_entity_src_gen.pdbx_seq_type                      'Biological sequence' 
_entity_src_gen.pdbx_beg_seq_num                   1 
_entity_src_gen.pdbx_end_seq_num                   150 
_entity_src_gen.gene_src_common_name               
;Baker's yeast
;
_entity_src_gen.gene_src_genus                     ? 
_entity_src_gen.pdbx_gene_src_gene                 'RLF2, CAC1, YPR018W, YP9531.12' 
_entity_src_gen.gene_src_species                   ? 
_entity_src_gen.gene_src_strain                    'ATCC 204508 / S288c' 
_entity_src_gen.gene_src_tissue                    ? 
_entity_src_gen.gene_src_tissue_fraction           ? 
_entity_src_gen.gene_src_details                   ? 
_entity_src_gen.pdbx_gene_src_fragment             ? 
_entity_src_gen.pdbx_gene_src_scientific_name      'Saccharomyces cerevisiae (strain ATCC 204508 / S288c)' 
_entity_src_gen.pdbx_gene_src_ncbi_taxonomy_id     559292 
_entity_src_gen.pdbx_gene_src_variant              ? 
_entity_src_gen.pdbx_gene_src_cell_line            ? 
_entity_src_gen.pdbx_gene_src_atcc                 ? 
_entity_src_gen.pdbx_gene_src_organ                ? 
_entity_src_gen.pdbx_gene_src_organelle            ? 
_entity_src_gen.pdbx_gene_src_cell                 ? 
_entity_src_gen.pdbx_gene_src_cellular_location    ? 
_entity_src_gen.host_org_common_name               ? 
_entity_src_gen.pdbx_host_org_scientific_name      'Escherichia coli' 
_entity_src_gen.pdbx_host_org_ncbi_taxonomy_id     562 
_entity_src_gen.host_org_genus                     ? 
_entity_src_gen.pdbx_host_org_gene                 ? 
_entity_src_gen.pdbx_host_org_organ                ? 
_entity_src_gen.host_org_species                   ? 
_entity_src_gen.pdbx_host_org_tissue               ? 
_entity_src_gen.pdbx_host_org_tissue_fraction      ? 
_entity_src_gen.pdbx_host_org_strain               Rosetta 
_entity_src_gen.pdbx_host_org_variant              ? 
_entity_src_gen.pdbx_host_org_cell_line            ? 
_entity_src_gen.pdbx_host_org_atcc                 ? 
_entity_src_gen.pdbx_host_org_culture_collection   ? 
_entity_src_gen.pdbx_host_org_cell                 ? 
_entity_src_gen.pdbx_host_org_organelle            ? 
_entity_src_gen.pdbx_host_org_cellular_location    ? 
_entity_src_gen.pdbx_host_org_vector_type          ? 
_entity_src_gen.pdbx_host_org_vector               ? 
_entity_src_gen.host_org_details                   ? 
_entity_src_gen.expression_system_id               ? 
_entity_src_gen.plasmid_name                       ? 
_entity_src_gen.plasmid_details                    ? 
_entity_src_gen.pdbx_description                   ? 
# 
_struct_ref.id                         1 
_struct_ref.db_name                    UNP 
_struct_ref.db_code                    RLF2_YEAST 
_struct_ref.pdbx_db_accession          Q12495 
_struct_ref.pdbx_db_isoform            ? 
_struct_ref.entity_id                  1 
_struct_ref.pdbx_seq_one_letter_code   
;SNFENLSEENKRYLQQLKAEVIIETDGPIDPFKEPKTSSLPSKRSNSDLQAQTASQSQSPEKKQKAMITDPMDLLRLFDG
VQDSTFSLGTVTEIAQKNLPQYNKQTIKNTIKEYAIRSSGKGDLPRKWVIKDAQNWENLRANANMPTPSL
;
_struct_ref.pdbx_align_begin           457 
# 
_struct_ref_seq.align_id                      1 
_struct_ref_seq.ref_id                        1 
_struct_ref_seq.pdbx_PDB_id_code              5JBM 
_struct_ref_seq.pdbx_strand_id                A 
_struct_ref_seq.seq_align_beg                 1 
_struct_ref_seq.pdbx_seq_align_beg_ins_code   ? 
_struct_ref_seq.seq_align_end                 150 
_struct_ref_seq.pdbx_seq_align_end_ins_code   ? 
_struct_ref_seq.pdbx_db_accession             Q12495 
_struct_ref_seq.db_align_beg                  457 
_struct_ref_seq.pdbx_db_align_beg_ins_code    ? 
_struct_ref_seq.db_align_end                  606 
_struct_ref_seq.pdbx_db_align_end_ins_code    ? 
_struct_ref_seq.pdbx_auth_seq_align_beg       457 
_struct_ref_seq.pdbx_auth_seq_align_end       606 
# 
loop_
_chem_comp.id 
_chem_comp.type 
_chem_comp.mon_nstd_flag 
_chem_comp.name 
_chem_comp.pdbx_synonyms 
_chem_comp.formula 
_chem_comp.formula_weight 
ALA 'L-peptide linking' y ALANINE         ? 'C3 H7 N O2'     89.093  
ARG 'L-peptide linking' y ARGININE        ? 'C6 H15 N4 O2 1' 175.209 
ASN 'L-peptide linking' y ASPARAGINE      ? 'C4 H8 N2 O3'    132.118 
ASP 'L-peptide linking' y 'ASPARTIC ACID' ? 'C4 H7 N O4'     133.103 
GLN 'L-peptide linking' y GLUTAMINE       ? 'C5 H10 N2 O3'   146.144 
GLU 'L-peptide linking' y 'GLUTAMIC ACID' ? 'C5 H9 N O4'     147.129 
GLY 'peptide linking'   y GLYCINE         ? 'C2 H5 N O2'     75.067  
HOH non-polymer         . WATER           ? 'H2 O'           18.015  
ILE 'L-peptide linking' y ISOLEUCINE      ? 'C6 H13 N O2'    131.173 
LEU 'L-peptide linking' y LEUCINE         ? 'C6 H13 N O2'    131.173 
LYS 'L-peptide linking' y LYSINE          ? 'C6 H15 N2 O2 1' 147.195 
MET 'L-peptide linking' y METHIONINE      ? 'C5 H11 N O2 S'  149.211 
PHE 'L-peptide linking' y PHENYLALANINE   ? 'C9 H11 N O2'    165.189 
PRO 'L-peptide linking' y PROLINE         ? 'C5 H9 N O2'     115.130 
SER 'L-peptide linking' y SERINE          ? 'C3 H7 N O3'     105.093 
THR 'L-peptide linking' y THREONINE       ? 'C4 H9 N O3'     119.119 
TRP 'L-peptide linking' y TRYPTOPHAN      ? 'C11 H12 N2 O2'  204.225 
TYR 'L-peptide linking' y TYROSINE        ? 'C9 H11 N O3'    181.189 
VAL 'L-peptide linking' y VALINE          ? 'C5 H11 N O2'    117.146 
# 
_exptl.absorpt_coefficient_mu     ? 
_exptl.absorpt_correction_T_max   ? 
_exptl.absorpt_correction_T_min   ? 
_exptl.absorpt_correction_type    ? 
_exptl.absorpt_process_details    ? 
_exptl.entry_id                   5JBM 
_exptl.crystals_number            1 
_exptl.details                    ? 
_exptl.method                     'X-RAY DIFFRACTION' 
_exptl.method_details             ? 
# 
_exptl_crystal.colour                      ? 
_exptl_crystal.density_diffrn              ? 
_exptl_crystal.density_Matthews            2.5 
_exptl_crystal.density_method              ? 
_exptl_crystal.density_percent_sol         50.8 
_exptl_crystal.description                 ? 
_exptl_crystal.F_000                       ? 
_exptl_crystal.id                          1 
_exptl_crystal.preparation                 ? 
_exptl_crystal.size_max                    ? 
_exptl_crystal.size_mid                    ? 
_exptl_crystal.size_min                    ? 
_exptl_crystal.size_rad                    ? 
_exptl_crystal.colour_lustre               ? 
_exptl_crystal.colour_modifier             ? 
_exptl_crystal.colour_primary              ? 
_exptl_crystal.density_meas                ? 
_exptl_crystal.density_meas_esd            ? 
_exptl_crystal.density_meas_gt             ? 
_exptl_crystal.density_meas_lt             ? 
_exptl_crystal.density_meas_temp           ? 
_exptl_crystal.density_meas_temp_esd       ? 
_exptl_crystal.density_meas_temp_gt        ? 
_exptl_crystal.density_meas_temp_lt        ? 
_exptl_crystal.pdbx_crystal_image_url      ? 
_exptl_crystal.pdbx_crystal_image_format   ? 
_exptl_crystal.pdbx_mosaicity              ? 
_exptl_crystal.pdbx_mosaicity_esd          ? 
# 
_exptl_crystal_grow.apparatus       ? 
_exptl_crystal_grow.atmosphere      ? 
_exptl_crystal_grow.crystal_id      1 
_exptl_crystal_grow.details         ? 
_exptl_crystal_grow.method          'VAPOR DIFFUSION, SITTING DROP' 
_exptl_crystal_grow.method_ref      ? 
_exptl_crystal_grow.pH              8.3 
_exptl_crystal_grow.pressure        ? 
_exptl_crystal_grow.pressure_esd    ? 
_exptl_crystal_grow.seeding         ? 
_exptl_crystal_grow.seeding_ref     ? 
_exptl_crystal_grow.temp            291 
_exptl_crystal_grow.temp_details    ? 
_exptl_crystal_grow.temp_esd        ? 
_exptl_crystal_grow.time            ? 
_exptl_crystal_grow.pdbx_details    '0.2 M sodium formate, 14% PEG 3350, 0.1 M Tris, pH 8.3' 
_exptl_crystal_grow.pdbx_pH_range   ? 
# 
_diffrn.ambient_environment    ? 
_diffrn.ambient_temp           100 
_diffrn.ambient_temp_details   Cryo-stream 
_diffrn.ambient_temp_esd       ? 
_diffrn.crystal_id             1 
_diffrn.crystal_support        ? 
_diffrn.crystal_treatment      ? 
_diffrn.details                ? 
_diffrn.id                     1 
_diffrn.ambient_pressure       ? 
_diffrn.ambient_pressure_esd   ? 
_diffrn.ambient_pressure_gt    ? 
_diffrn.ambient_pressure_lt    ? 
_diffrn.ambient_temp_gt        ? 
_diffrn.ambient_temp_lt        ? 
# 
_diffrn_detector.details                      
;Rosenbaum-Rock monochromator 1: high-resolution double-crystal sagittal focusing, Rosenbaum-Rock monochromator 2: double crystal, Rosenbaum-Rock vertical focusing mirror
;
_diffrn_detector.detector                     CMOS 
_diffrn_detector.diffrn_id                    1 
_diffrn_detector.type                         'RDI CMOS_8M' 
_diffrn_detector.area_resol_mean              ? 
_diffrn_detector.dtime                        ? 
_diffrn_detector.pdbx_frames_total            ? 
_diffrn_detector.pdbx_collection_time_total   ? 
_diffrn_detector.pdbx_collection_date         2015-10-10 
# 
_diffrn_radiation.collimation                      ? 
_diffrn_radiation.diffrn_id                        1 
_diffrn_radiation.filter_edge                      ? 
_diffrn_radiation.inhomogeneity                    ? 
_diffrn_radiation.monochromator                    'Double crystal' 
_diffrn_radiation.polarisn_norm                    ? 
_diffrn_radiation.polarisn_ratio                   ? 
_diffrn_radiation.probe                            ? 
_diffrn_radiation.type                             ? 
_diffrn_radiation.xray_symbol                      ? 
_diffrn_radiation.wavelength_id                    1 
_diffrn_radiation.pdbx_monochromatic_or_laue_m_l   M 
_diffrn_radiation.pdbx_wavelength_list             ? 
_diffrn_radiation.pdbx_wavelength                  ? 
_diffrn_radiation.pdbx_diffrn_protocol             'SINGLE WAVELENGTH' 
_diffrn_radiation.pdbx_analyzer                    ? 
_diffrn_radiation.pdbx_scattering_type             x-ray 
# 
_diffrn_radiation_wavelength.id           1 
_diffrn_radiation_wavelength.wavelength   1.0 
_diffrn_radiation_wavelength.wt           1.0 
# 
_diffrn_source.current                     ? 
_diffrn_source.details                     ? 
_diffrn_source.diffrn_id                   1 
_diffrn_source.power                       ? 
_diffrn_source.size                        ? 
_diffrn_source.source                      SYNCHROTRON 
_diffrn_source.target                      ? 
_diffrn_source.type                        'ALS BEAMLINE 4.2.2' 
_diffrn_source.voltage                     ? 
_diffrn_source.take-off_angle              ? 
_diffrn_source.pdbx_wavelength_list        1.0 
_diffrn_source.pdbx_wavelength             ? 
_diffrn_source.pdbx_synchrotron_beamline   4.2.2 
_diffrn_source.pdbx_synchrotron_site       ALS 
# 
_reflns.B_iso_Wilson_estimate            74.8 
_reflns.entry_id                         5JBM 
_reflns.data_reduction_details           ? 
_reflns.data_reduction_method            ? 
_reflns.d_resolution_high                2.9 
_reflns.d_resolution_low                 30 
_reflns.details                          ? 
_reflns.limit_h_max                      ? 
_reflns.limit_h_min                      ? 
_reflns.limit_k_max                      ? 
_reflns.limit_k_min                      ? 
_reflns.limit_l_max                      ? 
_reflns.limit_l_min                      ? 
_reflns.number_all                       ? 
_reflns.number_obs                       4117 
_reflns.observed_criterion               ? 
_reflns.observed_criterion_F_max         ? 
_reflns.observed_criterion_F_min         ? 
_reflns.observed_criterion_I_max         ? 
_reflns.observed_criterion_I_min         ? 
_reflns.observed_criterion_sigma_F       ? 
_reflns.observed_criterion_sigma_I       ? 
_reflns.percent_possible_obs             99.3 
_reflns.R_free_details                   ? 
_reflns.Rmerge_F_all                     ? 
_reflns.Rmerge_F_obs                     ? 
_reflns.Friedel_coverage                 ? 
_reflns.number_gt                        ? 
_reflns.threshold_expression             ? 
_reflns.pdbx_redundancy                  6.42 
_reflns.pdbx_Rmerge_I_obs                .099 
_reflns.pdbx_Rmerge_I_all                ? 
_reflns.pdbx_Rsym_value                  ? 
_reflns.pdbx_netI_over_av_sigmaI         ? 
_reflns.pdbx_netI_over_sigmaI            12.9 
_reflns.pdbx_res_netI_over_av_sigmaI_2   ? 
_reflns.pdbx_res_netI_over_sigmaI_2      ? 
_reflns.pdbx_chi_squared                 ? 
_reflns.pdbx_scaling_rejects             ? 
_reflns.pdbx_d_res_high_opt              ? 
_reflns.pdbx_d_res_low_opt               ? 
_reflns.pdbx_d_res_opt_method            ? 
_reflns.phase_calculation_details        ? 
_reflns.pdbx_Rrim_I_all                  ? 
_reflns.pdbx_Rpim_I_all                  ? 
_reflns.pdbx_d_opt                       ? 
_reflns.pdbx_number_measured_all         ? 
_reflns.pdbx_diffrn_id                   1 
_reflns.pdbx_ordinal                     1 
_reflns.pdbx_CC_half                     ? 
_reflns.pdbx_R_split                     ? 
# 
_reflns_shell.d_res_high                  2.90 
_reflns_shell.d_res_low                   3.01 
_reflns_shell.meanI_over_sigI_all         ? 
_reflns_shell.meanI_over_sigI_obs         1.7 
_reflns_shell.number_measured_all         ? 
_reflns_shell.number_measured_obs         ? 
_reflns_shell.number_possible             ? 
_reflns_shell.number_unique_all           ? 
_reflns_shell.number_unique_obs           ? 
_reflns_shell.percent_possible_all        99.7 
_reflns_shell.percent_possible_obs        ? 
_reflns_shell.Rmerge_F_all                ? 
_reflns_shell.Rmerge_F_obs                ? 
_reflns_shell.Rmerge_I_all                ? 
_reflns_shell.Rmerge_I_obs                0.557 
_reflns_shell.meanI_over_sigI_gt          ? 
_reflns_shell.meanI_over_uI_all           ? 
_reflns_shell.meanI_over_uI_gt            ? 
_reflns_shell.number_measured_gt          ? 
_reflns_shell.number_unique_gt            ? 
_reflns_shell.percent_possible_gt         ? 
_reflns_shell.Rmerge_F_gt                 ? 
_reflns_shell.Rmerge_I_gt                 ? 
_reflns_shell.pdbx_redundancy             6.63 
_reflns_shell.pdbx_Rsym_value             ? 
_reflns_shell.pdbx_chi_squared            ? 
_reflns_shell.pdbx_netI_over_sigmaI_all   ? 
_reflns_shell.pdbx_netI_over_sigmaI_obs   ? 
_reflns_shell.pdbx_Rrim_I_all             ? 
_reflns_shell.pdbx_Rpim_I_all             ? 
_reflns_shell.pdbx_rejects                ? 
_reflns_shell.pdbx_ordinal                1 
_reflns_shell.pdbx_diffrn_id              1 
_reflns_shell.pdbx_CC_half                ? 
_reflns_shell.pdbx_R_split                ? 
# 
_refine.pdbx_refine_id                           'X-RAY DIFFRACTION' 
_refine.entry_id                                 5JBM 
_refine.pdbx_diffrn_id                           1 
_refine.pdbx_TLS_residual_ADP_flag               ? 
_refine.ls_number_reflns_obs                     3698 
_refine.ls_number_reflns_all                     ? 
_refine.pdbx_ls_sigma_I                          ? 
_refine.pdbx_ls_sigma_F                          1.36 
_refine.pdbx_data_cutoff_high_absF               ? 
_refine.pdbx_data_cutoff_low_absF                ? 
_refine.pdbx_data_cutoff_high_rms_absF           ? 
_refine.ls_d_res_low                             29.425 
_refine.ls_d_res_high                            3.000 
_refine.ls_percent_reflns_obs                    97.88 
_refine.ls_R_factor_obs                          0.2374 
_refine.ls_R_factor_all                          ? 
_refine.ls_R_factor_R_work                       0.2331 
_refine.ls_R_factor_R_free                       0.2749 
_refine.ls_R_factor_R_free_error                 ? 
_refine.ls_R_factor_R_free_error_details         ? 
_refine.ls_percent_reflns_R_free                 9.87 
_refine.ls_number_reflns_R_free                  365 
_refine.ls_number_parameters                     ? 
_refine.ls_number_restraints                     ? 
_refine.occupancy_min                            ? 
_refine.occupancy_max                            ? 
_refine.correlation_coeff_Fo_to_Fc               ? 
_refine.correlation_coeff_Fo_to_Fc_free          ? 
_refine.B_iso_mean                               ? 
_refine.aniso_B[1][1]                            ? 
_refine.aniso_B[2][2]                            ? 
_refine.aniso_B[3][3]                            ? 
_refine.aniso_B[1][2]                            ? 
_refine.aniso_B[1][3]                            ? 
_refine.aniso_B[2][3]                            ? 
_refine.solvent_model_details                    'FLAT BULK SOLVENT MODEL' 
_refine.solvent_model_param_ksol                 ? 
_refine.solvent_model_param_bsol                 ? 
_refine.pdbx_solvent_vdw_probe_radii             1.30 
_refine.pdbx_solvent_ion_probe_radii             ? 
_refine.pdbx_solvent_shrinkage_radii             1.10 
_refine.pdbx_ls_cross_valid_method               THROUGHOUT 
_refine.details                                  ? 
_refine.pdbx_starting_model                      5ejo 
_refine.pdbx_method_to_determine_struct          'MOLECULAR REPLACEMENT' 
_refine.pdbx_isotropic_thermal_model             ? 
_refine.pdbx_stereochemistry_target_values       ML 
_refine.pdbx_stereochem_target_val_spec_case     ? 
_refine.pdbx_R_Free_selection_details            1 
_refine.pdbx_overall_ESU_R                       ? 
_refine.pdbx_overall_ESU_R_Free                  ? 
_refine.overall_SU_ML                            0.33 
_refine.pdbx_overall_phase_error                 34.32 
_refine.overall_SU_B                             ? 
_refine.overall_SU_R_Cruickshank_DPI             ? 
_refine.pdbx_overall_SU_R_free_Cruickshank_DPI   ? 
_refine.pdbx_overall_SU_R_Blow_DPI               ? 
_refine.pdbx_overall_SU_R_free_Blow_DPI          ? 
# 
_refine_hist.pdbx_refine_id                   'X-RAY DIFFRACTION' 
_refine_hist.cycle_id                         LAST 
_refine_hist.pdbx_number_atoms_protein        642 
_refine_hist.pdbx_number_atoms_nucleic_acid   0 
_refine_hist.pdbx_number_atoms_ligand         0 
_refine_hist.number_atoms_solvent             1 
_refine_hist.number_atoms_total               643 
_refine_hist.d_res_high                       3.000 
_refine_hist.d_res_low                        29.425 
# 
loop_
_refine_ls_restr.type 
_refine_ls_restr.dev_ideal 
_refine_ls_restr.dev_ideal_target 
_refine_ls_restr.weight 
_refine_ls_restr.number 
_refine_ls_restr.pdbx_refine_id 
_refine_ls_restr.pdbx_restraint_function 
f_bond_d           0.007  ? ? 664 'X-RAY DIFFRACTION' ? 
f_angle_d          0.920  ? ? 897 'X-RAY DIFFRACTION' ? 
f_dihedral_angle_d 12.991 ? ? 411 'X-RAY DIFFRACTION' ? 
f_chiral_restr     0.048  ? ? 100 'X-RAY DIFFRACTION' ? 
f_plane_restr      0.003  ? ? 116 'X-RAY DIFFRACTION' ? 
# 
loop_
_refine_ls_shell.pdbx_refine_id 
_refine_ls_shell.pdbx_total_number_of_bins_used 
_refine_ls_shell.d_res_high 
_refine_ls_shell.d_res_low 
_refine_ls_shell.number_reflns_R_work 
_refine_ls_shell.R_factor_R_work 
_refine_ls_shell.percent_reflns_obs 
_refine_ls_shell.R_factor_R_free 
_refine_ls_shell.R_factor_R_free_error 
_refine_ls_shell.percent_reflns_R_free 
_refine_ls_shell.number_reflns_R_free 
_refine_ls_shell.number_reflns_all 
_refine_ls_shell.R_factor_all 
'X-RAY DIFFRACTION' . 3.0001 3.4337  1053 0.3394 96.00 0.3819 . . 106 . . 
'X-RAY DIFFRACTION' . 3.4337 4.3239  1090 0.2497 98.00 0.3290 . . 124 . . 
'X-RAY DIFFRACTION' . 4.3239 29.4266 1190 0.2035 99.00 0.2334 . . 135 . . 
# 
_struct.entry_id                     5JBM 
_struct.title                        'Crystal structgure of Cac1 C-terminus' 
_struct.pdbx_model_details           ? 
_struct.pdbx_formula_weight          ? 
_struct.pdbx_formula_weight_method   ? 
_struct.pdbx_model_type_details      ? 
_struct.pdbx_CASP_flag               N 
# 
_struct_keywords.entry_id        5JBM 
_struct_keywords.text            'nucleosome assembly, histone chaperone, CAF-1, CHAPERONE' 
_struct_keywords.pdbx_keywords   CHAPERONE 
# 
loop_
_struct_asym.id 
_struct_asym.pdbx_blank_PDB_chainid_flag 
_struct_asym.pdbx_modified 
_struct_asym.entity_id 
_struct_asym.details 
A N N 1 ? 
B N N 2 ? 
# 
_struct_biol.details                      
'Size-exclusion chromatography Fluorescence anisotropy Dimer is destabilized in stringent buffers' 
_struct_biol.id                           1 
_struct_biol.pdbx_parent_biol_id          ? 
_struct_biol.pdbx_formula_weight          ? 
_struct_biol.pdbx_formula_weight_method   ? 
_struct_biol.pdbx_aggregation_state       ? 
_struct_biol.pdbx_assembly_method         ? 
# 
loop_
_struct_conf.conf_type_id 
_struct_conf.id 
_struct_conf.pdbx_PDB_helix_id 
_struct_conf.beg_label_comp_id 
_struct_conf.beg_label_asym_id 
_struct_conf.beg_label_seq_id 
_struct_conf.pdbx_beg_PDB_ins_code 
_struct_conf.end_label_comp_id 
_struct_conf.end_label_asym_id 
_struct_conf.end_label_seq_id 
_struct_conf.pdbx_end_PDB_ins_code 
_struct_conf.beg_auth_comp_id 
_struct_conf.beg_auth_asym_id 
_struct_conf.beg_auth_seq_id 
_struct_conf.end_auth_comp_id 
_struct_conf.end_auth_asym_id 
_struct_conf.end_auth_seq_id 
_struct_conf.pdbx_PDB_helix_class 
_struct_conf.details 
_struct_conf.pdbx_PDB_helix_length 
HELX_P HELX_P1 AA1 ASP A 70  ? GLN A 82  ? ASP A 526 GLN A 538 1 ? 13 
HELX_P HELX_P2 AA2 SER A 87  ? LEU A 99  ? SER A 543 LEU A 555 1 ? 13 
HELX_P HELX_P3 AA3 ASN A 103 ? TYR A 114 ? ASN A 559 TYR A 570 1 ? 12 
HELX_P HELX_P4 AA4 ASP A 132 ? ALA A 143 ? ASP A 588 ALA A 599 1 ? 12 
# 
_struct_conf_type.id          HELX_P 
_struct_conf_type.criteria    ? 
_struct_conf_type.reference   ? 
# 
_struct_mon_prot_cis.pdbx_id                1 
_struct_mon_prot_cis.label_comp_id          ASP 
_struct_mon_prot_cis.label_seq_id           123 
_struct_mon_prot_cis.label_asym_id          A 
_struct_mon_prot_cis.label_alt_id           . 
_struct_mon_prot_cis.pdbx_PDB_ins_code      ? 
_struct_mon_prot_cis.auth_comp_id           ASP 
_struct_mon_prot_cis.auth_seq_id            579 
_struct_mon_prot_cis.auth_asym_id           A 
_struct_mon_prot_cis.pdbx_label_comp_id_2   LEU 
_struct_mon_prot_cis.pdbx_label_seq_id_2    124 
_struct_mon_prot_cis.pdbx_label_asym_id_2   A 
_struct_mon_prot_cis.pdbx_PDB_ins_code_2    ? 
_struct_mon_prot_cis.pdbx_auth_comp_id_2    LEU 
_struct_mon_prot_cis.pdbx_auth_seq_id_2     580 
_struct_mon_prot_cis.pdbx_auth_asym_id_2    A 
_struct_mon_prot_cis.pdbx_PDB_model_num     1 
_struct_mon_prot_cis.pdbx_omega_angle       -5.20 
# 
_struct_sheet.id               AA1 
_struct_sheet.type             ? 
_struct_sheet.number_strands   2 
_struct_sheet.details          ? 
# 
_struct_sheet_order.sheet_id     AA1 
_struct_sheet_order.range_id_1   1 
_struct_sheet_order.range_id_2   2 
_struct_sheet_order.offset       ? 
_struct_sheet_order.sense        anti-parallel 
# 
loop_
_struct_sheet_range.sheet_id 
_struct_sheet_range.id 
_struct_sheet_range.beg_label_comp_id 
_struct_sheet_range.beg_label_asym_id 
_struct_sheet_range.beg_label_seq_id 
_struct_sheet_range.pdbx_beg_PDB_ins_code 
_struct_sheet_range.end_label_comp_id 
_struct_sheet_range.end_label_asym_id 
_struct_sheet_range.end_label_seq_id 
_struct_sheet_range.pdbx_end_PDB_ins_code 
_struct_sheet_range.beg_auth_comp_id 
_struct_sheet_range.beg_auth_asym_id 
_struct_sheet_range.beg_auth_seq_id 
_struct_sheet_range.end_auth_comp_id 
_struct_sheet_range.end_auth_asym_id 
_struct_sheet_range.end_auth_seq_id 
AA1 1 ALA A 115 ? ARG A 117 ? ALA A 571 ARG A 573 
AA1 2 TRP A 128 ? ILE A 130 ? TRP A 584 ILE A 586 
# 
_pdbx_struct_sheet_hbond.sheet_id                AA1 
_pdbx_struct_sheet_hbond.range_id_1              1 
_pdbx_struct_sheet_hbond.range_id_2              2 
_pdbx_struct_sheet_hbond.range_1_label_atom_id   N 
_pdbx_struct_sheet_hbond.range_1_label_comp_id   ILE 
_pdbx_struct_sheet_hbond.range_1_label_asym_id   A 
_pdbx_struct_sheet_hbond.range_1_label_seq_id    116 
_pdbx_struct_sheet_hbond.range_1_PDB_ins_code    ? 
_pdbx_struct_sheet_hbond.range_1_auth_atom_id    N 
_pdbx_struct_sheet_hbond.range_1_auth_comp_id    ILE 
_pdbx_struct_sheet_hbond.range_1_auth_asym_id    A 
_pdbx_struct_sheet_hbond.range_1_auth_seq_id     572 
_pdbx_struct_sheet_hbond.range_2_label_atom_id   O 
_pdbx_struct_sheet_hbond.range_2_label_comp_id   VAL 
_pdbx_struct_sheet_hbond.range_2_label_asym_id   A 
_pdbx_struct_sheet_hbond.range_2_label_seq_id    129 
_pdbx_struct_sheet_hbond.range_2_PDB_ins_code    ? 
_pdbx_struct_sheet_hbond.range_2_auth_atom_id    O 
_pdbx_struct_sheet_hbond.range_2_auth_comp_id    VAL 
_pdbx_struct_sheet_hbond.range_2_auth_asym_id    A 
_pdbx_struct_sheet_hbond.range_2_auth_seq_id     585 
# 
_atom_sites.entry_id                    5JBM 
_atom_sites.fract_transf_matrix[1][1]   -0.00136499 
_atom_sites.fract_transf_matrix[1][2]   0.00868549 
_atom_sites.fract_transf_matrix[1][3]   0.01454053 
_atom_sites.fract_transf_matrix[2][1]   0.00996106 
_atom_sites.fract_transf_matrix[2][2]   0.01220979 
_atom_sites.fract_transf_matrix[2][3]   -0.00635818 
_atom_sites.fract_transf_matrix[3][1]   -0.00823249 
_atom_sites.fract_transf_matrix[3][2]   0.00481584 
_atom_sites.fract_transf_matrix[3][3]   -0.00364947 
_atom_sites.fract_transf_vector[1]      -0.375781 
_atom_sites.fract_transf_vector[2]      -0.058848 
_atom_sites.fract_transf_vector[3]      -0.102496 
# 
loop_
_atom_type.symbol 
C 
N 
O 
S 
# 
loop_
_atom_site.group_PDB 
_atom_site.id 
_atom_site.type_symbol 
_atom_site.label_atom_id 
_atom_site.label_alt_id 
_atom_site.label_comp_id 
_atom_site.label_asym_id 
_atom_site.label_entity_id 
_atom_site.label_seq_id 
_atom_site.pdbx_PDB_ins_code 
_atom_site.Cartn_x 
_atom_site.Cartn_y 
_atom_site.Cartn_z 
_atom_site.occupancy 
_atom_site.B_iso_or_equiv 
_atom_site.pdbx_formal_charge 
_atom_site.auth_seq_id 
_atom_site.auth_comp_id 
_atom_site.auth_asym_id 
_atom_site.auth_atom_id 
_atom_site.pdbx_PDB_model_num 
ATOM   1   N N   . GLN A 1 64  ? 16.182  10.670  -3.351  1.00 92.95  ? 520 GLN A N   1 
ATOM   2   C CA  . GLN A 1 64  ? 16.134  9.213   -3.243  1.00 89.07  ? 520 GLN A CA  1 
ATOM   3   C C   . GLN A 1 64  ? 15.548  8.760   -1.900  1.00 91.80  ? 520 GLN A C   1 
ATOM   4   O O   . GLN A 1 64  ? 16.287  8.577   -0.932  1.00 99.45  ? 520 GLN A O   1 
ATOM   5   C CB  . GLN A 1 64  ? 17.534  8.613   -3.426  1.00 91.92  ? 520 GLN A CB  1 
ATOM   6   N N   . LYS A 1 65  ? 14.223  8.586   -1.844  1.00 85.83  ? 521 LYS A N   1 
ATOM   7   C CA  . LYS A 1 65  ? 13.552  8.068   -0.653  1.00 66.88  ? 521 LYS A CA  1 
ATOM   8   C C   . LYS A 1 65  ? 13.361  6.560   -0.798  1.00 68.08  ? 521 LYS A C   1 
ATOM   9   O O   . LYS A 1 65  ? 12.888  6.087   -1.836  1.00 78.83  ? 521 LYS A O   1 
ATOM   10  C CB  . LYS A 1 65  ? 12.209  8.776   -0.421  1.00 73.33  ? 521 LYS A CB  1 
ATOM   11  C CG  . LYS A 1 65  ? 11.157  8.664   -1.540  1.00 85.00  ? 521 LYS A CG  1 
ATOM   12  C CD  . LYS A 1 65  ? 9.768   9.149   -1.059  1.00 84.40  ? 521 LYS A CD  1 
ATOM   13  C CE  . LYS A 1 65  ? 8.627   8.764   -2.031  1.00 84.01  ? 521 LYS A CE  1 
ATOM   14  N NZ  . LYS A 1 65  ? 7.237   8.989   -1.492  1.00 70.77  ? 521 LYS A NZ  1 
ATOM   15  N N   . ALA A 1 66  ? 13.739  5.809   0.237   1.00 55.28  ? 522 ALA A N   1 
ATOM   16  C CA  . ALA A 1 66  ? 13.852  4.357   0.123   1.00 52.12  ? 522 ALA A CA  1 
ATOM   17  C C   . ALA A 1 66  ? 12.484  3.688   0.171   1.00 43.48  ? 522 ALA A C   1 
ATOM   18  O O   . ALA A 1 66  ? 11.664  3.985   1.047   1.00 37.80  ? 522 ALA A O   1 
ATOM   19  C CB  . ALA A 1 66  ? 14.735  3.810   1.237   1.00 44.03  ? 522 ALA A CB  1 
ATOM   20  N N   . MET A 1 67  ? 12.250  2.752   -0.750  1.00 33.33  ? 523 MET A N   1 
ATOM   21  C CA  . MET A 1 67  ? 10.935  2.144   -0.896  1.00 35.08  ? 523 MET A CA  1 
ATOM   22  C C   . MET A 1 67  ? 11.041  0.637   -1.091  1.00 47.60  ? 523 MET A C   1 
ATOM   23  O O   . MET A 1 67  ? 12.119  0.086   -1.319  1.00 44.77  ? 523 MET A O   1 
ATOM   24  C CB  . MET A 1 67  ? 10.173  2.758   -2.069  1.00 54.64  ? 523 MET A CB  1 
ATOM   25  C CG  . MET A 1 67  ? 9.228   3.871   -1.686  1.00 39.40  ? 523 MET A CG  1 
ATOM   26  S SD  . MET A 1 67  ? 8.845   4.857   -3.140  1.00 49.11  ? 523 MET A SD  1 
ATOM   27  C CE  . MET A 1 67  ? 9.049   3.636   -4.452  1.00 49.60  ? 523 MET A CE  1 
ATOM   28  N N   . ILE A 1 68  ? 9.885   -0.027  -0.994  1.00 19.57  ? 524 ILE A N   1 
ATOM   29  C CA  . ILE A 1 68  ? 9.785   -1.433  -1.352  1.00 18.23  ? 524 ILE A CA  1 
ATOM   30  C C   . ILE A 1 68  ? 9.884   -1.565  -2.861  1.00 27.44  ? 524 ILE A C   1 
ATOM   31  O O   . ILE A 1 68  ? 9.283   -0.782  -3.609  1.00 34.12  ? 524 ILE A O   1 
ATOM   32  C CB  . ILE A 1 68  ? 8.467   -2.042  -0.846  1.00 27.28  ? 524 ILE A CB  1 
ATOM   33  C CG1 . ILE A 1 68  ? 8.354   -1.907  0.664   1.00 27.05  ? 524 ILE A CG1 1 
ATOM   34  C CG2 . ILE A 1 68  ? 8.361   -3.514  -1.251  1.00 26.18  ? 524 ILE A CG2 1 
ATOM   35  C CD1 . ILE A 1 68  ? 7.176   -2.648  1.234   1.00 21.23  ? 524 ILE A CD1 1 
ATOM   36  N N   . THR A 1 69  ? 10.634  -2.568  -3.320  1.00 28.50  ? 525 THR A N   1 
ATOM   37  C CA  . THR A 1 69  ? 10.785  -2.768  -4.752  1.00 39.79  ? 525 THR A CA  1 
ATOM   38  C C   . THR A 1 69  ? 10.499  -4.205  -5.162  1.00 35.63  ? 525 THR A C   1 
ATOM   39  O O   . THR A 1 69  ? 10.120  -4.447  -6.311  1.00 33.43  ? 525 THR A O   1 
ATOM   40  C CB  . THR A 1 69  ? 12.181  -2.363  -5.189  1.00 43.56  ? 525 THR A CB  1 
ATOM   41  O OG1 . THR A 1 69  ? 13.122  -2.989  -4.323  1.00 29.60  ? 525 THR A OG1 1 
ATOM   42  C CG2 . THR A 1 69  ? 12.343  -0.869  -5.080  1.00 45.97  ? 525 THR A CG2 1 
ATOM   43  N N   . ASP A 1 70  ? 10.668  -5.161  -4.257  1.00 37.93  ? 526 ASP A N   1 
ATOM   44  C CA  . ASP A 1 70  ? 10.337  -6.533  -4.614  1.00 45.40  ? 526 ASP A CA  1 
ATOM   45  C C   . ASP A 1 70  ? 8.877   -6.600  -5.035  1.00 33.24  ? 526 ASP A C   1 
ATOM   46  O O   . ASP A 1 70  ? 7.989   -6.331  -4.207  1.00 30.75  ? 526 ASP A O   1 
ATOM   47  C CB  . ASP A 1 70  ? 10.573  -7.502  -3.466  1.00 42.13  ? 526 ASP A CB  1 
ATOM   48  C CG  . ASP A 1 70  ? 10.254  -8.942  -3.851  1.00 33.94  ? 526 ASP A CG  1 
ATOM   49  O OD1 . ASP A 1 70  ? 10.394  -9.277  -5.045  1.00 39.75  ? 526 ASP A OD1 1 
ATOM   50  O OD2 . ASP A 1 70  ? 9.864   -9.740  -2.970  1.00 40.88  ? 526 ASP A OD2 1 
ATOM   51  N N   . PRO A 1 71  ? 8.579   -6.940  -6.296  1.00 30.61  ? 527 PRO A N   1 
ATOM   52  C CA  . PRO A 1 71  ? 7.173   -6.972  -6.731  1.00 32.61  ? 527 PRO A CA  1 
ATOM   53  C C   . PRO A 1 71  ? 6.284   -7.802  -5.825  1.00 39.22  ? 527 PRO A C   1 
ATOM   54  O O   . PRO A 1 71  ? 5.237   -7.312  -5.381  1.00 31.67  ? 527 PRO A O   1 
ATOM   55  C CB  . PRO A 1 71  ? 7.267   -7.553  -8.146  1.00 35.99  ? 527 PRO A CB  1 
ATOM   56  C CG  . PRO A 1 71  ? 8.651   -7.208  -8.599  1.00 42.12  ? 527 PRO A CG  1 
ATOM   57  C CD  . PRO A 1 71  ? 9.510   -7.279  -7.385  1.00 32.52  ? 527 PRO A CD  1 
ATOM   58  N N   . MET A 1 72  ? 6.689   -9.039  -5.514  1.00 38.21  ? 528 MET A N   1 
ATOM   59  C CA  . MET A 1 72  ? 5.888   -9.881  -4.631  1.00 33.75  ? 528 MET A CA  1 
ATOM   60  C C   . MET A 1 72  ? 5.631   -9.208  -3.296  1.00 43.26  ? 528 MET A C   1 
ATOM   61  O O   . MET A 1 72  ? 4.570   -9.401  -2.696  1.00 48.08  ? 528 MET A O   1 
ATOM   62  C CB  . MET A 1 72  ? 6.574   -11.229 -4.409  1.00 52.63  ? 528 MET A CB  1 
ATOM   63  C CG  . MET A 1 72  ? 6.437   -12.205 -5.567  1.00 44.70  ? 528 MET A CG  1 
ATOM   64  S SD  . MET A 1 72  ? 4.710   -12.546 -5.994  1.00 58.77  ? 528 MET A SD  1 
ATOM   65  C CE  . MET A 1 72  ? 4.017   -12.920 -4.378  1.00 56.98  ? 528 MET A CE  1 
ATOM   66  N N   . ASP A 1 73  ? 6.584   -8.415  -2.818  1.00 53.42  ? 529 ASP A N   1 
ATOM   67  C CA  . ASP A 1 73  ? 6.338   -7.653  -1.605  1.00 35.87  ? 529 ASP A CA  1 
ATOM   68  C C   . ASP A 1 73  ? 5.347   -6.523  -1.863  1.00 51.03  ? 529 ASP A C   1 
ATOM   69  O O   . ASP A 1 73  ? 4.436   -6.291  -1.057  1.00 39.56  ? 529 ASP A O   1 
ATOM   70  C CB  . ASP A 1 73  ? 7.660   -7.124  -1.049  1.00 46.00  ? 529 ASP A CB  1 
ATOM   71  C CG  . ASP A 1 73  ? 8.405   -8.167  -0.227  1.00 50.82  ? 529 ASP A CG  1 
ATOM   72  O OD1 . ASP A 1 73  ? 7.979   -9.347  -0.219  1.00 44.23  ? 529 ASP A OD1 1 
ATOM   73  O OD2 . ASP A 1 73  ? 9.417   -7.808  0.412   1.00 42.11  ? 529 ASP A OD2 1 
ATOM   74  N N   . LEU A 1 74  ? 5.493   -5.822  -2.989  1.00 28.33  ? 530 LEU A N   1 
ATOM   75  C CA  . LEU A 1 74  ? 4.525   -4.791  -3.353  1.00 28.07  ? 530 LEU A CA  1 
ATOM   76  C C   . LEU A 1 74  ? 3.114   -5.354  -3.413  1.00 25.99  ? 530 LEU A C   1 
ATOM   77  O O   . LEU A 1 74  ? 2.170   -4.760  -2.881  1.00 31.04  ? 530 LEU A O   1 
ATOM   78  C CB  . LEU A 1 74  ? 4.905   -4.167  -4.688  1.00 29.30  ? 530 LEU A CB  1 
ATOM   79  C CG  . LEU A 1 74  ? 5.925   -3.064  -4.495  1.00 27.99  ? 530 LEU A CG  1 
ATOM   80  C CD1 . LEU A 1 74  ? 6.022   -2.214  -5.732  1.00 32.99  ? 530 LEU A CD1 1 
ATOM   81  C CD2 . LEU A 1 74  ? 5.504   -2.235  -3.310  1.00 30.59  ? 530 LEU A CD2 1 
ATOM   82  N N   . LEU A 1 75  ? 2.948   -6.507  -4.058  1.00 44.53  ? 531 LEU A N   1 
ATOM   83  C CA  . LEU A 1 75  ? 1.633   -7.126  -4.107  1.00 33.64  ? 531 LEU A CA  1 
ATOM   84  C C   . LEU A 1 75  ? 1.100   -7.400  -2.703  1.00 32.12  ? 531 LEU A C   1 
ATOM   85  O O   . LEU A 1 75  ? -0.053  -7.070  -2.397  1.00 42.80  ? 531 LEU A O   1 
ATOM   86  C CB  . LEU A 1 75  ? 1.690   -8.402  -4.937  1.00 38.09  ? 531 LEU A CB  1 
ATOM   87  C CG  . LEU A 1 75  ? 1.810   -8.125  -6.432  1.00 40.30  ? 531 LEU A CG  1 
ATOM   88  C CD1 . LEU A 1 75  ? 2.069   -9.413  -7.196  1.00 51.64  ? 531 LEU A CD1 1 
ATOM   89  C CD2 . LEU A 1 75  ? 0.544   -7.439  -6.934  1.00 53.30  ? 531 LEU A CD2 1 
ATOM   90  N N   A ARG A 1 76  ? 1.932   -7.988  -1.830  0.50 43.02  ? 532 ARG A N   1 
ATOM   91  N N   B ARG A 1 76  ? 1.928   -7.995  -1.831  0.50 35.36  ? 532 ARG A N   1 
ATOM   92  C CA  A ARG A 1 76  ? 1.487   -8.257  -0.461  0.50 44.05  ? 532 ARG A CA  1 
ATOM   93  C CA  B ARG A 1 76  ? 1.479   -8.253  -0.464  0.50 40.80  ? 532 ARG A CA  1 
ATOM   94  C C   A ARG A 1 76  ? 1.134   -6.971  0.274   0.50 43.91  ? 532 ARG A C   1 
ATOM   95  C C   B ARG A 1 76  ? 1.099   -6.958  0.242   0.50 35.37  ? 532 ARG A C   1 
ATOM   96  O O   A ARG A 1 76  ? 0.228   -6.961  1.119   0.50 32.89  ? 532 ARG A O   1 
ATOM   97  O O   B ARG A 1 76  ? 0.142   -6.922  1.028   0.50 42.83  ? 532 ARG A O   1 
ATOM   98  C CB  A ARG A 1 76  ? 2.559   -9.030  0.305   0.50 39.74  ? 532 ARG A CB  1 
ATOM   99  C CB  B ARG A 1 76  ? 2.552   -8.993  0.326   0.50 34.63  ? 532 ARG A CB  1 
ATOM   100 C CG  A ARG A 1 76  ? 2.832   -10.418 -0.251  0.50 47.23  ? 532 ARG A CG  1 
ATOM   101 C CG  B ARG A 1 76  ? 2.188   -9.178  1.795   0.50 29.74  ? 532 ARG A CG  1 
ATOM   102 C CD  A ARG A 1 76  ? 3.669   -11.263 0.701   0.50 40.45  ? 532 ARG A CD  1 
ATOM   103 C CD  B ARG A 1 76  ? 3.203   -10.035 2.532   0.50 26.74  ? 532 ARG A CD  1 
ATOM   104 N NE  A ARG A 1 76  ? 4.140   -12.478 0.048   0.50 43.30  ? 532 ARG A NE  1 
ATOM   105 N NE  B ARG A 1 76  ? 3.100   -11.439 2.162   0.50 39.06  ? 532 ARG A NE  1 
ATOM   106 C CZ  A ARG A 1 76  ? 5.322   -12.590 -0.545  0.50 33.79  ? 532 ARG A CZ  1 
ATOM   107 C CZ  B ARG A 1 76  ? 2.255   -12.284 2.735   0.50 45.94  ? 532 ARG A CZ  1 
ATOM   108 N NH1 A ARG A 1 76  ? 6.157   -11.561 -0.555  0.50 29.38  ? 532 ARG A NH1 1 
ATOM   109 N NH1 B ARG A 1 76  ? 1.450   -11.860 3.698   0.50 34.21  ? 532 ARG A NH1 1 
ATOM   110 N NH2 A ARG A 1 76  ? 5.676   -13.730 -1.121  0.50 38.94  ? 532 ARG A NH2 1 
ATOM   111 N NH2 B ARG A 1 76  ? 2.215   -13.547 2.344   0.50 39.31  ? 532 ARG A NH2 1 
ATOM   112 N N   . LEU A 1 77  ? 1.831   -5.879  -0.038  1.00 22.64  ? 533 LEU A N   1 
ATOM   113 C CA  . LEU A 1 77  ? 1.473   -4.581  0.514   1.00 25.82  ? 533 LEU A CA  1 
ATOM   114 C C   . LEU A 1 77  ? 0.113   -4.140  0.005   1.00 36.66  ? 533 LEU A C   1 
ATOM   115 O O   . LEU A 1 77  ? -0.779  -3.807  0.793   1.00 29.83  ? 533 LEU A O   1 
ATOM   116 C CB  . LEU A 1 77  ? 2.541   -3.557  0.144   1.00 29.84  ? 533 LEU A CB  1 
ATOM   117 C CG  . LEU A 1 77  ? 2.265   -2.128  0.581   1.00 22.64  ? 533 LEU A CG  1 
ATOM   118 C CD1 . LEU A 1 77  ? 2.141   -2.075  2.079   1.00 24.50  ? 533 LEU A CD1 1 
ATOM   119 C CD2 . LEU A 1 77  ? 3.377   -1.216  0.107   1.00 18.86  ? 533 LEU A CD2 1 
ATOM   120 N N   . PHE A 1 78  ? -0.071  -4.161  -1.315  1.00 23.74  ? 534 PHE A N   1 
ATOM   121 C CA  . PHE A 1 78  ? -1.296  -3.632  -1.904  1.00 26.24  ? 534 PHE A CA  1 
ATOM   122 C C   . PHE A 1 78  ? -2.524  -4.338  -1.352  1.00 27.49  ? 534 PHE A C   1 
ATOM   123 O O   . PHE A 1 78  ? -3.439  -3.689  -0.843  1.00 27.83  ? 534 PHE A O   1 
ATOM   124 C CB  . PHE A 1 78  ? -1.250  -3.746  -3.425  1.00 28.97  ? 534 PHE A CB  1 
ATOM   125 C CG  . PHE A 1 78  ? -0.239  -2.850  -4.061  1.00 28.42  ? 534 PHE A CG  1 
ATOM   126 C CD1 . PHE A 1 78  ? 0.417   -1.896  -3.317  1.00 25.84  ? 534 PHE A CD1 1 
ATOM   127 C CD2 . PHE A 1 78  ? 0.050   -2.956  -5.408  1.00 30.79  ? 534 PHE A CD2 1 
ATOM   128 C CE1 . PHE A 1 78  ? 1.346   -1.058  -3.900  1.00 25.62  ? 534 PHE A CE1 1 
ATOM   129 C CE2 . PHE A 1 78  ? 0.987   -2.124  -6.000  1.00 30.58  ? 534 PHE A CE2 1 
ATOM   130 C CZ  . PHE A 1 78  ? 1.631   -1.171  -5.244  1.00 27.99  ? 534 PHE A CZ  1 
ATOM   131 N N   . ASP A 1 79  ? -2.545  -5.672  -1.397  1.00 46.31  ? 535 ASP A N   1 
ATOM   132 C CA  . ASP A 1 79  ? -3.698  -6.416  -0.897  1.00 47.92  ? 535 ASP A CA  1 
ATOM   133 C C   . ASP A 1 79  ? -4.048  -6.072  0.550   1.00 56.84  ? 535 ASP A C   1 
ATOM   134 O O   . ASP A 1 79  ? -5.067  -6.550  1.053   1.00 63.09  ? 535 ASP A O   1 
ATOM   135 C CB  . ASP A 1 79  ? -3.454  -7.929  -1.010  1.00 46.68  ? 535 ASP A CB  1 
ATOM   136 C CG  . ASP A 1 79  ? -3.057  -8.368  -2.420  1.00 51.39  ? 535 ASP A CG  1 
ATOM   137 O OD1 . ASP A 1 79  ? -2.639  -7.508  -3.223  1.00 66.05  ? 535 ASP A OD1 1 
ATOM   138 O OD2 . ASP A 1 79  ? -3.149  -9.581  -2.726  1.00 62.84  ? 535 ASP A OD2 1 
ATOM   139 N N   . GLY A 1 80  ? -3.236  -5.268  1.230   1.00 49.49  ? 536 GLY A N   1 
ATOM   140 C CA  . GLY A 1 80  ? -3.522  -4.901  2.599   1.00 30.87  ? 536 GLY A CA  1 
ATOM   141 C C   . GLY A 1 80  ? -3.755  -3.416  2.753   1.00 32.92  ? 536 GLY A C   1 
ATOM   142 O O   . GLY A 1 80  ? -4.368  -2.972  3.730   1.00 37.60  ? 536 GLY A O   1 
ATOM   143 N N   . VAL A 1 81  ? -3.266  -2.628  1.793   1.00 34.17  ? 537 VAL A N   1 
ATOM   144 C CA  . VAL A 1 81  ? -3.598  -1.207  1.767   1.00 41.15  ? 537 VAL A CA  1 
ATOM   145 C C   . VAL A 1 81  ? -4.957  -0.984  1.124   1.00 44.33  ? 537 VAL A C   1 
ATOM   146 O O   . VAL A 1 81  ? -5.839  -0.358  1.720   1.00 41.23  ? 537 VAL A O   1 
ATOM   147 C CB  . VAL A 1 81  ? -2.498  -0.411  1.046   1.00 30.17  ? 537 VAL A CB  1 
ATOM   148 C CG1 . VAL A 1 81  ? -3.062  0.870   0.437   1.00 41.93  ? 537 VAL A CG1 1 
ATOM   149 C CG2 . VAL A 1 81  ? -1.388  -0.086  2.024   1.00 24.61  ? 537 VAL A CG2 1 
ATOM   150 N N   . GLN A 1 82  ? -5.140  -1.492  -0.095  1.00 32.39  ? 538 GLN A N   1 
ATOM   151 C CA  . GLN A 1 82  ? -6.375  -1.294  -0.836  1.00 52.13  ? 538 GLN A CA  1 
ATOM   152 C C   . GLN A 1 82  ? -7.570  -1.605  0.039   1.00 36.66  ? 538 GLN A C   1 
ATOM   153 O O   . GLN A 1 82  ? -7.647  -2.687  0.631   1.00 38.86  ? 538 GLN A O   1 
ATOM   154 C CB  . GLN A 1 82  ? -6.390  -2.181  -2.079  1.00 48.82  ? 538 GLN A CB  1 
ATOM   155 C CG  . GLN A 1 82  ? -7.645  -2.020  -2.922  1.00 45.58  ? 538 GLN A CG  1 
ATOM   156 C CD  . GLN A 1 82  ? -7.749  -0.645  -3.565  1.00 51.16  ? 538 GLN A CD  1 
ATOM   157 O OE1 . GLN A 1 82  ? -6.773  -0.119  -4.112  1.00 52.44  ? 538 GLN A OE1 1 
ATOM   158 N NE2 . GLN A 1 82  ? -8.935  -0.052  -3.496  1.00 59.86  ? 538 GLN A NE2 1 
ATOM   159 N N   . ASP A 1 83  ? -8.464  -0.623  0.153   1.00 36.36  ? 539 ASP A N   1 
ATOM   160 C CA  . ASP A 1 83  ? -9.743  -0.632  0.860   1.00 38.85  ? 539 ASP A CA  1 
ATOM   161 C C   . ASP A 1 83  ? -9.603  -0.469  2.371   1.00 42.39  ? 539 ASP A C   1 
ATOM   162 O O   . ASP A 1 83  ? -10.627 -0.356  3.048   1.00 54.58  ? 539 ASP A O   1 
ATOM   163 C CB  . ASP A 1 83  ? -10.570 -1.896  0.577   1.00 58.26  ? 539 ASP A CB  1 
ATOM   164 C CG  . ASP A 1 83  ? -11.035 -1.975  -0.861  1.00 61.13  ? 539 ASP A CG  1 
ATOM   165 O OD1 . ASP A 1 83  ? -11.273 -0.900  -1.453  1.00 49.83  ? 539 ASP A OD1 1 
ATOM   166 O OD2 . ASP A 1 83  ? -11.164 -3.103  -1.396  1.00 54.49  ? 539 ASP A OD2 1 
ATOM   167 N N   . SER A 1 84  ? -8.396  -0.445  2.924   1.00 38.09  ? 540 SER A N   1 
ATOM   168 C CA  . SER A 1 84  ? -8.254  -0.238  4.356   1.00 42.54  ? 540 SER A CA  1 
ATOM   169 C C   . SER A 1 84  ? -8.809  1.128   4.716   1.00 31.11  ? 540 SER A C   1 
ATOM   170 O O   . SER A 1 84  ? -8.543  2.115   4.026   1.00 42.20  ? 540 SER A O   1 
ATOM   171 C CB  . SER A 1 84  ? -6.784  -0.345  4.772   1.00 32.12  ? 540 SER A CB  1 
ATOM   172 O OG  . SER A 1 84  ? -6.618  -0.210  6.179   1.00 34.91  ? 540 SER A OG  1 
ATOM   173 N N   . THR A 1 85  ? -9.591  1.194   5.784   1.00 41.07  ? 541 THR A N   1 
ATOM   174 C CA  . THR A 1 85  ? -10.088 2.493   6.212   1.00 33.69  ? 541 THR A CA  1 
ATOM   175 C C   . THR A 1 85  ? -9.195  3.139   7.259   1.00 33.96  ? 541 THR A C   1 
ATOM   176 O O   . THR A 1 85  ? -9.363  4.327   7.550   1.00 44.70  ? 541 THR A O   1 
ATOM   177 C CB  . THR A 1 85  ? -11.521 2.369   6.747   1.00 52.63  ? 541 THR A CB  1 
ATOM   178 O OG1 . THR A 1 85  ? -11.505 1.867   8.091   1.00 43.34  ? 541 THR A OG1 1 
ATOM   179 C CG2 . THR A 1 85  ? -12.323 1.421   5.872   1.00 47.89  ? 541 THR A CG2 1 
ATOM   180 N N   . PHE A 1 86  ? -8.238  2.394   7.800   1.00 31.03  ? 542 PHE A N   1 
ATOM   181 C CA  . PHE A 1 86  ? -7.441  2.837   8.930   1.00 31.55  ? 542 PHE A CA  1 
ATOM   182 C C   . PHE A 1 86  ? -6.532  3.995   8.553   1.00 33.85  ? 542 PHE A C   1 
ATOM   183 O O   . PHE A 1 86  ? -6.215  4.219   7.383   1.00 36.43  ? 542 PHE A O   1 
ATOM   184 C CB  . PHE A 1 86  ? -6.585  1.688   9.451   1.00 33.40  ? 542 PHE A CB  1 
ATOM   185 C CG  . PHE A 1 86  ? -7.375  0.504   9.856   1.00 31.29  ? 542 PHE A CG  1 
ATOM   186 C CD1 . PHE A 1 86  ? -8.510  0.662   10.627  1.00 37.74  ? 542 PHE A CD1 1 
ATOM   187 C CD2 . PHE A 1 86  ? -7.008  -0.755  9.446   1.00 34.73  ? 542 PHE A CD2 1 
ATOM   188 C CE1 . PHE A 1 86  ? -9.260  -0.422  10.998  1.00 45.45  ? 542 PHE A CE1 1 
ATOM   189 C CE2 . PHE A 1 86  ? -7.748  -1.846  9.814   1.00 46.93  ? 542 PHE A CE2 1 
ATOM   190 C CZ  . PHE A 1 86  ? -8.881  -1.680  10.592  1.00 38.46  ? 542 PHE A CZ  1 
ATOM   191 N N   . SER A 1 87  ? -6.083  4.714   9.578   1.00 27.26  ? 543 SER A N   1 
ATOM   192 C CA  . SER A 1 87  ? -5.124  5.784   9.382   1.00 24.46  ? 543 SER A CA  1 
ATOM   193 C C   . SER A 1 87  ? -3.880  5.238   8.697   1.00 23.04  ? 543 SER A C   1 
ATOM   194 O O   . SER A 1 87  ? -3.665  4.029   8.622   1.00 24.40  ? 543 SER A O   1 
ATOM   195 C CB  . SER A 1 87  ? -4.748  6.404   10.721  1.00 34.69  ? 543 SER A CB  1 
ATOM   196 O OG  . SER A 1 87  ? -4.183  5.427   11.570  1.00 23.19  ? 543 SER A OG  1 
ATOM   197 N N   . LEU A 1 88  ? -3.045  6.146   8.185   1.00 18.41  ? 544 LEU A N   1 
ATOM   198 C CA  . LEU A 1 88  ? -1.745  5.715   7.676   1.00 25.72  ? 544 LEU A CA  1 
ATOM   199 C C   . LEU A 1 88  ? -0.996  4.921   8.736   1.00 15.92  ? 544 LEU A C   1 
ATOM   200 O O   . LEU A 1 88  ? -0.560  3.791   8.488   1.00 27.48  ? 544 LEU A O   1 
ATOM   201 C CB  . LEU A 1 88  ? -0.918  6.915   7.215   1.00 16.64  ? 544 LEU A CB  1 
ATOM   202 C CG  . LEU A 1 88  ? 0.448   6.639   6.586   1.00 18.86  ? 544 LEU A CG  1 
ATOM   203 C CD1 . LEU A 1 88  ? 0.370   5.465   5.640   1.00 15.80  ? 544 LEU A CD1 1 
ATOM   204 C CD2 . LEU A 1 88  ? 0.952   7.870   5.849   1.00 16.61  ? 544 LEU A CD2 1 
ATOM   205 N N   . GLY A 1 89  ? -0.877  5.483   9.938   1.00 33.24  ? 545 GLY A N   1 
ATOM   206 C CA  . GLY A 1 89  ? -0.143  4.835   11.009  1.00 25.04  ? 545 GLY A CA  1 
ATOM   207 C C   . GLY A 1 89  ? -0.511  3.377   11.170  1.00 41.19  ? 545 GLY A C   1 
ATOM   208 O O   . GLY A 1 89  ? 0.345   2.496   11.051  1.00 39.06  ? 545 GLY A O   1 
ATOM   209 N N   . THR A 1 90  ? -1.801  3.116   11.393  1.00 21.08  ? 546 THR A N   1 
ATOM   210 C CA  . THR A 1 90  ? -2.271  1.745   11.542  1.00 25.15  ? 546 THR A CA  1 
ATOM   211 C C   . THR A 1 90  ? -2.002  0.930   10.290  1.00 30.83  ? 546 THR A C   1 
ATOM   212 O O   . THR A 1 90  ? -1.665  -0.256  10.371  1.00 30.59  ? 546 THR A O   1 
ATOM   213 C CB  . THR A 1 90  ? -3.762  1.741   11.865  1.00 37.58  ? 546 THR A CB  1 
ATOM   214 O OG1 . THR A 1 90  ? -3.952  2.235   13.191  1.00 23.44  ? 546 THR A OG1 1 
ATOM   215 C CG2 . THR A 1 90  ? -4.322  0.347   11.781  1.00 39.75  ? 546 THR A CG2 1 
ATOM   216 N N   . VAL A 1 91  ? -2.137  1.547   9.121   1.00 16.35  ? 547 VAL A N   1 
ATOM   217 C CA  . VAL A 1 91  ? -2.009  0.791   7.882   1.00 16.54  ? 547 VAL A CA  1 
ATOM   218 C C   . VAL A 1 91  ? -0.566  0.355   7.672   1.00 15.10  ? 547 VAL A C   1 
ATOM   219 O O   . VAL A 1 91  ? -0.298  -0.745  7.164   1.00 20.53  ? 547 VAL A O   1 
ATOM   220 C CB  . VAL A 1 91  ? -2.550  1.624   6.709   1.00 24.46  ? 547 VAL A CB  1 
ATOM   221 C CG1 . VAL A 1 91  ? -1.961  1.183   5.402   1.00 21.30  ? 547 VAL A CG1 1 
ATOM   222 C CG2 . VAL A 1 91  ? -4.046  1.472   6.664   1.00 19.60  ? 547 VAL A CG2 1 
ATOM   223 N N   . THR A 1 92  ? 0.383   1.201   8.083   1.00 19.72  ? 548 THR A N   1 
ATOM   224 C CA  . THR A 1 92  ? 1.793   0.851   8.118   1.00 26.04  ? 548 THR A CA  1 
ATOM   225 C C   . THR A 1 92  ? 2.024   -0.328  9.058   1.00 29.73  ? 548 THR A C   1 
ATOM   226 O O   . THR A 1 92  ? 2.361   -1.425  8.604   1.00 24.37  ? 548 THR A O   1 
ATOM   227 C CB  . THR A 1 92  ? 2.615   2.053   8.561   1.00 24.74  ? 548 THR A CB  1 
ATOM   228 O OG1 . THR A 1 92  ? 2.407   3.129   7.649   1.00 32.96  ? 548 THR A OG1 1 
ATOM   229 C CG2 . THR A 1 92  ? 4.058   1.706   8.537   1.00 20.19  ? 548 THR A CG2 1 
ATOM   230 N N   . GLU A 1 93  ? 1.819   -0.108  10.364  1.00 28.90  ? 549 GLU A N   1 
ATOM   231 C CA  . GLU A 1 93  ? 1.987   -1.151  11.373  1.00 27.95  ? 549 GLU A CA  1 
ATOM   232 C C   . GLU A 1 93  ? 1.499   -2.500  10.882  1.00 29.11  ? 549 GLU A C   1 
ATOM   233 O O   . GLU A 1 93  ? 2.174   -3.519  11.057  1.00 26.99  ? 549 GLU A O   1 
ATOM   234 C CB  . GLU A 1 93  ? 1.245   -0.777  12.654  1.00 26.96  ? 549 GLU A CB  1 
ATOM   235 C CG  . GLU A 1 93  ? 2.052   0.012   13.656  1.00 31.97  ? 549 GLU A CG  1 
ATOM   236 C CD  . GLU A 1 93  ? 1.570   -0.221  15.079  1.00 22.71  ? 549 GLU A CD  1 
ATOM   237 O OE1 . GLU A 1 93  ? 1.077   0.737   15.719  1.00 23.47  ? 549 GLU A OE1 1 
ATOM   238 O OE2 . GLU A 1 93  ? 1.673   -1.375  15.552  1.00 32.16  ? 549 GLU A OE2 1 
ATOM   239 N N   . ILE A 1 94  ? 0.326   -2.526  10.251  1.00 30.77  ? 550 ILE A N   1 
ATOM   240 C CA  . ILE A 1 94  ? -0.204  -3.794  9.768   1.00 20.80  ? 550 ILE A CA  1 
ATOM   241 C C   . ILE A 1 94  ? 0.668   -4.345  8.651   1.00 27.14  ? 550 ILE A C   1 
ATOM   242 O O   . ILE A 1 94  ? 0.935   -5.554  8.588   1.00 25.11  ? 550 ILE A O   1 
ATOM   243 C CB  . ILE A 1 94  ? -1.664  -3.626  9.317   1.00 27.09  ? 550 ILE A CB  1 
ATOM   244 C CG1 . ILE A 1 94  ? -2.552  -3.351  10.529  1.00 34.82  ? 550 ILE A CG1 1 
ATOM   245 C CG2 . ILE A 1 94  ? -2.126  -4.862  8.560   1.00 34.03  ? 550 ILE A CG2 1 
ATOM   246 C CD1 . ILE A 1 94  ? -4.018  -3.548  10.255  1.00 34.00  ? 550 ILE A CD1 1 
ATOM   247 N N   . ALA A 1 95  ? 1.125   -3.474  7.753   1.00 31.68  ? 551 ALA A N   1 
ATOM   248 C CA  . ALA A 1 95  ? 1.939   -3.936  6.638   1.00 37.36  ? 551 ALA A CA  1 
ATOM   249 C C   . ALA A 1 95  ? 3.256   -4.499  7.132   1.00 40.47  ? 551 ALA A C   1 
ATOM   250 O O   . ALA A 1 95  ? 3.706   -5.553  6.665   1.00 35.79  ? 551 ALA A O   1 
ATOM   251 C CB  . ALA A 1 95  ? 2.182   -2.795  5.657   1.00 28.94  ? 551 ALA A CB  1 
ATOM   252 N N   . GLN A 1 96  ? 3.880   -3.820  8.094   1.00 40.69  ? 552 GLN A N   1 
ATOM   253 C CA  . GLN A 1 96  ? 5.166   -4.282  8.588   1.00 49.73  ? 552 GLN A CA  1 
ATOM   254 C C   . GLN A 1 96  ? 5.071   -5.693  9.141   1.00 56.38  ? 552 GLN A C   1 
ATOM   255 O O   . GLN A 1 96  ? 5.986   -6.499  8.956   1.00 41.70  ? 552 GLN A O   1 
ATOM   256 C CB  . GLN A 1 96  ? 5.693   -3.329  9.646   1.00 40.05  ? 552 GLN A CB  1 
ATOM   257 C CG  . GLN A 1 96  ? 7.143   -3.577  9.972   1.00 52.53  ? 552 GLN A CG  1 
ATOM   258 C CD  . GLN A 1 96  ? 7.651   -2.597  10.988  1.00 41.98  ? 552 GLN A CD  1 
ATOM   259 O OE1 . GLN A 1 96  ? 6.859   -1.997  11.730  1.00 37.48  ? 552 GLN A OE1 1 
ATOM   260 N NE2 . GLN A 1 96  ? 8.970   -2.399  11.024  1.00 36.34  ? 552 GLN A NE2 1 
ATOM   261 N N   . LYS A 1 97  ? 3.970   -6.015  9.817   1.00 31.40  ? 553 LYS A N   1 
ATOM   262 C CA  . LYS A 1 97  ? 3.778   -7.386  10.262  1.00 38.21  ? 553 LYS A CA  1 
ATOM   263 C C   . LYS A 1 97  ? 3.957   -8.360  9.103   1.00 44.43  ? 553 LYS A C   1 
ATOM   264 O O   . LYS A 1 97  ? 4.731   -9.316  9.197   1.00 32.53  ? 553 LYS A O   1 
ATOM   265 C CB  . LYS A 1 97  ? 2.401   -7.548  10.896  1.00 42.19  ? 553 LYS A CB  1 
ATOM   266 C CG  . LYS A 1 97  ? 2.452   -8.174  12.280  1.00 31.37  ? 553 LYS A CG  1 
ATOM   267 C CD  . LYS A 1 97  ? 1.541   -9.394  12.399  1.00 35.84  ? 553 LYS A CD  1 
ATOM   268 C CE  . LYS A 1 97  ? 1.635   -10.023 13.794  1.00 44.96  ? 553 LYS A CE  1 
ATOM   269 N NZ  . LYS A 1 97  ? 1.305   -9.071  14.905  1.00 41.60  ? 553 LYS A NZ  1 
ATOM   270 N N   . ASN A 1 98  ? 3.282   -8.105  7.982   1.00 48.95  ? 554 ASN A N   1 
ATOM   271 C CA  . ASN A 1 98  ? 3.394   -8.993  6.831   1.00 53.38  ? 554 ASN A CA  1 
ATOM   272 C C   . ASN A 1 98  ? 4.722   -8.862  6.106   1.00 50.35  ? 554 ASN A C   1 
ATOM   273 O O   . ASN A 1 98  ? 5.069   -9.752  5.323   1.00 42.30  ? 554 ASN A O   1 
ATOM   274 C CB  . ASN A 1 98  ? 2.260   -8.723  5.852   1.00 40.36  ? 554 ASN A CB  1 
ATOM   275 C CG  . ASN A 1 98  ? 0.964   -9.342  6.298   1.00 59.17  ? 554 ASN A CG  1 
ATOM   276 O OD1 . ASN A 1 98  ? 0.638   -10.464 5.901   1.00 52.88  ? 554 ASN A OD1 1 
ATOM   277 N ND2 . ASN A 1 98  ? 0.216   -8.628  7.147   1.00 42.07  ? 554 ASN A ND2 1 
ATOM   278 N N   . LEU A 1 99  ? 5.458   -7.775  6.340   1.00 30.23  ? 555 LEU A N   1 
ATOM   279 C CA  . LEU A 1 99  ? 6.740   -7.508  5.683   1.00 45.10  ? 555 LEU A CA  1 
ATOM   280 C C   . LEU A 1 99  ? 7.742   -7.054  6.733   1.00 32.55  ? 555 LEU A C   1 
ATOM   281 O O   . LEU A 1 99  ? 8.114   -5.879  6.787   1.00 44.32  ? 555 LEU A O   1 
ATOM   282 C CB  . LEU A 1 99  ? 6.584   -6.450  4.593   1.00 42.80  ? 555 LEU A CB  1 
ATOM   283 C CG  . LEU A 1 99  ? 5.483   -6.721  3.569   1.00 41.42  ? 555 LEU A CG  1 
ATOM   284 C CD1 . LEU A 1 99  ? 5.195   -5.478  2.758   1.00 36.65  ? 555 LEU A CD1 1 
ATOM   285 C CD2 . LEU A 1 99  ? 5.884   -7.846  2.652   1.00 47.34  ? 555 LEU A CD2 1 
ATOM   286 N N   . PRO A 1 100 ? 8.212   -7.971  7.583   1.00 25.21  ? 556 PRO A N   1 
ATOM   287 C CA  . PRO A 1 100 ? 8.961   -7.543  8.775   1.00 21.76  ? 556 PRO A CA  1 
ATOM   288 C C   . PRO A 1 100 ? 10.338  -7.008  8.472   1.00 27.88  ? 556 PRO A C   1 
ATOM   289 O O   . PRO A 1 100 ? 10.935  -6.363  9.347   1.00 16.36  ? 556 PRO A O   1 
ATOM   290 C CB  . PRO A 1 100 ? 9.043   -8.819  9.617   1.00 26.02  ? 556 PRO A CB  1 
ATOM   291 C CG  . PRO A 1 100 ? 8.052   -9.765  8.985   1.00 19.19  ? 556 PRO A CG  1 
ATOM   292 C CD  . PRO A 1 100 ? 8.041   -9.427  7.547   1.00 31.42  ? 556 PRO A CD  1 
ATOM   293 N N   . GLN A 1 101 ? 10.862  -7.247  7.270   1.00 34.33  ? 557 GLN A N   1 
ATOM   294 C CA  . GLN A 1 101 ? 12.237  -6.858  6.999   1.00 37.96  ? 557 GLN A CA  1 
ATOM   295 C C   . GLN A 1 101 ? 12.371  -5.353  6.857   1.00 22.96  ? 557 GLN A C   1 
ATOM   296 O O   . GLN A 1 101 ? 13.448  -4.807  7.127   1.00 24.46  ? 557 GLN A O   1 
ATOM   297 C CB  . GLN A 1 101 ? 12.769  -7.567  5.749   1.00 27.67  ? 557 GLN A CB  1 
ATOM   298 C CG  . GLN A 1 101 ? 11.974  -7.364  4.459   1.00 36.98  ? 557 GLN A CG  1 
ATOM   299 C CD  . GLN A 1 101 ? 10.814  -8.342  4.293   1.00 43.36  ? 557 GLN A CD  1 
ATOM   300 O OE1 . GLN A 1 101 ? 10.033  -8.557  5.224   1.00 37.78  ? 557 GLN A OE1 1 
ATOM   301 N NE2 . GLN A 1 101 ? 10.695  -8.934  3.101   1.00 28.13  ? 557 GLN A NE2 1 
ATOM   302 N N   . TYR A 1 102 ? 11.306  -4.662  6.462   1.00 11.91  ? 558 TYR A N   1 
ATOM   303 C CA  . TYR A 1 102 ? 11.411  -3.239  6.163   1.00 21.73  ? 558 TYR A CA  1 
ATOM   304 C C   . TYR A 1 102 ? 11.139  -2.423  7.414   1.00 21.16  ? 558 TYR A C   1 
ATOM   305 O O   . TYR A 1 102 ? 10.559  -2.921  8.382   1.00 14.00  ? 558 TYR A O   1 
ATOM   306 C CB  . TYR A 1 102 ? 10.439  -2.840  5.058   1.00 16.53  ? 558 TYR A CB  1 
ATOM   307 C CG  . TYR A 1 102 ? 10.629  -3.601  3.773   1.00 27.58  ? 558 TYR A CG  1 
ATOM   308 C CD1 . TYR A 1 102 ? 11.627  -3.247  2.880   1.00 26.49  ? 558 TYR A CD1 1 
ATOM   309 C CD2 . TYR A 1 102 ? 9.812   -4.670  3.449   1.00 24.00  ? 558 TYR A CD2 1 
ATOM   310 C CE1 . TYR A 1 102 ? 11.810  -3.945  1.698   1.00 18.42  ? 558 TYR A CE1 1 
ATOM   311 C CE2 . TYR A 1 102 ? 9.987   -5.374  2.272   1.00 32.02  ? 558 TYR A CE2 1 
ATOM   312 C CZ  . TYR A 1 102 ? 10.987  -5.007  1.396   1.00 21.31  ? 558 TYR A CZ  1 
ATOM   313 O OH  . TYR A 1 102 ? 11.164  -5.690  0.215   1.00 34.10  ? 558 TYR A OH  1 
ATOM   314 N N   . ASN A 1 103 ? 11.587  -1.168  7.400   1.00 26.58  ? 559 ASN A N   1 
ATOM   315 C CA  . ASN A 1 103 ? 11.353  -0.258  8.512   1.00 38.16  ? 559 ASN A CA  1 
ATOM   316 C C   . ASN A 1 103 ? 10.186  0.631   8.158   1.00 38.05  ? 559 ASN A C   1 
ATOM   317 O O   . ASN A 1 103 ? 9.993   0.959   6.989   1.00 35.00  ? 559 ASN A O   1 
ATOM   318 C CB  . ASN A 1 103 ? 12.573  0.608   8.815   1.00 43.00  ? 559 ASN A CB  1 
ATOM   319 C CG  . ASN A 1 103 ? 12.884  1.570   7.699   1.00 30.08  ? 559 ASN A CG  1 
ATOM   320 O OD1 . ASN A 1 103 ? 12.935  1.177   6.544   1.00 27.78  ? 559 ASN A OD1 1 
ATOM   321 N ND2 . ASN A 1 103 ? 13.094  2.838   8.037   1.00 38.72  ? 559 ASN A ND2 1 
ATOM   322 N N   . LYS A 1 104 ? 9.424   1.035   9.180   1.00 24.47  ? 560 LYS A N   1 
ATOM   323 C CA  . LYS A 1 104 ? 8.133   1.689   8.942   1.00 33.80  ? 560 LYS A CA  1 
ATOM   324 C C   . LYS A 1 104 ? 8.260   2.828   7.938   1.00 25.85  ? 560 LYS A C   1 
ATOM   325 O O   . LYS A 1 104 ? 7.531   2.873   6.948   1.00 25.50  ? 560 LYS A O   1 
ATOM   326 C CB  . LYS A 1 104 ? 7.527   2.190   10.257  1.00 33.05  ? 560 LYS A CB  1 
ATOM   327 C CG  . LYS A 1 104 ? 6.918   1.082   11.130  1.00 39.02  ? 560 LYS A CG  1 
ATOM   328 C CD  . LYS A 1 104 ? 6.234   1.656   12.372  1.00 23.92  ? 560 LYS A CD  1 
ATOM   329 C CE  . LYS A 1 104 ? 6.765   1.035   13.677  1.00 26.90  ? 560 LYS A CE  1 
ATOM   330 N NZ  . LYS A 1 104 ? 6.366   -0.393  13.878  1.00 36.21  ? 560 LYS A NZ  1 
ATOM   331 N N   . GLN A 1 105 ? 9.229   3.718   8.150   1.00 25.77  ? 561 GLN A N   1 
ATOM   332 C CA  . GLN A 1 105 ? 9.453   4.833   7.238   1.00 22.37  ? 561 GLN A CA  1 
ATOM   333 C C   . GLN A 1 105 ? 9.510   4.399   5.784   1.00 25.15  ? 561 GLN A C   1 
ATOM   334 O O   . GLN A 1 105 ? 8.980   5.087   4.907   1.00 30.99  ? 561 GLN A O   1 
ATOM   335 C CB  . GLN A 1 105 ? 10.744  5.554   7.598   1.00 35.33  ? 561 GLN A CB  1 
ATOM   336 C CG  . GLN A 1 105 ? 10.893  6.879   6.896   1.00 28.04  ? 561 GLN A CG  1 
ATOM   337 C CD  . GLN A 1 105 ? 9.699   7.796   7.143   1.00 40.18  ? 561 GLN A CD  1 
ATOM   338 O OE1 . GLN A 1 105 ? 9.081   7.778   8.220   1.00 37.59  ? 561 GLN A OE1 1 
ATOM   339 N NE2 . GLN A 1 105 ? 9.358   8.597   6.136   1.00 29.08  ? 561 GLN A NE2 1 
ATOM   340 N N   . THR A 1 106 ? 10.161  3.276   5.494   1.00 28.00  ? 562 THR A N   1 
ATOM   341 C CA  . THR A 1 106 ? 10.179  2.807   4.113   1.00 30.73  ? 562 THR A CA  1 
ATOM   342 C C   . THR A 1 106 ? 8.789   2.399   3.666   1.00 28.31  ? 562 THR A C   1 
ATOM   343 O O   . THR A 1 106 ? 8.356   2.734   2.559   1.00 33.35  ? 562 THR A O   1 
ATOM   344 C CB  . THR A 1 106 ? 11.141  1.639   3.954   1.00 24.53  ? 562 THR A CB  1 
ATOM   345 O OG1 . THR A 1 106 ? 12.488  2.123   4.014   1.00 17.84  ? 562 THR A OG1 1 
ATOM   346 C CG2 . THR A 1 106 ? 10.896  0.937   2.616   1.00 16.34  ? 562 THR A CG2 1 
ATOM   347 N N   . ILE A 1 107 ? 8.077   1.662   4.513   1.00 26.87  ? 563 ILE A N   1 
ATOM   348 C CA  . ILE A 1 107 ? 6.703   1.298   4.196   1.00 29.35  ? 563 ILE A CA  1 
ATOM   349 C C   . ILE A 1 107 ? 5.862   2.548   3.989   1.00 19.48  ? 563 ILE A C   1 
ATOM   350 O O   . ILE A 1 107 ? 5.166   2.682   2.979   1.00 25.89  ? 563 ILE A O   1 
ATOM   351 C CB  . ILE A 1 107 ? 6.119   0.415   5.303   1.00 25.23  ? 563 ILE A CB  1 
ATOM   352 C CG1 . ILE A 1 107 ? 6.881   -0.902  5.370   1.00 21.74  ? 563 ILE A CG1 1 
ATOM   353 C CG2 . ILE A 1 107 ? 4.642   0.217   5.055   1.00 21.70  ? 563 ILE A CG2 1 
ATOM   354 C CD1 . ILE A 1 107 ? 6.284   -1.907  6.326   1.00 28.60  ? 563 ILE A CD1 1 
ATOM   355 N N   . LYS A 1 108 ? 5.912   3.478   4.948   1.00 24.40  ? 564 LYS A N   1 
ATOM   356 C CA  . LYS A 1 108 ? 5.219   4.749   4.786   1.00 37.75  ? 564 LYS A CA  1 
ATOM   357 C C   . LYS A 1 108 ? 5.592   5.403   3.467   1.00 21.20  ? 564 LYS A C   1 
ATOM   358 O O   . LYS A 1 108 ? 4.719   5.733   2.665   1.00 23.05  ? 564 LYS A O   1 
ATOM   359 C CB  . LYS A 1 108 ? 5.537   5.681   5.947   1.00 37.02  ? 564 LYS A CB  1 
ATOM   360 C CG  . LYS A 1 108 ? 4.755   6.987   5.901   1.00 34.75  ? 564 LYS A CG  1 
ATOM   361 C CD  . LYS A 1 108 ? 4.989   7.885   7.129   1.00 32.04  ? 564 LYS A CD  1 
ATOM   362 C CE  . LYS A 1 108 ? 5.265   7.071   8.418   1.00 31.84  ? 564 LYS A CE  1 
ATOM   363 N NZ  . LYS A 1 108 ? 4.234   6.030   8.775   1.00 28.65  ? 564 LYS A NZ  1 
ATOM   364 N N   . ASN A 1 109 ? 6.892   5.574   3.212   1.00 33.28  ? 565 ASN A N   1 
ATOM   365 C CA  . ASN A 1 109 ? 7.333   6.097   1.920   1.00 25.78  ? 565 ASN A CA  1 
ATOM   366 C C   . ASN A 1 109 ? 6.656   5.376   0.763   1.00 40.16  ? 565 ASN A C   1 
ATOM   367 O O   . ASN A 1 109 ? 6.201   6.011   -0.195  1.00 28.87  ? 565 ASN A O   1 
ATOM   368 C CB  . ASN A 1 109 ? 8.849   5.964   1.777   1.00 30.32  ? 565 ASN A CB  1 
ATOM   369 C CG  . ASN A 1 109 ? 9.611   6.954   2.623   1.00 26.09  ? 565 ASN A CG  1 
ATOM   370 O OD1 . ASN A 1 109 ? 9.110   7.456   3.626   1.00 30.00  ? 565 ASN A OD1 1 
ATOM   371 N ND2 . ASN A 1 109 ? 10.839  7.240   2.219   1.00 32.87  ? 565 ASN A ND2 1 
ATOM   372 N N   . THR A 1 110 ? 6.582   4.044   0.837   1.00 31.37  ? 566 THR A N   1 
ATOM   373 C CA  . THR A 1 110 ? 5.988   3.272   -0.248  1.00 27.14  ? 566 THR A CA  1 
ATOM   374 C C   . THR A 1 110 ? 4.506   3.546   -0.366  1.00 44.75  ? 566 THR A C   1 
ATOM   375 O O   . THR A 1 110 ? 3.989   3.704   -1.474  1.00 29.70  ? 566 THR A O   1 
ATOM   376 C CB  . THR A 1 110 ? 6.201   1.780   -0.035  1.00 33.01  ? 566 THR A CB  1 
ATOM   377 O OG1 . THR A 1 110 ? 7.590   1.519   0.197   1.00 37.14  ? 566 THR A OG1 1 
ATOM   378 C CG2 . THR A 1 110 ? 5.727   1.020   -1.261  1.00 35.13  ? 566 THR A CG2 1 
ATOM   379 N N   . ILE A 1 111 ? 3.804   3.585   0.764   1.00 33.87  ? 567 ILE A N   1 
ATOM   380 C CA  . ILE A 1 111 ? 2.365   3.844   0.750   1.00 21.60  ? 567 ILE A CA  1 
ATOM   381 C C   . ILE A 1 111 ? 2.082   5.220   0.161   1.00 39.55  ? 567 ILE A C   1 
ATOM   382 O O   . ILE A 1 111 ? 1.345   5.350   -0.819  1.00 39.76  ? 567 ILE A O   1 
ATOM   383 C CB  . ILE A 1 111 ? 1.785   3.696   2.166   1.00 19.67  ? 567 ILE A CB  1 
ATOM   384 C CG1 . ILE A 1 111 ? 1.604   2.218   2.504   1.00 18.54  ? 567 ILE A CG1 1 
ATOM   385 C CG2 . ILE A 1 111 ? 0.486   4.428   2.291   1.00 24.26  ? 567 ILE A CG2 1 
ATOM   386 C CD1 . ILE A 1 111 ? 1.349   1.973   3.959   1.00 21.94  ? 567 ILE A CD1 1 
ATOM   387 N N   . LYS A 1 112 ? 2.691   6.266   0.733   1.00 39.05  ? 568 LYS A N   1 
ATOM   388 C CA  . LYS A 1 112 ? 2.573   7.608   0.176   1.00 46.36  ? 568 LYS A CA  1 
ATOM   389 C C   . LYS A 1 112 ? 2.844   7.648   -1.322  1.00 29.16  ? 568 LYS A C   1 
ATOM   390 O O   . LYS A 1 112 ? 2.351   8.546   -2.010  1.00 39.94  ? 568 LYS A O   1 
ATOM   391 C CB  . LYS A 1 112 ? 3.534   8.566   0.884   1.00 36.76  ? 568 LYS A CB  1 
ATOM   392 C CG  . LYS A 1 112 ? 3.093   9.018   2.271   1.00 37.52  ? 568 LYS A CG  1 
ATOM   393 C CD  . LYS A 1 112 ? 3.538   10.467  2.531   1.00 30.41  ? 568 LYS A CD  1 
ATOM   394 C CE  . LYS A 1 112 ? 3.975   10.701  3.977   1.00 42.24  ? 568 LYS A CE  1 
ATOM   395 N NZ  . LYS A 1 112 ? 5.227   9.920   4.330   1.00 22.20  ? 568 LYS A NZ  1 
ATOM   396 N N   . GLU A 1 113 ? 3.611   6.701   -1.849  1.00 48.15  ? 569 GLU A N   1 
ATOM   397 C CA  . GLU A 1 113 ? 3.910   6.708   -3.273  1.00 40.44  ? 569 GLU A CA  1 
ATOM   398 C C   . GLU A 1 113 ? 2.747   6.182   -4.101  1.00 34.83  ? 569 GLU A C   1 
ATOM   399 O O   . GLU A 1 113 ? 2.330   6.816   -5.076  1.00 46.33  ? 569 GLU A O   1 
ATOM   400 C CB  . GLU A 1 113 ? 5.156   5.874   -3.546  1.00 41.21  ? 569 GLU A CB  1 
ATOM   401 C CG  . GLU A 1 113 ? 5.424   5.650   -5.017  1.00 52.79  ? 569 GLU A CG  1 
ATOM   402 C CD  . GLU A 1 113 ? 5.887   6.914   -5.706  1.00 37.65  ? 569 GLU A CD  1 
ATOM   403 O OE1 . GLU A 1 113 ? 6.169   7.904   -4.991  1.00 46.58  ? 569 GLU A OE1 1 
ATOM   404 O OE2 . GLU A 1 113 ? 5.975   6.922   -6.955  1.00 52.62  ? 569 GLU A OE2 1 
ATOM   405 N N   . TYR A 1 114 ? 2.219   5.022   -3.736  1.00 55.78  ? 570 TYR A N   1 
ATOM   406 C CA  . TYR A 1 114 ? 1.330   4.271   -4.607  1.00 50.06  ? 570 TYR A CA  1 
ATOM   407 C C   . TYR A 1 114 ? -0.143  4.418   -4.259  1.00 53.31  ? 570 TYR A C   1 
ATOM   408 O O   . TYR A 1 114 ? -0.983  3.883   -4.992  1.00 55.28  ? 570 TYR A O   1 
ATOM   409 C CB  . TYR A 1 114 ? 1.695   2.779   -4.558  1.00 58.08  ? 570 TYR A CB  1 
ATOM   410 C CG  . TYR A 1 114 ? 2.977   2.390   -5.264  1.00 51.80  ? 570 TYR A CG  1 
ATOM   411 C CD1 . TYR A 1 114 ? 2.964   2.023   -6.602  1.00 53.81  ? 570 TYR A CD1 1 
ATOM   412 C CD2 . TYR A 1 114 ? 4.188   2.364   -4.595  1.00 53.51  ? 570 TYR A CD2 1 
ATOM   413 C CE1 . TYR A 1 114 ? 4.120   1.658   -7.257  1.00 45.85  ? 570 TYR A CE1 1 
ATOM   414 C CE2 . TYR A 1 114 ? 5.348   1.998   -5.244  1.00 38.47  ? 570 TYR A CE2 1 
ATOM   415 C CZ  . TYR A 1 114 ? 5.307   1.644   -6.579  1.00 46.94  ? 570 TYR A CZ  1 
ATOM   416 O OH  . TYR A 1 114 ? 6.451   1.272   -7.250  1.00 60.39  ? 570 TYR A OH  1 
ATOM   417 N N   . ALA A 1 115 ? -0.478  5.108   -3.169  1.00 47.84  ? 571 ALA A N   1 
ATOM   418 C CA  . ALA A 1 115 ? -1.829  5.071   -2.629  1.00 46.33  ? 571 ALA A CA  1 
ATOM   419 C C   . ALA A 1 115 ? -2.275  6.462   -2.188  1.00 36.23  ? 571 ALA A C   1 
ATOM   420 O O   . ALA A 1 115 ? -1.491  7.421   -2.146  1.00 32.43  ? 571 ALA A O   1 
ATOM   421 C CB  . ALA A 1 115 ? -1.935  4.086   -1.461  1.00 46.53  ? 571 ALA A CB  1 
ATOM   422 N N   . ILE A 1 116 ? -3.555  6.544   -1.832  1.00 36.74  ? 572 ILE A N   1 
ATOM   423 C CA  . ILE A 1 116 ? -4.262  7.804   -1.633  1.00 36.06  ? 572 ILE A CA  1 
ATOM   424 C C   . ILE A 1 116 ? -5.454  7.509   -0.738  1.00 35.58  ? 572 ILE A C   1 
ATOM   425 O O   . ILE A 1 116 ? -6.141  6.499   -0.924  1.00 41.50  ? 572 ILE A O   1 
ATOM   426 C CB  . ILE A 1 116 ? -4.691  8.399   -2.995  1.00 40.27  ? 572 ILE A CB  1 
ATOM   427 C CG1 . ILE A 1 116 ? -3.788  9.568   -3.401  1.00 52.54  ? 572 ILE A CG1 1 
ATOM   428 C CG2 . ILE A 1 116 ? -6.158  8.776   -2.988  1.00 50.14  ? 572 ILE A CG2 1 
ATOM   429 C CD1 . ILE A 1 116 ? -4.091  10.879  -2.697  1.00 36.48  ? 572 ILE A CD1 1 
ATOM   430 N N   . ARG A 1 117 ? -5.696  8.378   0.245   1.00 42.12  ? 573 ARG A N   1 
ATOM   431 C CA  . ARG A 1 117 ? -6.819  8.198   1.159   1.00 52.73  ? 573 ARG A CA  1 
ATOM   432 C C   . ARG A 1 117 ? -7.992  9.073   0.717   1.00 44.30  ? 573 ARG A C   1 
ATOM   433 O O   . ARG A 1 117 ? -7.895  10.306  0.720   1.00 49.42  ? 573 ARG A O   1 
ATOM   434 C CB  . ARG A 1 117 ? -6.419  8.512   2.602   1.00 44.88  ? 573 ARG A CB  1 
ATOM   435 C CG  . ARG A 1 117 ? -7.286  7.775   3.616   1.00 42.72  ? 573 ARG A CG  1 
ATOM   436 C CD  . ARG A 1 117 ? -6.832  7.979   5.053   1.00 40.96  ? 573 ARG A CD  1 
ATOM   437 N NE  . ARG A 1 117 ? -7.776  7.368   5.988   1.00 42.17  ? 573 ARG A NE  1 
ATOM   438 C CZ  . ARG A 1 117 ? -7.848  7.673   7.283   1.00 33.35  ? 573 ARG A CZ  1 
ATOM   439 N NH1 . ARG A 1 117 ? -7.021  8.578   7.797   1.00 37.06  ? 573 ARG A NH1 1 
ATOM   440 N NH2 . ARG A 1 117 ? -8.744  7.080   8.067   1.00 30.73  ? 573 ARG A NH2 1 
ATOM   441 N N   . SER A 1 118 ? -9.100  8.436   0.350   1.00 56.59  ? 574 SER A N   1 
ATOM   442 C CA  . SER A 1 118 ? -10.282 9.182   -0.054  1.00 61.20  ? 574 SER A CA  1 
ATOM   443 C C   . SER A 1 118 ? -10.766 10.083  1.081   1.00 62.76  ? 574 SER A C   1 
ATOM   444 O O   . SER A 1 118 ? -10.442 9.884   2.253   1.00 60.57  ? 574 SER A O   1 
ATOM   445 C CB  . SER A 1 118 ? -11.396 8.224   -0.472  1.00 64.63  ? 574 SER A CB  1 
ATOM   446 O OG  . SER A 1 118 ? -11.922 7.531   0.645   1.00 65.08  ? 574 SER A OG  1 
ATOM   447 N N   . SER A 1 119 ? -11.544 11.099  0.713   1.00 67.03  ? 575 SER A N   1 
ATOM   448 C CA  . SER A 1 119 ? -12.234 11.966  1.666   1.00 70.27  ? 575 SER A CA  1 
ATOM   449 C C   . SER A 1 119 ? -13.716 11.649  1.565   1.00 75.86  ? 575 SER A C   1 
ATOM   450 O O   . SER A 1 119 ? -14.395 12.120  0.650   1.00 80.07  ? 575 SER A O   1 
ATOM   451 C CB  . SER A 1 119 ? -11.965 13.437  1.381   1.00 71.98  ? 575 SER A CB  1 
ATOM   452 O OG  . SER A 1 119 ? -10.893 13.905  2.171   1.00 68.58  ? 575 SER A OG  1 
ATOM   453 N N   . GLY A 1 120 ? -14.216 10.849  2.501   1.00 89.23  ? 576 GLY A N   1 
ATOM   454 C CA  . GLY A 1 120 ? -15.598 10.415  2.440   1.00 94.56  ? 576 GLY A CA  1 
ATOM   455 C C   . GLY A 1 120 ? -16.597 11.556  2.487   1.00 90.64  ? 576 GLY A C   1 
ATOM   456 O O   . GLY A 1 120 ? -16.662 12.280  3.483   1.00 107.66 ? 576 GLY A O   1 
ATOM   457 N N   . LYS A 1 121 ? -17.376 11.740  1.415   1.00 116.06 ? 577 LYS A N   1 
ATOM   458 C CA  . LYS A 1 121 ? -18.519 12.649  1.461   1.00 127.20 ? 577 LYS A CA  1 
ATOM   459 C C   . LYS A 1 121 ? -19.638 11.974  2.244   1.00 131.88 ? 577 LYS A C   1 
ATOM   460 O O   . LYS A 1 121 ? -20.739 11.765  1.719   1.00 120.08 ? 577 LYS A O   1 
ATOM   461 C CB  . LYS A 1 121 ? -19.018 13.008  0.056   1.00 129.90 ? 577 LYS A CB  1 
ATOM   462 C CG  . LYS A 1 121 ? -17.933 13.229  -0.969  1.00 112.49 ? 577 LYS A CG  1 
ATOM   463 C CD  . LYS A 1 121 ? -16.923 14.274  -0.522  1.00 117.81 ? 577 LYS A CD  1 
ATOM   464 C CE  . LYS A 1 121 ? -15.679 14.220  -1.399  1.00 97.43  ? 577 LYS A CE  1 
ATOM   465 N NZ  . LYS A 1 121 ? -16.007 14.399  -2.847  1.00 115.15 ? 577 LYS A NZ  1 
ATOM   466 N N   . GLY A 1 122 ? -19.358 11.622  3.496   1.00 154.11 ? 578 GLY A N   1 
ATOM   467 C CA  . GLY A 1 122 ? -20.193 10.701  4.234   1.00 159.83 ? 578 GLY A CA  1 
ATOM   468 C C   . GLY A 1 122 ? -19.830 9.262   3.911   1.00 145.94 ? 578 GLY A C   1 
ATOM   469 O O   . GLY A 1 122 ? -19.158 8.584   4.698   1.00 136.96 ? 578 GLY A O   1 
ATOM   470 N N   . ASP A 1 123 ? -20.243 8.806   2.730   1.00 191.15 ? 579 ASP A N   1 
ATOM   471 C CA  . ASP A 1 123 ? -20.065 7.419   2.304   1.00 195.91 ? 579 ASP A CA  1 
ATOM   472 C C   . ASP A 1 123 ? -19.243 7.301   1.016   1.00 185.66 ? 579 ASP A C   1 
ATOM   473 O O   . ASP A 1 123 ? -19.436 8.080   0.077   1.00 181.13 ? 579 ASP A O   1 
ATOM   474 C CB  . ASP A 1 123 ? -21.435 6.750   2.108   1.00 203.66 ? 579 ASP A CB  1 
ATOM   475 C CG  . ASP A 1 123 ? -22.470 7.691   1.501   1.00 210.13 ? 579 ASP A CG  1 
ATOM   476 O OD1 . ASP A 1 123 ? -23.678 7.505   1.768   1.00 207.27 ? 579 ASP A OD1 1 
ATOM   477 O OD2 . ASP A 1 123 ? -22.076 8.621   0.765   1.00 199.42 ? 579 ASP A OD2 1 
ATOM   478 N N   . LEU A 1 124 ? -18.322 6.339   0.970   1.00 148.52 ? 580 LEU A N   1 
ATOM   479 C CA  . LEU A 1 124 ? -17.997 5.488   2.111   1.00 159.03 ? 580 LEU A CA  1 
ATOM   480 C C   . LEU A 1 124 ? -16.873 6.194   2.885   1.00 139.52 ? 580 LEU A C   1 
ATOM   481 O O   . LEU A 1 124 ? -16.284 7.142   2.359   1.00 133.73 ? 580 LEU A O   1 
ATOM   482 C CB  . LEU A 1 124 ? -17.616 4.061   1.639   1.00 155.94 ? 580 LEU A CB  1 
ATOM   483 C CG  . LEU A 1 124 ? -16.290 3.612   0.994   1.00 144.15 ? 580 LEU A CG  1 
ATOM   484 C CD1 . LEU A 1 124 ? -15.681 4.662   0.054   1.00 136.76 ? 580 LEU A CD1 1 
ATOM   485 C CD2 . LEU A 1 124 ? -15.275 3.146   2.045   1.00 145.30 ? 580 LEU A CD2 1 
ATOM   486 N N   . PRO A 1 125 ? -16.594 5.776   4.125   1.00 121.26 ? 581 PRO A N   1 
ATOM   487 C CA  . PRO A 1 125 ? -15.557 6.455   4.910   1.00 102.98 ? 581 PRO A CA  1 
ATOM   488 C C   . PRO A 1 125 ? -14.211 6.442   4.198   1.00 99.92  ? 581 PRO A C   1 
ATOM   489 O O   . PRO A 1 125 ? -14.013 5.803   3.160   1.00 105.79 ? 581 PRO A O   1 
ATOM   490 C CB  . PRO A 1 125 ? -15.507 5.653   6.217   1.00 113.51 ? 581 PRO A CB  1 
ATOM   491 C CG  . PRO A 1 125 ? -16.117 4.334   5.871   1.00 116.25 ? 581 PRO A CG  1 
ATOM   492 C CD  . PRO A 1 125 ? -17.191 4.668   4.891   1.00 106.15 ? 581 PRO A CD  1 
ATOM   493 N N   . ARG A 1 126 ? -13.265 7.168   4.788   1.00 67.17  ? 582 ARG A N   1 
ATOM   494 C CA  . ARG A 1 126 ? -11.964 7.363   4.164   1.00 66.01  ? 582 ARG A CA  1 
ATOM   495 C C   . ARG A 1 126 ? -11.205 6.053   3.978   1.00 59.07  ? 582 ARG A C   1 
ATOM   496 O O   . ARG A 1 126 ? -10.678 5.487   4.942   1.00 65.58  ? 582 ARG A O   1 
ATOM   497 C CB  . ARG A 1 126 ? -11.131 8.324   4.997   1.00 60.20  ? 582 ARG A CB  1 
ATOM   498 C CG  . ARG A 1 126 ? -11.944 9.329   5.795   1.00 63.38  ? 582 ARG A CG  1 
ATOM   499 C CD  . ARG A 1 126 ? -10.983 10.348  6.342   1.00 60.90  ? 582 ARG A CD  1 
ATOM   500 N NE  . ARG A 1 126 ? -10.079 10.764  5.276   1.00 58.76  ? 582 ARG A NE  1 
ATOM   501 C CZ  . ARG A 1 126 ? -8.968  11.466  5.459   1.00 56.20  ? 582 ARG A CZ  1 
ATOM   502 N NH1 . ARG A 1 126 ? -8.610  11.837  6.684   1.00 62.10  ? 582 ARG A NH1 1 
ATOM   503 N NH2 . ARG A 1 126 ? -8.216  11.795  4.414   1.00 64.31  ? 582 ARG A NH2 1 
ATOM   504 N N   . LYS A 1 127 ? -11.135 5.565   2.744   1.00 59.65  ? 583 LYS A N   1 
ATOM   505 C CA  . LYS A 1 127 ? -10.407 4.349   2.433   1.00 57.37  ? 583 LYS A CA  1 
ATOM   506 C C   . LYS A 1 127 ? -9.255  4.669   1.492   1.00 54.68  ? 583 LYS A C   1 
ATOM   507 O O   . LYS A 1 127 ? -9.239  5.709   0.828   1.00 55.36  ? 583 LYS A O   1 
ATOM   508 C CB  . LYS A 1 127 ? -11.325 3.291   1.814   1.00 61.35  ? 583 LYS A CB  1 
ATOM   509 C CG  . LYS A 1 127 ? -11.489 3.386   0.311   1.00 63.52  ? 583 LYS A CG  1 
ATOM   510 C CD  . LYS A 1 127 ? -12.424 2.290   -0.177  1.00 68.07  ? 583 LYS A CD  1 
ATOM   511 C CE  . LYS A 1 127 ? -12.953 2.568   -1.573  1.00 71.62  ? 583 LYS A CE  1 
ATOM   512 N NZ  . LYS A 1 127 ? -14.174 1.762   -1.855  1.00 77.50  ? 583 LYS A NZ  1 
ATOM   513 N N   . TRP A 1 128 ? -8.280  3.764   1.465   1.00 31.58  ? 584 TRP A N   1 
ATOM   514 C CA  . TRP A 1 128 ? -7.113  3.883   0.608   1.00 31.14  ? 584 TRP A CA  1 
ATOM   515 C C   . TRP A 1 128 ? -7.365  3.177   -0.713  1.00 32.23  ? 584 TRP A C   1 
ATOM   516 O O   . TRP A 1 128 ? -8.047  2.152   -0.760  1.00 33.84  ? 584 TRP A O   1 
ATOM   517 C CB  . TRP A 1 128 ? -5.896  3.266   1.291   1.00 31.66  ? 584 TRP A CB  1 
ATOM   518 C CG  . TRP A 1 128 ? -5.520  3.932   2.565   1.00 31.16  ? 584 TRP A CG  1 
ATOM   519 C CD1 . TRP A 1 128 ? -6.052  3.706   3.802   1.00 31.88  ? 584 TRP A CD1 1 
ATOM   520 C CD2 . TRP A 1 128 ? -4.525  4.942   2.732   1.00 30.31  ? 584 TRP A CD2 1 
ATOM   521 N NE1 . TRP A 1 128 ? -5.449  4.523   4.729   1.00 31.54  ? 584 TRP A NE1 1 
ATOM   522 C CE2 . TRP A 1 128 ? -4.509  5.291   4.094   1.00 30.62  ? 584 TRP A CE2 1 
ATOM   523 C CE3 . TRP A 1 128 ? -3.645  5.590   1.858   1.00 29.69  ? 584 TRP A CE3 1 
ATOM   524 C CZ2 . TRP A 1 128 ? -3.649  6.256   4.602   1.00 36.01  ? 584 TRP A CZ2 1 
ATOM   525 C CZ3 . TRP A 1 128 ? -2.791  6.546   2.365   1.00 33.97  ? 584 TRP A CZ3 1 
ATOM   526 C CH2 . TRP A 1 128 ? -2.800  6.872   3.722   1.00 35.58  ? 584 TRP A CH2 1 
ATOM   527 N N   . VAL A 1 129 ? -6.811  3.726   -1.794  1.00 41.98  ? 585 VAL A N   1 
ATOM   528 C CA  . VAL A 1 129 ? -6.836  3.049   -3.088  1.00 37.67  ? 585 VAL A CA  1 
ATOM   529 C C   . VAL A 1 129 ? -5.479  3.216   -3.748  1.00 44.75  ? 585 VAL A C   1 
ATOM   530 O O   . VAL A 1 129 ? -4.799  4.228   -3.563  1.00 31.96  ? 585 VAL A O   1 
ATOM   531 C CB  . VAL A 1 129 ? -7.955  3.561   -4.037  1.00 42.51  ? 585 VAL A CB  1 
ATOM   532 C CG1 . VAL A 1 129 ? -9.334  3.293   -3.445  1.00 49.59  ? 585 VAL A CG1 1 
ATOM   533 C CG2 . VAL A 1 129 ? -7.762  5.034   -4.367  1.00 46.33  ? 585 VAL A CG2 1 
ATOM   534 N N   . ILE A 1 130 ? -5.078  2.209   -4.517  1.00 43.90  ? 586 ILE A N   1 
ATOM   535 C CA  . ILE A 1 130 ? -3.858  2.320   -5.301  1.00 36.19  ? 586 ILE A CA  1 
ATOM   536 C C   . ILE A 1 130 ? -4.185  3.135   -6.544  1.00 34.85  ? 586 ILE A C   1 
ATOM   537 O O   . ILE A 1 130 ? -5.107  2.802   -7.290  1.00 42.79  ? 586 ILE A O   1 
ATOM   538 C CB  . ILE A 1 130 ? -3.281  0.944   -5.658  1.00 46.87  ? 586 ILE A CB  1 
ATOM   539 C CG1 . ILE A 1 130 ? -2.545  0.358   -4.456  1.00 45.88  ? 586 ILE A CG1 1 
ATOM   540 C CG2 . ILE A 1 130 ? -2.281  1.071   -6.797  1.00 37.09  ? 586 ILE A CG2 1 
ATOM   541 C CD1 . ILE A 1 130 ? -3.416  -0.086  -3.306  1.00 36.08  ? 586 ILE A CD1 1 
ATOM   542 N N   . LYS A 1 131 ? -3.428  4.211   -6.761  1.00 45.93  ? 587 LYS A N   1 
ATOM   543 C CA  . LYS A 1 131 ? -3.797  5.205   -7.763  1.00 58.20  ? 587 LYS A CA  1 
ATOM   544 C C   . LYS A 1 131 ? -3.773  4.626   -9.175  1.00 42.95  ? 587 LYS A C   1 
ATOM   545 O O   . LYS A 1 131 ? -4.632  4.963   -9.993  1.00 44.45  ? 587 LYS A O   1 
ATOM   546 C CB  . LYS A 1 131 ? -2.864  6.417   -7.651  1.00 57.89  ? 587 LYS A CB  1 
ATOM   547 C CG  . LYS A 1 131 ? -2.371  6.690   -6.213  1.00 44.76  ? 587 LYS A CG  1 
ATOM   548 C CD  . LYS A 1 131 ? -1.560  7.986   -6.047  1.00 42.72  ? 587 LYS A CD  1 
ATOM   549 C CE  . LYS A 1 131 ? -0.267  7.987   -6.846  1.00 43.92  ? 587 LYS A CE  1 
ATOM   550 N NZ  . LYS A 1 131 ? 0.702   9.013   -6.340  1.00 42.79  ? 587 LYS A NZ  1 
ATOM   551 N N   . ASP A 1 132 ? -2.814  3.745   -9.478  1.00 37.39  ? 588 ASP A N   1 
ATOM   552 C CA  . ASP A 1 132 ? -2.566  3.253   -10.841 1.00 39.70  ? 588 ASP A CA  1 
ATOM   553 C C   . ASP A 1 132 ? -2.983  1.784   -10.931 1.00 41.34  ? 588 ASP A C   1 
ATOM   554 O O   . ASP A 1 132 ? -2.163  0.881   -10.762 1.00 41.70  ? 588 ASP A O   1 
ATOM   555 C CB  . ASP A 1 132 ? -1.088  3.428   -11.227 1.00 40.28  ? 588 ASP A CB  1 
ATOM   556 C CG  . ASP A 1 132 ? -0.815  3.089   -12.681 1.00 42.42  ? 588 ASP A CG  1 
ATOM   557 O OD1 . ASP A 1 132 ? -1.740  2.620   -13.371 1.00 44.28  ? 588 ASP A OD1 1 
ATOM   558 O OD2 . ASP A 1 132 ? 0.333   3.288   -13.136 1.00 42.90  ? 588 ASP A OD2 1 
ATOM   559 N N   . ALA A 1 133 ? -4.263  1.549   -11.235 1.00 42.68  ? 589 ALA A N   1 
ATOM   560 C CA  . ALA A 1 133 ? -4.749  0.179   -11.354 1.00 44.84  ? 589 ALA A CA  1 
ATOM   561 C C   . ALA A 1 133 ? -4.037  -0.563  -12.468 1.00 47.26  ? 589 ALA A C   1 
ATOM   562 O O   . ALA A 1 133 ? -3.936  -1.794  -12.429 1.00 48.85  ? 589 ALA A O   1 
ATOM   563 C CB  . ALA A 1 133 ? -6.260  0.168   -11.588 1.00 46.38  ? 589 ALA A CB  1 
ATOM   564 N N   . GLN A 1 134 ? -3.537  0.171   -13.459 1.00 52.07  ? 590 GLN A N   1 
ATOM   565 C CA  . GLN A 1 134 ? -2.759  -0.401  -14.546 1.00 51.82  ? 590 GLN A CA  1 
ATOM   566 C C   . GLN A 1 134 ? -1.515  -1.067  -13.987 1.00 49.14  ? 590 GLN A C   1 
ATOM   567 O O   . GLN A 1 134 ? -1.414  -2.300  -13.950 1.00 50.62  ? 590 GLN A O   1 
ATOM   568 C CB  . GLN A 1 134 ? -2.384  0.686   -15.555 1.00 50.86  ? 590 GLN A CB  1 
ATOM   569 C CG  . GLN A 1 134 ? -1.420  0.262   -16.643 1.00 53.19  ? 590 GLN A CG  1 
ATOM   570 C CD  . GLN A 1 134 ? -1.460  1.185   -17.854 1.00 55.22  ? 590 GLN A CD  1 
ATOM   571 O OE1 . GLN A 1 134 ? -1.959  2.314   -17.781 1.00 54.33  ? 590 GLN A OE1 1 
ATOM   572 N NE2 . GLN A 1 134 ? -0.943  0.703   -18.979 1.00 61.30  ? 590 GLN A NE2 1 
ATOM   573 N N   . ASN A 1 135 ? -0.569  -0.239  -13.542 1.00 62.15  ? 591 ASN A N   1 
ATOM   574 C CA  . ASN A 1 135 ? 0.674   -0.731  -12.974 1.00 57.08  ? 591 ASN A CA  1 
ATOM   575 C C   . ASN A 1 135 ? 0.437   -1.924  -12.062 1.00 54.44  ? 591 ASN A C   1 
ATOM   576 O O   . ASN A 1 135 ? 1.058   -2.976  -12.234 1.00 48.90  ? 591 ASN A O   1 
ATOM   577 C CB  . ASN A 1 135 ? 1.360   0.398   -12.219 1.00 54.11  ? 591 ASN A CB  1 
ATOM   578 C CG  . ASN A 1 135 ? 2.604   -0.056  -11.527 1.00 54.77  ? 591 ASN A CG  1 
ATOM   579 O OD1 . ASN A 1 135 ? 3.491   -0.679  -12.129 1.00 45.79  ? 591 ASN A OD1 1 
ATOM   580 N ND2 . ASN A 1 135 ? 2.675   0.229   -10.237 1.00 43.22  ? 591 ASN A ND2 1 
ATOM   581 N N   . TRP A 1 136 ? -0.491  -1.790  -11.115 1.00 44.70  ? 592 TRP A N   1 
ATOM   582 C CA  . TRP A 1 136 ? -0.834  -2.912  -10.247 1.00 45.18  ? 592 TRP A CA  1 
ATOM   583 C C   . TRP A 1 136 ? -1.056  -4.183  -11.054 1.00 48.35  ? 592 TRP A C   1 
ATOM   584 O O   . TRP A 1 136 ? -0.504  -5.239  -10.733 1.00 49.30  ? 592 TRP A O   1 
ATOM   585 C CB  . TRP A 1 136 ? -2.072  -2.577  -9.420  1.00 44.25  ? 592 TRP A CB  1 
ATOM   586 C CG  . TRP A 1 136 ? -2.348  -3.545  -8.306  1.00 44.60  ? 592 TRP A CG  1 
ATOM   587 C CD1 . TRP A 1 136 ? -1.765  -4.761  -8.106  1.00 46.09  ? 592 TRP A CD1 1 
ATOM   588 C CD2 . TRP A 1 136 ? -3.276  -3.367  -7.227  1.00 43.73  ? 592 TRP A CD2 1 
ATOM   589 N NE1 . TRP A 1 136 ? -2.270  -5.357  -6.975  1.00 46.38  ? 592 TRP A NE1 1 
ATOM   590 C CE2 . TRP A 1 136 ? -3.197  -4.521  -6.414  1.00 44.96  ? 592 TRP A CE2 1 
ATOM   591 C CE3 . TRP A 1 136 ? -4.164  -2.344  -6.867  1.00 42.24  ? 592 TRP A CE3 1 
ATOM   592 C CZ2 . TRP A 1 136 ? -3.977  -4.684  -5.271  1.00 44.89  ? 592 TRP A CZ2 1 
ATOM   593 C CZ3 . TRP A 1 136 ? -4.937  -2.503  -5.729  1.00 41.97  ? 592 TRP A CZ3 1 
ATOM   594 C CH2 . TRP A 1 136 ? -4.841  -3.667  -4.946  1.00 43.35  ? 592 TRP A CH2 1 
ATOM   595 N N   . GLU A 1 137 ? -1.839  -4.100  -12.129 1.00 72.33  ? 593 GLU A N   1 
ATOM   596 C CA  . GLU A 1 137 ? -2.080  -5.291  -12.936 1.00 64.90  ? 593 GLU A CA  1 
ATOM   597 C C   . GLU A 1 137 ? -0.790  -5.865  -13.517 1.00 66.02  ? 593 GLU A C   1 
ATOM   598 O O   . GLU A 1 137 ? -0.668  -7.085  -13.659 1.00 70.76  ? 593 GLU A O   1 
ATOM   599 C CB  . GLU A 1 137 ? -3.064  -4.973  -14.051 1.00 71.91  ? 593 GLU A CB  1 
ATOM   600 C CG  . GLU A 1 137 ? -3.330  -6.147  -14.976 1.00 66.28  ? 593 GLU A CG  1 
ATOM   601 C CD  . GLU A 1 137 ? -4.271  -7.159  -14.359 1.00 66.68  ? 593 GLU A CD  1 
ATOM   602 O OE1 . GLU A 1 137 ? -4.838  -6.847  -13.287 1.00 76.34  ? 593 GLU A OE1 1 
ATOM   603 O OE2 . GLU A 1 137 ? -4.449  -8.253  -14.949 1.00 82.89  ? 593 GLU A OE2 1 
ATOM   604 N N   . ASN A 1 138 ? 0.183   -5.017  -13.852 1.00 86.26  ? 594 ASN A N   1 
ATOM   605 C CA  . ASN A 1 138 ? 1.452   -5.532  -14.359 1.00 84.54  ? 594 ASN A CA  1 
ATOM   606 C C   . ASN A 1 138 ? 2.178   -6.322  -13.286 1.00 86.19  ? 594 ASN A C   1 
ATOM   607 O O   . ASN A 1 138 ? 2.674   -7.426  -13.538 1.00 77.54  ? 594 ASN A O   1 
ATOM   608 C CB  . ASN A 1 138 ? 2.337   -4.392  -14.849 1.00 79.83  ? 594 ASN A CB  1 
ATOM   609 C CG  . ASN A 1 138 ? 1.622   -3.486  -15.806 1.00 71.89  ? 594 ASN A CG  1 
ATOM   610 O OD1 . ASN A 1 138 ? 0.832   -3.942  -16.635 1.00 89.28  ? 594 ASN A OD1 1 
ATOM   611 N ND2 . ASN A 1 138 ? 1.876   -2.185  -15.694 1.00 66.72  ? 594 ASN A ND2 1 
ATOM   612 N N   . LEU A 1 139 ? 2.269   -5.757  -12.083 1.00 61.88  ? 595 LEU A N   1 
ATOM   613 C CA  . LEU A 1 139 ? 2.875   -6.485  -10.975 1.00 50.19  ? 595 LEU A CA  1 
ATOM   614 C C   . LEU A 1 139 ? 2.162   -7.810  -10.713 1.00 60.52  ? 595 LEU A C   1 
ATOM   615 O O   . LEU A 1 139 ? 2.812   -8.798  -10.349 1.00 53.56  ? 595 LEU A O   1 
ATOM   616 C CB  . LEU A 1 139 ? 2.886   -5.612  -9.719  1.00 47.32  ? 595 LEU A CB  1 
ATOM   617 C CG  . LEU A 1 139 ? 3.572   -4.261  -9.921  1.00 45.44  ? 595 LEU A CG  1 
ATOM   618 C CD1 . LEU A 1 139 ? 3.635   -3.466  -8.621  1.00 45.75  ? 595 LEU A CD1 1 
ATOM   619 C CD2 . LEU A 1 139 ? 4.958   -4.430  -10.529 1.00 59.09  ? 595 LEU A CD2 1 
ATOM   620 N N   . ARG A 1 140 ? 0.836   -7.859  -10.894 1.00 53.40  ? 596 ARG A N   1 
ATOM   621 C CA  . ARG A 1 140 ? 0.145   -9.140  -10.790 1.00 56.33  ? 596 ARG A CA  1 
ATOM   622 C C   . ARG A 1 140 ? 0.553   -10.074 -11.919 1.00 68.23  ? 596 ARG A C   1 
ATOM   623 O O   . ARG A 1 140 ? 0.525   -11.299 -11.750 1.00 62.49  ? 596 ARG A O   1 
ATOM   624 C CB  . ARG A 1 140 ? -1.377  -8.946  -10.789 1.00 57.20  ? 596 ARG A CB  1 
ATOM   625 C CG  . ARG A 1 140 ? -1.937  -8.197  -9.584  1.00 54.52  ? 596 ARG A CG  1 
ATOM   626 C CD  . ARG A 1 140 ? -3.462  -8.301  -9.478  1.00 56.04  ? 596 ARG A CD  1 
ATOM   627 N NE  . ARG A 1 140 ? -4.096  -6.987  -9.319  1.00 53.60  ? 596 ARG A NE  1 
ATOM   628 C CZ  . ARG A 1 140 ? -5.027  -6.483  -10.140 1.00 54.59  ? 596 ARG A CZ  1 
ATOM   629 N NH1 . ARG A 1 140 ? -5.462  -7.185  -11.182 1.00 58.16  ? 596 ARG A NH1 1 
ATOM   630 N NH2 . ARG A 1 140 ? -5.544  -5.275  -9.917  1.00 59.54  ? 596 ARG A NH2 1 
ATOM   631 N N   . ALA A 1 141 ? 0.946   -9.515  -13.066 1.00 62.30  ? 597 ALA A N   1 
ATOM   632 C CA  . ALA A 1 141 ? 1.333   -10.339 -14.207 1.00 65.63  ? 597 ALA A CA  1 
ATOM   633 C C   . ALA A 1 141 ? 2.774   -10.825 -14.085 1.00 65.26  ? 597 ALA A C   1 
ATOM   634 O O   . ALA A 1 141 ? 3.081   -11.951 -14.486 1.00 68.13  ? 597 ALA A O   1 
ATOM   635 C CB  . ALA A 1 141 ? 1.131   -9.559  -15.508 1.00 66.59  ? 597 ALA A CB  1 
ATOM   636 N N   . ASN A 1 142 ? 3.665   -9.992  -13.535 1.00 90.41  ? 598 ASN A N   1 
ATOM   637 C CA  . ASN A 1 142 ? 5.036   -10.423 -13.266 1.00 91.81  ? 598 ASN A CA  1 
ATOM   638 C C   . ASN A 1 142 ? 5.079   -11.657 -12.375 1.00 78.65  ? 598 ASN A C   1 
ATOM   639 O O   . ASN A 1 142 ? 6.003   -12.472 -12.485 1.00 79.72  ? 598 ASN A O   1 
ATOM   640 C CB  . ASN A 1 142 ? 5.830   -9.288  -12.622 1.00 90.19  ? 598 ASN A CB  1 
ATOM   641 C CG  . ASN A 1 142 ? 6.091   -8.147  -13.580 1.00 91.24  ? 598 ASN A CG  1 
ATOM   642 O OD1 . ASN A 1 142 ? 5.595   -8.141  -14.717 1.00 80.93  ? 598 ASN A OD1 1 
ATOM   643 N ND2 . ASN A 1 142 ? 6.872   -7.168  -13.126 1.00 86.67  ? 598 ASN A ND2 1 
ATOM   644 N N   . ALA A 1 143 ? 4.099   -11.813 -11.493 1.00 90.76  ? 599 ALA A N   1 
ATOM   645 C CA  . ALA A 1 143 ? 3.952   -13.042 -10.729 1.00 90.27  ? 599 ALA A CA  1 
ATOM   646 C C   . ALA A 1 143 ? 3.435   -14.226 -11.582 1.00 83.84  ? 599 ALA A C   1 
ATOM   647 O O   . ALA A 1 143 ? 2.996   -15.217 -10.977 1.00 85.96  ? 599 ALA A O   1 
ATOM   648 C CB  . ALA A 1 143 ? 3.018   -12.802 -9.542  1.00 90.65  ? 599 ALA A CB  1 
ATOM   649 N N   . ASN A 1 144 ? 3.495   -14.117 -12.913 1.00 113.50 ? 600 ASN A N   1 
ATOM   650 C CA  . ASN A 1 144 ? 3.039   -15.144 -13.859 1.00 108.47 ? 600 ASN A CA  1 
ATOM   651 C C   . ASN A 1 144 ? 1.534   -15.391 -13.748 1.00 117.52 ? 600 ASN A C   1 
ATOM   652 O O   . ASN A 1 144 ? 1.038   -15.867 -12.726 1.00 114.37 ? 600 ASN A O   1 
ATOM   653 C CB  . ASN A 1 144 ? 3.813   -16.454 -13.658 1.00 122.91 ? 600 ASN A CB  1 
HETATM 654 O O   . HOH B 2 .   ? 10.786  0.044   12.225  1.00 7.35   ? 701 HOH A O   1 
# 
loop_
_atom_site_anisotrop.id 
_atom_site_anisotrop.type_symbol 
_atom_site_anisotrop.pdbx_label_atom_id 
_atom_site_anisotrop.pdbx_label_alt_id 
_atom_site_anisotrop.pdbx_label_comp_id 
_atom_site_anisotrop.pdbx_label_asym_id 
_atom_site_anisotrop.pdbx_label_seq_id 
_atom_site_anisotrop.pdbx_PDB_ins_code 
_atom_site_anisotrop.U[1][1] 
_atom_site_anisotrop.U[2][2] 
_atom_site_anisotrop.U[3][3] 
_atom_site_anisotrop.U[1][2] 
_atom_site_anisotrop.U[1][3] 
_atom_site_anisotrop.U[2][3] 
_atom_site_anisotrop.pdbx_auth_seq_id 
_atom_site_anisotrop.pdbx_auth_comp_id 
_atom_site_anisotrop.pdbx_auth_asym_id 
_atom_site_anisotrop.pdbx_auth_atom_id 
1   N N   . GLN A 64  ? 1.3037 1.1441 1.0837 -0.0115 0.0515  0.1231  520 GLN A N   
2   C CA  . GLN A 64  ? 1.2526 1.1023 1.0295 -0.0085 0.0496  0.1072  520 GLN A CA  
3   C C   . GLN A 64  ? 1.2794 1.1301 1.0786 -0.0107 0.0415  0.0910  520 GLN A C   
4   O O   . GLN A 64  ? 1.3673 1.2232 1.1883 -0.0171 0.0447  0.0850  520 GLN A O   
5   C CB  . GLN A 64  ? 1.2846 1.1432 1.0646 -0.0128 0.0621  0.1078  520 GLN A CB  
6   N N   . LYS A 65  ? 1.2075 1.0533 1.0003 -0.0053 0.0307  0.0844  521 LYS A N   
7   C CA  . LYS A 65  ? 0.9624 0.8069 0.7719 -0.0073 0.0242  0.0687  521 LYS A CA  
8   C C   . LYS A 65  ? 0.9787 0.8268 0.7810 -0.0048 0.0221  0.0562  521 LYS A C   
9   O O   . LYS A 65  ? 1.1219 0.9706 0.9026 0.0018  0.0178  0.0570  521 LYS A O   
10  C CB  . LYS A 65  ? 1.0462 0.8826 0.8573 -0.0038 0.0148  0.0697  521 LYS A CB  
11  C CG  . LYS A 65  ? 1.2024 1.0363 0.9908 0.0056  0.0053  0.0743  521 LYS A CG  
12  C CD  . LYS A 65  ? 1.1938 1.0214 0.9914 0.0089  -0.0054 0.0727  521 LYS A CD  
13  C CE  . LYS A 65  ? 1.1986 1.0214 0.9721 0.0199  -0.0197 0.0725  521 LYS A CE  
14  N NZ  . LYS A 65  ? 1.0324 0.8431 0.8134 0.0245  -0.0324 0.0680  521 LYS A NZ  
15  N N   . ALA A 66  ? 0.8103 0.6608 0.6293 -0.0096 0.0242  0.0444  522 ALA A N   
16  C CA  . ALA A 66  ? 0.7704 0.6236 0.5860 -0.0083 0.0250  0.0347  522 ALA A CA  
17  C C   . ALA A 66  ? 0.6644 0.5120 0.4758 -0.0051 0.0155  0.0262  522 ALA A C   
18  O O   . ALA A 66  ? 0.5902 0.4330 0.4131 -0.0069 0.0107  0.0217  522 ALA A O   
19  C CB  . ALA A 66  ? 0.6605 0.5176 0.4951 -0.0136 0.0301  0.0269  522 ALA A CB  
20  N N   . MET A 67  ? 0.5423 0.3895 0.3347 0.0000  0.0128  0.0227  523 MET A N   
21  C CA  . MET A 67  ? 0.5756 0.4064 0.3509 0.0044  0.0011  0.0138  523 MET A CA  
22  C C   . MET A 67  ? 0.7343 0.5681 0.5064 0.0054  0.0019  0.0022  523 MET A C   
23  O O   . MET A 67  ? 0.6927 0.5390 0.4695 0.0042  0.0118  0.0025  523 MET A O   
24  C CB  . MET A 67  ? 0.8329 0.6617 0.5816 0.0138  -0.0108 0.0180  523 MET A CB  
25  C CG  . MET A 67  ? 0.6421 0.4603 0.3947 0.0151  -0.0197 0.0240  523 MET A CG  
26  S SD  . MET A 67  ? 0.7730 0.5948 0.4984 0.0264  -0.0291 0.0359  523 MET A SD  
27  C CE  . MET A 67  ? 0.7859 0.6166 0.4819 0.0341  -0.0338 0.0250  523 MET A CE  
28  N N   . ILE A 68  ? 0.3817 0.2095 0.1525 0.0079  -0.0099 -0.0098 524 ILE A N   
29  C CA  . ILE A 68  ? 0.3575 0.1992 0.1358 0.0093  -0.0116 -0.0260 524 ILE A CA  
30  C C   . ILE A 68  ? 0.4803 0.3311 0.2313 0.0175  -0.0182 -0.0310 524 ILE A C   
31  O O   . ILE A 68  ? 0.5735 0.4202 0.3029 0.0245  -0.0304 -0.0276 524 ILE A O   
32  C CB  . ILE A 68  ? 0.4621 0.3071 0.2673 0.0082  -0.0225 -0.0419 524 ILE A CB  
33  C CG1 . ILE A 68  ? 0.4490 0.2928 0.2859 0.0007  -0.0129 -0.0347 524 ILE A CG1 
34  C CG2 . ILE A 68  ? 0.4357 0.2989 0.2602 0.0074  -0.0224 -0.0614 524 ILE A CG2 
35  C CD1 . ILE A 68  ? 0.3540 0.2143 0.2382 -0.0016 -0.0158 -0.0494 524 ILE A CD1 
36  N N   . THR A 69  ? 0.4895 0.3528 0.2406 0.0174  -0.0101 -0.0386 525 THR A N   
37  C CA  . THR A 69  ? 0.6400 0.5104 0.3614 0.0246  -0.0143 -0.0440 525 THR A CA  
38  C C   . THR A 69  ? 0.5819 0.4614 0.3104 0.0243  -0.0182 -0.0669 525 THR A C   
39  O O   . THR A 69  ? 0.5619 0.4425 0.2658 0.0303  -0.0286 -0.0772 525 THR A O   
40  C CB  . THR A 69  ? 0.6906 0.5657 0.3989 0.0247  0.0019  -0.0291 525 THR A CB  
41  O OG1 . THR A 69  ? 0.5033 0.3833 0.2378 0.0185  0.0155  -0.0280 525 THR A OG1 
42  C CG2 . THR A 69  ? 0.7247 0.5936 0.4281 0.0244  0.0043  -0.0092 525 THR A CG2 
43  N N   . ASP A 70  ? 0.5978 0.4828 0.3605 0.0175  -0.0102 -0.0752 526 ASP A N   
44  C CA  . ASP A 70  ? 0.6856 0.5779 0.4614 0.0149  -0.0120 -0.0979 526 ASP A CA  
45  C C   . ASP A 70  ? 0.5333 0.4201 0.3095 0.0154  -0.0316 -0.1119 526 ASP A C   
46  O O   . ASP A 70  ? 0.4939 0.3776 0.2968 0.0118  -0.0375 -0.1115 526 ASP A O   
47  C CB  . ASP A 70  ? 0.6266 0.5268 0.4473 0.0082  -0.0008 -0.1033 526 ASP A CB  
48  C CG  . ASP A 70  ? 0.5173 0.4196 0.3528 0.0020  0.0021  -0.1261 526 ASP A CG  
49  O OD1 . ASP A 70  ? 0.6033 0.5004 0.4065 0.0047  -0.0012 -0.1351 526 ASP A OD1 
50  O OD2 . ASP A 70  ? 0.5921 0.4940 0.4671 -0.0045 0.0081  -0.1270 526 ASP A OD2 
51  N N   . PRO A 71  ? 0.5098 0.3948 0.2584 0.0213  -0.0436 -0.1241 527 PRO A N   
52  C CA  . PRO A 71  ? 0.5344 0.4171 0.2873 0.0253  -0.0682 -0.1374 527 PRO A CA  
53  C C   . PRO A 71  ? 0.6022 0.4840 0.4041 0.0159  -0.0694 -0.1489 527 PRO A C   
54  O O   . PRO A 71  ? 0.4978 0.3816 0.3239 0.0171  -0.0829 -0.1488 527 PRO A O   
55  C CB  . PRO A 71  ? 0.5890 0.4711 0.3075 0.0324  -0.0769 -0.1513 527 PRO A CB  
56  C CG  . PRO A 71  ? 0.6778 0.5606 0.3620 0.0354  -0.0586 -0.1373 527 PRO A CG  
57  C CD  . PRO A 71  ? 0.5451 0.4318 0.2587 0.0262  -0.0366 -0.1262 527 PRO A CD  
58  N N   . MET A 72  ? 0.5854 0.4628 0.4036 0.0072  -0.0540 -0.1566 528 MET A N   
59  C CA  . MET A 72  ? 0.5167 0.3881 0.3777 -0.0004 -0.0521 -0.1617 528 MET A CA  
60  C C   . MET A 72  ? 0.6284 0.4997 0.5155 -0.0052 -0.0431 -0.1454 528 MET A C   
61  O O   . MET A 72  ? 0.6769 0.5500 0.5999 -0.0067 -0.0495 -0.1475 528 MET A O   
62  C CB  . MET A 72  ? 0.7600 0.6172 0.6227 -0.0062 -0.0343 -0.1645 528 MET A CB  
63  C CG  . MET A 72  ? 0.6645 0.5191 0.5148 -0.0024 -0.0453 -0.1857 528 MET A CG  
64  S SD  . MET A 72  ? 0.8269 0.6933 0.7128 0.0013  -0.0754 -0.2072 528 MET A SD  
65  C CE  . MET A 72  ? 0.7842 0.6517 0.7293 -0.0063 -0.0648 -0.1965 528 MET A CE  
66  N N   . ASP A 73  ? 0.7601 0.6342 0.6355 -0.0069 -0.0282 -0.1305 529 ASP A N   
67  C CA  . ASP A 73  ? 0.5302 0.4050 0.4277 -0.0104 -0.0209 -0.1164 529 ASP A CA  
68  C C   . ASP A 73  ? 0.7212 0.5990 0.6186 -0.0024 -0.0431 -0.1162 529 ASP A C   
69  O O   . ASP A 73  ? 0.5664 0.4432 0.4934 -0.0047 -0.0447 -0.1131 529 ASP A O   
70  C CB  . ASP A 73  ? 0.6515 0.5426 0.5536 -0.0084 -0.0069 -0.1050 529 ASP A CB  
71  C CG  . ASP A 73  ? 0.6947 0.6023 0.6341 -0.0044 0.0013  -0.1022 529 ASP A CG  
72  O OD1 . ASP A 73  ? 0.6474 0.4953 0.5378 -0.0091 0.0047  -0.0912 529 ASP A OD1 
73  O OD2 . ASP A 73  ? 0.5923 0.4911 0.5167 0.0026  0.0022  -0.0879 529 ASP A OD2 
74  N N   . LEU A 74  ? 0.4456 0.3244 0.3064 0.0082  -0.0598 -0.1172 530 LEU A N   
75  C CA  . LEU A 74  ? 0.4448 0.3221 0.2997 0.0177  -0.0833 -0.1164 530 LEU A CA  
76  C C   . LEU A 74  ? 0.4023 0.2879 0.2973 0.0181  -0.1008 -0.1333 530 LEU A C   
77  O O   . LEU A 74  ? 0.4558 0.3435 0.3800 0.0197  -0.1105 -0.1318 530 LEU A O   
78  C CB  . LEU A 74  ? 0.4783 0.3536 0.2812 0.0297  -0.0956 -0.1125 530 LEU A CB  
79  C CG  . LEU A 74  ? 0.4756 0.3409 0.2471 0.0316  -0.0824 -0.0890 530 LEU A CG  
80  C CD1 . LEU A 74  ? 0.5548 0.4174 0.2811 0.0434  -0.0927 -0.0800 530 LEU A CD1 
81  C CD2 . LEU A 74  ? 0.5046 0.3603 0.2973 0.0283  -0.0815 -0.0787 530 LEU A CD2 
82  N N   . LEU A 75  ? 0.6335 0.5244 0.5341 0.0169  -0.1051 -0.1498 531 LEU A N   
83  C CA  . LEU A 75  ? 0.4769 0.3783 0.4230 0.0174  -0.1215 -0.1666 531 LEU A CA  
84  C C   . LEU A 75  ? 0.4392 0.3430 0.4381 0.0082  -0.1058 -0.1604 531 LEU A C   
85  O O   . LEU A 75  ? 0.5576 0.4713 0.5974 0.0108  -0.1179 -0.1645 531 LEU A O   
86  C CB  . LEU A 75  ? 0.5338 0.4369 0.4765 0.0166  -0.1256 -0.1849 531 LEU A CB  
87  C CG  . LEU A 75  ? 0.5774 0.4812 0.4725 0.0284  -0.1463 -0.1937 531 LEU A CG  
88  C CD1 . LEU A 75  ? 0.7248 0.6264 0.6109 0.0268  -0.1463 -0.2116 531 LEU A CD1 
89  C CD2 . LEU A 75  ? 0.7342 0.6481 0.6428 0.0394  -0.1771 -0.2016 531 LEU A CD2 
90  N N   A ARG A 76  ? 0.5810 0.4756 0.5779 -0.0012 -0.0783 -0.1489 532 ARG A N   
91  N N   B ARG A 76  ? 0.4839 0.3786 0.4810 -0.0011 -0.0783 -0.1490 532 ARG A N   
92  C CA  A ARG A 76  ? 0.5808 0.4765 0.6162 -0.0073 -0.0616 -0.1384 532 ARG A CA  
93  C CA  B ARG A 76  ? 0.5396 0.4354 0.5753 -0.0073 -0.0618 -0.1385 532 ARG A CA  
94  C C   A ARG A 76  ? 0.5765 0.4727 0.6190 -0.0059 -0.0602 -0.1252 532 ARG A C   
95  C C   B ARG A 76  ? 0.4680 0.3646 0.5112 -0.0057 -0.0612 -0.1258 532 ARG A C   
96  O O   A ARG A 76  ? 0.4205 0.3251 0.5039 -0.0072 -0.0561 -0.1223 532 ARG A O   
97  O O   B ARG A 76  ? 0.5455 0.4510 0.6306 -0.0065 -0.0585 -0.1238 532 ARG A O   
98  C CB  A ARG A 76  ? 0.5359 0.4188 0.5552 -0.0128 -0.0375 -0.1253 532 ARG A CB  
99  C CB  B ARG A 76  ? 0.4712 0.3540 0.4904 -0.0128 -0.0375 -0.1249 532 ARG A CB  
100 C CG  A ARG A 76  ? 0.6299 0.5118 0.6529 -0.0132 -0.0379 -0.1390 532 ARG A CG  
101 C CG  B ARG A 76  ? 0.3945 0.2844 0.4511 -0.0142 -0.0236 -0.1139 532 ARG A CG  
102 C CD  A ARG A 76  ? 0.5436 0.4208 0.5724 -0.0142 -0.0194 -0.1291 532 ARG A CD  
103 C CD  B ARG A 76  ? 0.3589 0.2455 0.4117 -0.0150 -0.0072 -0.1055 532 ARG A CD  
104 N NE  A ARG A 76  ? 0.5829 0.4554 0.6070 -0.0139 -0.0191 -0.1416 532 ARG A NE  
105 N NE  B ARG A 76  ? 0.5062 0.3971 0.5810 -0.0163 -0.0067 -0.1194 532 ARG A NE  
106 C CZ  A ARG A 76  ? 0.4817 0.3397 0.4626 -0.0113 -0.0156 -0.1403 532 ARG A CZ  
107 C CZ  B ARG A 76  ? 0.5716 0.4766 0.6974 -0.0189 -0.0002 -0.1252 532 ARG A CZ  
108 N NH1 A ARG A 76  ? 0.4420 0.2903 0.3839 -0.0097 -0.0111 -0.1266 532 ARG A NH1 
109 N NH1 B ARG A 76  ? 0.4082 0.3251 0.5666 -0.0200 0.0073  -0.1180 532 ARG A NH1 
110 N NH2 A ARG A 76  ? 0.5492 0.4022 0.5282 -0.0102 -0.0149 -0.1528 532 ARG A NH2 
111 N NH2 B ARG A 76  ? 0.4807 0.3872 0.6258 -0.0205 0.0005  -0.1386 532 ARG A NH2 
112 N N   . LEU A 77  ? 0.3223 0.2106 0.3272 -0.0027 -0.0630 -0.1175 533 LEU A N   
113 C CA  . LEU A 77  ? 0.3618 0.2476 0.3717 0.0002  -0.0655 -0.1066 533 LEU A CA  
114 C C   . LEU A 77  ? 0.4852 0.3815 0.5263 0.0087  -0.0931 -0.1190 533 LEU A C   
115 O O   . LEU A 77  ? 0.3833 0.2857 0.4644 0.0079  -0.0905 -0.1156 533 LEU A O   
116 C CB  . LEU A 77  ? 0.4324 0.3064 0.3949 0.0042  -0.0665 -0.0965 533 LEU A CB  
117 C CG  . LEU A 77  ? 0.3457 0.2097 0.3049 0.0087  -0.0724 -0.0843 533 LEU A CG  
118 C CD1 . LEU A 77  ? 0.3592 0.2255 0.3464 -0.0001 -0.0457 -0.0719 533 LEU A CD1 
119 C CD2 . LEU A 77  ? 0.3221 0.1684 0.2259 0.0137  -0.0748 -0.0717 533 LEU A CD2 
120 N N   . PHE A 78  ? 0.3267 0.2265 0.3488 0.0178  -0.1193 -0.1329 534 PHE A N   
121 C CA  . PHE A 78  ? 0.3477 0.2566 0.3927 0.0283  -0.1497 -0.1439 534 PHE A CA  
122 C C   . PHE A 78  ? 0.3338 0.2601 0.4504 0.0247  -0.1491 -0.1551 534 PHE A C   
123 O O   . PHE A 78  ? 0.3229 0.2549 0.4796 0.0276  -0.1550 -0.1533 534 PHE A O   
124 C CB  . PHE A 78  ? 0.3945 0.3058 0.4003 0.0390  -0.1741 -0.1554 534 PHE A CB  
125 C CG  . PHE A 78  ? 0.4157 0.3122 0.3519 0.0461  -0.1751 -0.1408 534 PHE A CG  
126 C CD1 . PHE A 78  ? 0.3947 0.2756 0.3116 0.0438  -0.1614 -0.1212 534 PHE A CD1 
127 C CD2 . PHE A 78  ? 0.4608 0.3582 0.3508 0.0553  -0.1876 -0.1452 534 PHE A CD2 
128 C CE1 . PHE A 78  ? 0.4169 0.2841 0.2724 0.0503  -0.1591 -0.1045 534 PHE A CE1 
129 C CE2 . PHE A 78  ? 0.4826 0.3681 0.3112 0.0619  -0.1825 -0.1274 534 PHE A CE2 
130 C CZ  . PHE A 78  ? 0.4595 0.3307 0.2732 0.0592  -0.1674 -0.1063 534 PHE A CZ  
131 N N   . ASP A 79  ? 0.5633 0.4973 0.6990 0.0184  -0.1402 -0.1655 535 ASP A N   
132 C CA  . ASP A 79  ? 0.5550 0.5057 0.7599 0.0157  -0.1381 -0.1757 535 ASP A CA  
133 C C   . ASP A 79  ? 0.6552 0.6086 0.8959 0.0103  -0.1142 -0.1598 535 ASP A C   
134 O O   . ASP A 79  ? 0.7090 0.6776 1.0106 0.0094  -0.1098 -0.1661 535 ASP A O   
135 C CB  . ASP A 79  ? 0.5355 0.4888 0.7493 0.0089  -0.1273 -0.1855 535 ASP A CB  
136 C CG  . ASP A 79  ? 0.6091 0.5594 0.7842 0.0136  -0.1474 -0.2014 535 ASP A CG  
137 O OD1 . ASP A 79  ? 0.8134 0.7568 0.9395 0.0215  -0.1630 -0.1993 535 ASP A OD1 
138 O OD2 . ASP A 79  ? 0.7476 0.7013 0.9388 0.0101  -0.1467 -0.2153 535 ASP A OD2 
139 N N   . GLY A 80  ? 0.5791 0.5185 0.7829 0.0073  -0.0975 -0.1397 536 GLY A N   
140 C CA  . GLY A 80  ? 0.3352 0.2766 0.5611 0.0029  -0.0740 -0.1236 536 GLY A CA  
141 C C   . GLY A 80  ? 0.3651 0.3003 0.5854 0.0080  -0.0820 -0.1149 536 GLY A C   
142 O O   . GLY A 80  ? 0.4129 0.3538 0.6620 0.0067  -0.0683 -0.1059 536 GLY A O   
143 N N   . VAL A 81  ? 0.3984 0.3208 0.5790 0.0148  -0.1039 -0.1169 537 VAL A N   
144 C CA  . VAL A 81  ? 0.4908 0.4041 0.6688 0.0222  -0.1182 -0.1102 537 VAL A CA  
145 C C   . VAL A 81  ? 0.5095 0.4370 0.7379 0.0326  -0.1504 -0.1270 537 VAL A C   
146 O O   . VAL A 81  ? 0.4531 0.3871 0.7263 0.0345  -0.1496 -0.1234 537 VAL A O   
147 C CB  . VAL A 81  ? 0.3824 0.2718 0.4921 0.0274  -0.1296 -0.1031 537 VAL A CB  
148 C CG1 . VAL A 81  ? 0.5378 0.4147 0.6407 0.0405  -0.1619 -0.1037 537 VAL A CG1 
149 C CG2 . VAL A 81  ? 0.3276 0.2034 0.4041 0.0187  -0.0964 -0.0820 537 VAL A CG2 
150 N N   . GLN A 82  ? 0.3594 0.2930 0.5785 0.0396  -0.1774 -0.1446 538 GLN A N   
151 C CA  . GLN A 82  ? 0.5925 0.5393 0.8487 0.0509  -0.2095 -0.1602 538 GLN A CA  
152 C C   . GLN A 82  ? 0.3624 0.3265 0.7038 0.0481  -0.1983 -0.1654 538 GLN A C   
153 O O   . GLN A 82  ? 0.3762 0.3517 0.7486 0.0392  -0.1746 -0.1680 538 GLN A O   
154 C CB  . GLN A 82  ? 0.5553 0.5100 0.7896 0.0551  -0.2278 -0.1775 538 GLN A CB  
155 C CG  . GLN A 82  ? 0.4998 0.4680 0.7639 0.0664  -0.2599 -0.1930 538 GLN A CG  
156 C CD  . GLN A 82  ? 0.5863 0.5476 0.8100 0.0794  -0.2836 -0.1819 538 GLN A CD  
157 O OE1 . GLN A 82  ? 0.6316 0.5789 0.7822 0.0840  -0.2852 -0.1688 538 GLN A OE1 
158 N NE2 . GLN A 82  ? 0.6776 0.6486 0.9484 0.0856  -0.2989 -0.1847 538 GLN A NE2 
159 N N   . ASP A 83  ? 0.3468 0.3116 0.7232 0.0559  -0.2131 -0.1644 539 ASP A N   
160 C CA  . ASP A 83  ? 0.3464 0.3239 0.8057 0.0568  -0.2055 -0.1693 539 ASP A CA  
161 C C   . ASP A 83  ? 0.3777 0.3674 0.8657 0.0463  -0.1670 -0.1500 539 ASP A C   
162 O O   . ASP A 83  ? 0.5122 0.5124 1.0490 0.0404  -0.1526 -0.1480 539 ASP A O   
163 C CB  . ASP A 83  ? 0.5708 0.5645 1.0783 0.0557  -0.2069 -0.1895 539 ASP A CB  
164 C CG  . ASP A 83  ? 0.6117 0.6096 1.1013 0.0637  -0.2458 -0.2075 539 ASP A CG  
165 O OD1 . ASP A 83  ? 0.4779 0.4723 0.9431 0.0722  -0.2705 -0.2034 539 ASP A OD1 
166 O OD2 . ASP A 83  ? 0.5216 0.5293 1.0196 0.0618  -0.2508 -0.2237 539 ASP A OD2 
167 N N   . SER A 84  ? 0.3481 0.3254 0.7736 0.0346  -0.1410 -0.1324 540 SER A N   
168 C CA  . SER A 84  ? 0.4062 0.3832 0.8269 0.0229  -0.1004 -0.1126 540 SER A CA  
169 C C   . SER A 84  ? 0.2603 0.2316 0.6902 0.0253  -0.1016 -0.1024 540 SER A C   
170 O O   . SER A 84  ? 0.4178 0.3711 0.8146 0.0342  -0.1238 -0.0991 540 SER A O   
171 C CB  . SER A 84  ? 0.3082 0.2634 0.6486 0.0165  -0.0770 -0.0963 540 SER A CB  
172 O OG  . SER A 84  ? 0.3497 0.3017 0.6749 0.0096  -0.0420 -0.0794 540 SER A OG  
173 N N   . THR A 85  ? 0.3690 0.3523 0.8392 0.0189  -0.0769 -0.0965 541 THR A N   
174 C CA  . THR A 85  ? 0.2791 0.2527 0.7482 0.0219  -0.0723 -0.0851 541 THR A CA  
175 C C   . THR A 85  ? 0.3129 0.2655 0.7121 0.0205  -0.0412 -0.0638 541 THR A C   
176 O O   . THR A 85  ? 0.4584 0.3991 0.8409 0.0260  -0.0376 -0.0535 541 THR A O   
177 C CB  . THR A 85  ? 0.4850 0.4789 1.0356 0.0163  -0.0646 -0.0918 541 THR A CB  
178 O OG1 . THR A 85  ? 0.3655 0.3643 0.9170 0.0077  -0.0247 -0.0816 541 THR A OG1 
179 C CG2 . THR A 85  ? 0.3999 0.4098 1.0100 0.0159  -0.0903 -0.1150 541 THR A CG2 
180 N N   . PHE A 86  ? 0.2915 0.2390 0.6487 0.0146  -0.0219 -0.0586 542 PHE A N   
181 C CA  . PHE A 86  ? 0.3239 0.2542 0.6206 0.0129  0.0029  -0.0432 542 PHE A CA  
182 C C   . PHE A 86  ? 0.3817 0.2875 0.6168 0.0186  -0.0055 -0.0339 542 PHE A C   
183 O O   . PHE A 86  ? 0.4190 0.3188 0.6463 0.0227  -0.0272 -0.0370 542 PHE A O   
184 C CB  . PHE A 86  ? 0.3551 0.2869 0.6271 0.0067  0.0176  -0.0419 542 PHE A CB  
185 C CG  . PHE A 86  ? 0.3026 0.2559 0.6306 0.0017  0.0298  -0.0490 542 PHE A CG  
186 C CD1 . PHE A 86  ? 0.3638 0.3290 0.7410 0.0000  0.0447  -0.0483 542 PHE A CD1 
187 C CD2 . PHE A 86  ? 0.3415 0.3025 0.6754 -0.0014 0.0276  -0.0563 542 PHE A CD2 
188 C CE1 . PHE A 86  ? 0.4346 0.4203 0.8720 -0.0053 0.0592  -0.0545 542 PHE A CE1 
189 C CE2 . PHE A 86  ? 0.4712 0.4516 0.8603 -0.0051 0.0403  -0.0629 542 PHE A CE2 
190 C CZ  . PHE A 86  ? 0.3411 0.3350 0.7851 -0.0072 0.0568  -0.0620 542 PHE A CZ  
191 N N   . SER A 87  ? 0.3130 0.2072 0.5154 0.0184  0.0104  -0.0242 543 SER A N   
192 C CA  . SER A 87  ? 0.3023 0.1745 0.4524 0.0217  0.0057  -0.0161 543 SER A CA  
193 C C   . SER A 87  ? 0.3001 0.1643 0.4112 0.0185  -0.0007 -0.0160 543 SER A C   
194 O O   . SER A 87  ? 0.3107 0.1856 0.4308 0.0137  0.0011  -0.0215 543 SER A O   
195 C CB  . SER A 87  ? 0.4392 0.3060 0.5731 0.0201  0.0227  -0.0100 543 SER A CB  
196 O OG  . SER A 87  ? 0.2911 0.1675 0.4226 0.0139  0.0377  -0.0106 543 SER A OG  
197 N N   . LEU A 88  ? 0.2616 0.1067 0.3312 0.0211  -0.0057 -0.0090 544 LEU A N   
198 C CA  . LEU A 88  ? 0.3689 0.2062 0.4022 0.0169  -0.0054 -0.0074 544 LEU A CA  
199 C C   . LEU A 88  ? 0.2455 0.0892 0.2700 0.0103  0.0025  -0.0083 544 LEU A C   
200 O O   . LEU A 88  ? 0.3899 0.2404 0.4139 0.0067  0.0028  -0.0123 544 LEU A O   
201 C CB  . LEU A 88  ? 0.2677 0.0912 0.2732 0.0192  -0.0021 0.0026  544 LEU A CB  
202 C CG  . LEU A 88  ? 0.2939 0.1280 0.2948 0.0142  0.0001  0.0059  544 LEU A CG  
203 C CD1 . LEU A 88  ? 0.2539 0.0909 0.2557 0.0140  -0.0141 -0.0026 544 LEU A CD1 
204 C CD2 . LEU A 88  ? 0.2696 0.1008 0.2606 0.0173  -0.0108 0.0169  544 LEU A CD2 
205 N N   . GLY A 89  ? 0.4625 0.3103 0.4900 0.0094  0.0100  -0.0049 545 GLY A N   
206 C CA  . GLY A 89  ? 0.3534 0.2156 0.3821 0.0052  0.0238  -0.0044 545 GLY A CA  
207 C C   . GLY A 89  ? 0.5458 0.4221 0.5972 0.0029  0.0335  -0.0091 545 GLY A C   
208 O O   . GLY A 89  ? 0.5207 0.4019 0.5616 0.0001  0.0349  -0.0098 545 GLY A O   
209 N N   . THR A 90  ? 0.2758 0.1606 0.3644 0.0039  0.0404  -0.0124 546 THR A N   
210 C CA  . THR A 90  ? 0.3114 0.2119 0.4321 0.0010  0.0503  -0.0174 546 THR A CA  
211 C C   . THR A 90  ? 0.3841 0.2846 0.5029 -0.0003 0.0348  -0.0237 546 THR A C   
212 O O   . THR A 90  ? 0.3760 0.2848 0.5017 -0.0033 0.0413  -0.0265 546 THR A O   
213 C CB  . THR A 90  ? 0.4489 0.3601 0.6187 0.0016  0.0583  -0.0205 546 THR A CB  
214 O OG1 . THR A 90  ? 0.2704 0.1804 0.4396 0.0021  0.0790  -0.0145 546 THR A OG1 
215 C CG2 . THR A 90  ? 0.4570 0.3852 0.6682 -0.0021 0.0651  -0.0272 546 THR A CG2 
216 N N   . VAL A 91  ? 0.2083 0.0974 0.3154 0.0026  0.0159  -0.0259 547 VAL A N   
217 C CA  . VAL A 91  ? 0.2116 0.0998 0.3172 0.0020  0.0025  -0.0339 547 VAL A CA  
218 C C   . VAL A 91  ? 0.2106 0.0889 0.2742 -0.0007 0.0035  -0.0307 547 VAL A C   
219 O O   . VAL A 91  ? 0.2768 0.1594 0.3437 -0.0031 0.0017  -0.0373 547 VAL A O   
220 C CB  . VAL A 91  ? 0.3145 0.1948 0.4200 0.0073  -0.0156 -0.0371 547 VAL A CB  
221 C CG1 . VAL A 91  ? 0.2784 0.1558 0.3750 0.0080  -0.0326 -0.0456 547 VAL A CG1 
222 C CG2 . VAL A 91  ? 0.2242 0.1241 0.3963 0.0098  -0.0238 -0.0471 547 VAL A CG2 
223 N N   . THR A 92  ? 0.2847 0.1513 0.3132 -0.0004 0.0053  -0.0215 548 THR A N   
224 C CA  . THR A 92  ? 0.3727 0.2392 0.3775 -0.0025 0.0035  -0.0181 548 THR A CA  
225 C C   . THR A 92  ? 0.4069 0.2921 0.4307 -0.0053 0.0208  -0.0190 548 THR A C   
226 O O   . THR A 92  ? 0.3375 0.2256 0.3630 -0.0069 0.0205  -0.0234 548 THR A O   
227 C CB  . THR A 92  ? 0.3566 0.2279 0.3557 -0.0024 0.0029  -0.0103 548 THR A CB  
228 O OG1 . THR A 92  ? 0.4548 0.3298 0.4678 -0.0002 -0.0066 -0.0084 548 THR A OG1 
229 C CG2 . THR A 92  ? 0.3009 0.1819 0.2845 -0.0052 0.0122  -0.0074 548 THR A CG2 
230 N N   . GLU A 93  ? 0.3903 0.2840 0.4237 -0.0053 0.0376  -0.0150 549 GLU A N   
231 C CA  . GLU A 93  ? 0.3714 0.2760 0.4145 -0.0068 0.0576  -0.0143 549 GLU A CA  
232 C C   . GLU A 93  ? 0.3748 0.2865 0.4447 -0.0087 0.0586  -0.0211 549 GLU A C   
233 O O   . GLU A 93  ? 0.3478 0.2635 0.4142 -0.0103 0.0668  -0.0211 549 GLU A O   
234 C CB  . GLU A 93  ? 0.3536 0.2611 0.4096 -0.0055 0.0751  -0.0114 549 GLU A CB  
235 C CG  . GLU A 93  ? 0.4296 0.3310 0.4542 -0.0038 0.0835  -0.0059 549 GLU A CG  
236 C CD  . GLU A 93  ? 0.3108 0.2118 0.3404 -0.0024 0.1068  -0.0032 549 GLU A CD  
237 O OE1 . GLU A 93  ? 0.3234 0.2181 0.3503 -0.0006 0.1119  -0.0011 549 GLU A OE1 
238 O OE2 . GLU A 93  ? 0.4283 0.3324 0.4613 -0.0026 0.1133  -0.0029 549 GLU A OE2 
239 N N   . ILE A 94  ? 0.3855 0.2991 0.4844 -0.0086 0.0501  -0.0280 550 ILE A N   
240 C CA  . ILE A 94  ? 0.2456 0.1683 0.3764 -0.0106 0.0501  -0.0371 550 ILE A CA  
241 C C   . ILE A 94  ? 0.3368 0.2513 0.4432 -0.0112 0.0366  -0.0417 550 ILE A C   
242 O O   . ILE A 94  ? 0.3056 0.2255 0.4228 -0.0133 0.0424  -0.0460 550 ILE A O   
243 C CB  . ILE A 94  ? 0.3087 0.2389 0.4816 -0.0098 0.0423  -0.0454 550 ILE A CB  
244 C CG1 . ILE A 94  ? 0.3928 0.3329 0.5972 -0.0098 0.0614  -0.0409 550 ILE A CG1 
245 C CG2 . ILE A 94  ? 0.3827 0.3222 0.5881 -0.0115 0.0363  -0.0582 550 ILE A CG2 
246 C CD1 . ILE A 94  ? 0.3586 0.3127 0.6205 -0.0099 0.0586  -0.0499 550 ILE A CD1 
247 N N   . ALA A 95  ? 0.4106 0.3099 0.4831 -0.0094 0.0200  -0.0408 551 ALA A N   
248 C CA  . ALA A 95  ? 0.4953 0.3835 0.5407 -0.0097 0.0095  -0.0454 551 ALA A CA  
249 C C   . ALA A 95  ? 0.5385 0.4303 0.5689 -0.0106 0.0186  -0.0392 551 ALA A C   
250 O O   . ALA A 95  ? 0.4790 0.3716 0.5094 -0.0116 0.0190  -0.0447 551 ALA A O   
251 C CB  . ALA A 95  ? 0.4074 0.2760 0.4161 -0.0083 -0.0021 -0.0442 551 ALA A CB  
252 N N   . GLN A 96  ? 0.5428 0.4396 0.5636 -0.0105 0.0281  -0.0289 552 GLN A N   
253 C CA  . GLN A 96  ? 0.6602 0.5629 0.6665 -0.0117 0.0402  -0.0232 552 GLN A CA  
254 C C   . GLN A 96  ? 0.7357 0.6458 0.7607 -0.0136 0.0546  -0.0255 552 GLN A C   
255 O O   . GLN A 96  ? 0.5524 0.4630 0.5689 -0.0146 0.0585  -0.0254 552 GLN A O   
256 C CB  . GLN A 96  ? 0.5425 0.4475 0.5318 -0.0111 0.0500  -0.0145 552 GLN A CB  
257 C CG  . GLN A 96  ? 0.7080 0.6149 0.6731 -0.0114 0.0582  -0.0100 552 GLN A CG  
258 C CD  . GLN A 96  ? 0.5807 0.4873 0.5272 -0.0091 0.0625  -0.0060 552 GLN A CD  
259 O OE1 . GLN A 96  ? 0.5225 0.4273 0.4743 -0.0079 0.0673  -0.0056 552 GLN A OE1 
260 N NE2 . GLN A 96  ? 0.5105 0.4227 0.4475 -0.0076 0.0517  -0.0044 552 GLN A NE2 
261 N N   . LYS A 97  ? 0.4076 0.3240 0.4615 -0.0140 0.0643  -0.0276 553 LYS A N   
262 C CA  . LYS A 97  ? 0.4837 0.4068 0.5615 -0.0158 0.0790  -0.0303 553 LYS A CA  
263 C C   . LYS A 97  ? 0.5611 0.4818 0.6452 -0.0174 0.0687  -0.0398 553 LYS A C   
264 O O   . LYS A 97  ? 0.4117 0.3324 0.4919 -0.0185 0.0766  -0.0390 553 LYS A O   
265 C CB  . LYS A 97  ? 0.5186 0.4495 0.6349 -0.0162 0.0899  -0.0328 553 LYS A CB  
266 C CG  . LYS A 97  ? 0.3784 0.3123 0.5013 -0.0156 0.1158  -0.0260 553 LYS A CG  
267 C CD  . LYS A 97  ? 0.4202 0.3588 0.5829 -0.0171 0.1242  -0.0315 553 LYS A CD  
268 C CE  . LYS A 97  ? 0.5447 0.4725 0.6910 -0.0136 0.1353  -0.0224 553 LYS A CE  
269 N NZ  . LYS A 97  ? 0.5106 0.4321 0.6381 -0.0099 0.1379  -0.0149 553 LYS A NZ  
270 N N   . ASN A 98  ? 0.6178 0.5342 0.7077 -0.0168 0.0505  -0.0496 554 ASN A N   
271 C CA  . ASN A 98  ? 0.6751 0.5869 0.7661 -0.0173 0.0400  -0.0615 554 ASN A CA  
272 C C   . ASN A 98  ? 0.6542 0.5544 0.7047 -0.0154 0.0321  -0.0594 554 ASN A C   
273 O O   . ASN A 98  ? 0.5549 0.4507 0.6016 -0.0152 0.0282  -0.0682 554 ASN A O   
274 C CB  . ASN A 98  ? 0.5058 0.4163 0.6111 -0.0165 0.0233  -0.0741 554 ASN A CB  
275 C CG  . ASN A 98  ? 0.7206 0.6469 0.8808 -0.0184 0.0301  -0.0814 554 ASN A CG  
276 O OD1 . ASN A 98  ? 0.6301 0.5618 0.8172 -0.0200 0.0297  -0.0933 554 ASN A OD1 
277 N ND2 . ASN A 98  ? 0.4950 0.4287 0.6748 -0.0178 0.0375  -0.0749 554 ASN A ND2 
278 N N   . LEU A 99  ? 0.4090 0.3062 0.4335 -0.0137 0.0307  -0.0489 555 LEU A N   
279 C CA  . LEU A 99  ? 0.6083 0.5006 0.6045 -0.0116 0.0256  -0.0464 555 LEU A CA  
280 C C   . LEU A 99  ? 0.4507 0.3504 0.4357 -0.0140 0.0409  -0.0320 555 LEU A C   
281 O O   . LEU A 99  ? 0.6057 0.5043 0.5737 -0.0137 0.0390  -0.0249 555 LEU A O   
282 C CB  . LEU A 99  ? 0.5879 0.4712 0.5671 -0.0070 0.0064  -0.0515 555 LEU A CB  
283 C CG  . LEU A 99  ? 0.5811 0.4456 0.5471 -0.0070 -0.0051 -0.0628 555 LEU A CG  
284 C CD1 . LEU A 99  ? 0.5272 0.3906 0.4747 -0.0145 0.0022  -0.0626 555 LEU A CD1 
285 C CD2 . LEU A 99  ? 0.6616 0.5206 0.6166 -0.0072 -0.0052 -0.0736 555 LEU A CD2 
286 N N   . PRO A 100 ? 0.3540 0.2591 0.3450 -0.0159 0.0564  -0.0278 556 PRO A N   
287 C CA  . PRO A 100 ? 0.3139 0.2228 0.2902 -0.0160 0.0693  -0.0166 556 PRO A CA  
288 C C   . PRO A 100 ? 0.4005 0.3078 0.3510 -0.0155 0.0665  -0.0107 556 PRO A C   
289 O O   . PRO A 100 ? 0.2527 0.1687 0.2003 -0.0111 0.0577  -0.0064 556 PRO A O   
290 C CB  . PRO A 100 ? 0.3622 0.2742 0.3521 -0.0164 0.0844  -0.0158 556 PRO A CB  
291 C CG  . PRO A 100 ? 0.2661 0.1783 0.2847 -0.0179 0.0810  -0.0263 556 PRO A CG  
292 C CD  . PRO A 100 ? 0.4257 0.3318 0.4362 -0.0172 0.0624  -0.0345 556 PRO A CD  
293 N N   . GLN A 101 ? 0.4866 0.3877 0.4299 -0.0168 0.0612  -0.0133 557 GLN A N   
294 C CA  . GLN A 101 ? 0.5363 0.4396 0.4666 -0.0153 0.0560  -0.0077 557 GLN A CA  
295 C C   . GLN A 101 ? 0.3469 0.2550 0.2707 -0.0133 0.0454  -0.0049 557 GLN A C   
296 O O   . GLN A 101 ? 0.3602 0.2804 0.2887 -0.0104 0.0390  -0.0030 557 GLN A O   
297 C CB  . GLN A 101 ? 0.4133 0.3039 0.3343 -0.0180 0.0592  -0.0111 557 GLN A CB  
298 C CG  . GLN A 101 ? 0.5325 0.4196 0.4529 -0.0145 0.0460  -0.0235 557 GLN A CG  
299 C CD  . GLN A 101 ? 0.6048 0.4952 0.5475 -0.0117 0.0397  -0.0386 557 GLN A CD  
300 O OE1 . GLN A 101 ? 0.5270 0.4210 0.4875 -0.0135 0.0434  -0.0369 557 GLN A OE1 
301 N NE2 . GLN A 101 ? 0.4136 0.3016 0.3537 -0.0066 0.0303  -0.0542 557 GLN A NE2 
302 N N   . TYR A 102 ? 0.2139 0.1113 0.1275 -0.0151 0.0455  -0.0061 558 TYR A N   
303 C CA  . TYR A 102 ? 0.3398 0.2390 0.2469 -0.0133 0.0364  -0.0039 558 TYR A CA  
304 C C   . TYR A 102 ? 0.3268 0.2351 0.2421 -0.0112 0.0353  -0.0038 558 TYR A C   
305 O O   . TYR A 102 ? 0.2329 0.1431 0.1561 -0.0108 0.0412  -0.0045 558 TYR A O   
306 C CB  . TYR A 102 ? 0.2855 0.1658 0.1767 -0.0146 0.0315  -0.0058 558 TYR A CB  
307 C CG  . TYR A 102 ? 0.4279 0.3025 0.3173 -0.0129 0.0262  -0.0135 558 TYR A CG  
308 C CD1 . TYR A 102 ? 0.4258 0.2883 0.2924 -0.0128 0.0273  -0.0088 558 TYR A CD1 
309 C CD2 . TYR A 102 ? 0.3733 0.2545 0.2840 -0.0100 0.0203  -0.0293 558 TYR A CD2 
310 C CE1 . TYR A 102 ? 0.3254 0.1906 0.1835 -0.0082 0.0241  -0.0207 558 TYR A CE1 
311 C CE2 . TYR A 102 ? 0.4762 0.3593 0.3813 -0.0061 0.0152  -0.0428 558 TYR A CE2 
312 C CZ  . TYR A 102 ? 0.3514 0.2303 0.2282 -0.0046 0.0175  -0.0384 558 TYR A CZ  
313 O OH  . TYR A 102 ? 0.5154 0.4000 0.3804 0.0001  0.0144  -0.0521 558 TYR A OH  
314 N N   . ASN A 103 ? 0.3959 0.3059 0.3083 -0.0102 0.0298  -0.0038 559 ASN A N   
315 C CA  . ASN A 103 ? 0.5417 0.4526 0.4556 -0.0093 0.0299  -0.0040 559 ASN A CA  
316 C C   . ASN A 103 ? 0.5488 0.4462 0.4508 -0.0104 0.0295  -0.0033 559 ASN A C   
317 O O   . ASN A 103 ? 0.5174 0.4048 0.4075 -0.0114 0.0252  -0.0027 559 ASN A O   
318 C CB  . ASN A 103 ? 0.6034 0.5146 0.5159 -0.0096 0.0271  -0.0048 559 ASN A CB  
319 C CG  . ASN A 103 ? 0.4482 0.3468 0.3480 -0.0120 0.0250  -0.0048 559 ASN A CG  
320 O OD1 . ASN A 103 ? 0.4222 0.3161 0.3174 -0.0124 0.0245  -0.0049 559 ASN A OD1 
321 N ND2 . ASN A 103 ? 0.5640 0.4528 0.4543 -0.0142 0.0246  -0.0043 559 ASN A ND2 
322 N N   . LYS A 104 ? 0.3774 0.2721 0.2805 -0.0096 0.0339  -0.0032 560 LYS A N   
323 C CA  . LYS A 104 ? 0.4965 0.3831 0.4045 -0.0095 0.0311  -0.0018 560 LYS A CA  
324 C C   . LYS A 104 ? 0.4020 0.2801 0.3001 -0.0100 0.0218  0.0003  560 LYS A C   
325 O O   . LYS A 104 ? 0.3973 0.2700 0.3015 -0.0092 0.0139  0.0017  560 LYS A O   
326 C CB  . LYS A 104 ? 0.4843 0.3715 0.4000 -0.0079 0.0371  -0.0016 560 LYS A CB  
327 C CG  . LYS A 104 ? 0.5533 0.4461 0.4834 -0.0071 0.0475  -0.0029 560 LYS A CG  
328 C CD  . LYS A 104 ? 0.3616 0.2517 0.2955 -0.0052 0.0555  -0.0023 560 LYS A CD  
329 C CE  . LYS A 104 ? 0.3999 0.2937 0.3286 -0.0036 0.0630  -0.0023 560 LYS A CE  
330 N NZ  . LYS A 104 ? 0.5102 0.4107 0.4550 -0.0036 0.0696  -0.0025 560 LYS A NZ  
331 N N   . GLN A 105 ? 0.4064 0.2811 0.2916 -0.0111 0.0223  -0.0002 561 GLN A N   
332 C CA  . GLN A 105 ? 0.3683 0.2340 0.2477 -0.0122 0.0160  0.0030  561 GLN A CA  
333 C C   . GLN A 105 ? 0.4086 0.2680 0.2790 -0.0120 0.0114  0.0040  561 GLN A C   
334 O O   . GLN A 105 ? 0.4862 0.3371 0.3541 -0.0104 0.0050  0.0095  561 GLN A O   
335 C CB  . GLN A 105 ? 0.5348 0.3984 0.4090 -0.0149 0.0181  0.0026  561 GLN A CB  
336 C CG  . GLN A 105 ? 0.4452 0.3006 0.3196 -0.0164 0.0145  0.0101  561 GLN A CG  
337 C CD  . GLN A 105 ? 0.5981 0.4489 0.4797 -0.0142 0.0113  0.0142  561 GLN A CD  
338 O OE1 . GLN A 105 ? 0.5620 0.4158 0.4504 -0.0128 0.0134  0.0114  561 GLN A OE1 
339 N NE2 . GLN A 105 ? 0.4603 0.3031 0.3413 -0.0130 0.0071  0.0224  561 GLN A NE2 
340 N N   . THR A 106 ? 0.4461 0.3077 0.3100 -0.0126 0.0149  -0.0005 562 THR A N   
341 C CA  . THR A 106 ? 0.4877 0.3396 0.3404 -0.0116 0.0110  -0.0002 562 THR A CA  
342 C C   . THR A 106 ? 0.4619 0.3043 0.3092 -0.0090 0.0025  0.0015  562 THR A C   
343 O O   . THR A 106 ? 0.5446 0.3592 0.3631 -0.0055 -0.0078 0.0025  562 THR A O   
344 C CB  . THR A 106 ? 0.4022 0.2651 0.2650 -0.0120 0.0158  -0.0024 562 THR A CB  
345 O OG1 . THR A 106 ? 0.3211 0.1775 0.1791 -0.0143 0.0210  -0.0025 562 THR A OG1 
346 C CG2 . THR A 106 ? 0.3146 0.1526 0.1539 -0.0107 0.0130  -0.0020 562 THR A CG2 
347 N N   . ILE A 107 ? 0.4270 0.2870 0.3069 -0.0089 0.0045  -0.0002 563 ILE A N   
348 C CA  . ILE A 107 ? 0.4521 0.3087 0.3543 -0.0060 -0.0042 -0.0068 563 ILE A CA  
349 C C   . ILE A 107 ? 0.3327 0.1761 0.2311 -0.0027 -0.0131 -0.0028 563 ILE A C   
350 O O   . ILE A 107 ? 0.4289 0.2478 0.3071 0.0030  -0.0303 -0.0064 563 ILE A O   
351 C CB  . ILE A 107 ? 0.3821 0.2549 0.3214 -0.0071 0.0023  -0.0126 563 ILE A CB  
352 C CG1 . ILE A 107 ? 0.3368 0.2156 0.2736 -0.0089 0.0087  -0.0155 563 ILE A CG1 
353 C CG2 . ILE A 107 ? 0.3250 0.1995 0.3001 -0.0052 -0.0031 -0.0238 563 ILE A CG2 
354 C CD1 . ILE A 107 ? 0.4117 0.2991 0.3758 -0.0091 0.0132  -0.0200 563 ILE A CD1 
355 N N   . LYS A 108 ? 0.3863 0.2415 0.2993 -0.0041 -0.0062 0.0030  564 LYS A N   
356 C CA  . LYS A 108 ? 0.5563 0.4043 0.4736 -0.0008 -0.0116 0.0086  564 LYS A CA  
357 C C   . LYS A 108 ? 0.3685 0.1926 0.2445 0.0025  -0.0223 0.0151  564 LYS A C   
358 O O   . LYS A 108 ? 0.4026 0.2073 0.2658 0.0101  -0.0385 0.0171  564 LYS A O   
359 C CB  . LYS A 108 ? 0.5445 0.3971 0.4650 -0.0031 -0.0037 0.0118  564 LYS A CB  
360 C CG  . LYS A 108 ? 0.5148 0.3601 0.4454 0.0004  -0.0074 0.0178  564 LYS A CG  
361 C CD  . LYS A 108 ? 0.4784 0.3255 0.4133 -0.0016 -0.0005 0.0188  564 LYS A CD  
362 C CE  . LYS A 108 ? 0.4720 0.3287 0.4093 -0.0040 0.0080  0.0123  564 LYS A CE  
363 N NZ  . LYS A 108 ? 0.4215 0.2844 0.3828 -0.0025 0.0085  0.0079  564 LYS A NZ  
364 N N   . ASN A 109 ? 0.5255 0.3537 0.3853 -0.0011 -0.0149 0.0180  565 ASN A N   
365 C CA  . ASN A 109 ? 0.4443 0.2597 0.2754 0.0027  -0.0194 0.0260  565 ASN A CA  
366 C C   . ASN A 109 ? 0.6448 0.4387 0.4422 0.0116  -0.0363 0.0233  565 ASN A C   
367 O O   . ASN A 109 ? 0.5080 0.2991 0.2901 0.0207  -0.0474 0.0306  565 ASN A O   
368 C CB  . ASN A 109 ? 0.4969 0.3259 0.3291 -0.0020 -0.0075 0.0275  565 ASN A CB  
369 C CG  . ASN A 109 ? 0.4363 0.2717 0.2832 -0.0070 0.0002  0.0302  565 ASN A CG  
370 O OD1 . ASN A 109 ? 0.4811 0.3177 0.3412 -0.0082 0.0000  0.0278  565 ASN A OD1 
371 N ND2 . ASN A 109 ? 0.5233 0.3605 0.3651 -0.0092 0.0068  0.0358  565 ASN A ND2 
372 N N   . THR A 110 ? 0.5406 0.3236 0.3276 0.0112  -0.0405 0.0121  566 THR A N   
373 C CA  . THR A 110 ? 0.4964 0.2760 0.2588 0.0217  -0.0613 0.0026  566 THR A CA  
374 C C   . THR A 110 ? 0.7104 0.4936 0.4964 0.0302  -0.0837 -0.0047 566 THR A C   
375 O O   . THR A 110 ? 0.5248 0.3132 0.2903 0.0421  -0.1048 -0.0071 566 THR A O   
376 C CB  . THR A 110 ? 0.5629 0.3520 0.3393 0.0164  -0.0558 -0.0168 566 THR A CB  
377 O OG1 . THR A 110 ? 0.6147 0.4084 0.3883 0.0093  -0.0333 -0.0075 566 THR A OG1 
378 C CG2 . THR A 110 ? 0.5844 0.3922 0.3583 0.0249  -0.0714 -0.0316 566 THR A CG2 
379 N N   . ILE A 111 ? 0.5573 0.3400 0.3896 0.0250  -0.0787 -0.0089 567 ILE A N   
380 C CA  . ILE A 111 ? 0.3872 0.1776 0.2559 0.0323  -0.0967 -0.0163 567 ILE A CA  
381 C C   . ILE A 111 ? 0.6244 0.4065 0.4716 0.0435  -0.1092 0.0018  567 ILE A C   
382 O O   . ILE A 111 ? 0.6262 0.4173 0.4672 0.0561  -0.1338 -0.0022 567 ILE A O   
383 C CB  . ILE A 111 ? 0.3406 0.1428 0.2642 0.0236  -0.0783 -0.0196 567 ILE A CB  
384 C CG1 . ILE A 111 ? 0.3076 0.1332 0.2638 0.0162  -0.0681 -0.0358 567 ILE A CG1 
385 C CG2 . ILE A 111 ? 0.3861 0.1920 0.3438 0.0310  -0.0901 -0.0192 567 ILE A CG2 
386 C CD1 . ILE A 111 ? 0.3322 0.1777 0.3239 0.0070  -0.0364 -0.0315 567 ILE A CD1 
387 N N   . LYS A 112 ? 0.6221 0.3978 0.4637 0.0370  -0.0891 0.0187  568 LYS A N   
388 C CA  . LYS A 112 ? 0.7168 0.4958 0.5488 0.0427  -0.0901 0.0333  568 LYS A CA  
389 C C   . LYS A 112 ? 0.5114 0.2933 0.3033 0.0525  -0.1015 0.0377  568 LYS A C   
390 O O   . LYS A 112 ? 0.6486 0.4337 0.4353 0.0619  -0.1101 0.0474  568 LYS A O   
391 C CB  . LYS A 112 ? 0.5889 0.3772 0.4304 0.0311  -0.0627 0.0440  568 LYS A CB  
392 C CG  . LYS A 112 ? 0.5812 0.3796 0.4647 0.0253  -0.0494 0.0417  568 LYS A CG  
393 C CD  . LYS A 112 ? 0.4854 0.2908 0.3792 0.0233  -0.0367 0.0541  568 LYS A CD  
394 C CE  . LYS A 112 ? 0.6239 0.4398 0.5411 0.0142  -0.0214 0.0484  568 LYS A CE  
395 N NZ  . LYS A 112 ? 0.3720 0.1950 0.2765 0.0058  -0.0149 0.0412  568 LYS A NZ  
396 N N   . GLU A 113 ? 0.7593 0.5443 0.5261 0.0503  -0.0987 0.0307  569 GLU A N   
397 C CA  . GLU A 113 ? 0.6691 0.4638 0.4035 0.0586  -0.1032 0.0337  569 GLU A CA  
398 C C   . GLU A 113 ? 0.5965 0.3993 0.3276 0.0723  -0.1331 0.0191  569 GLU A C   
399 O O   . GLU A 113 ? 0.7455 0.5537 0.4610 0.0832  -0.1438 0.0262  569 GLU A O   
400 C CB  . GLU A 113 ? 0.6823 0.4830 0.4003 0.0515  -0.0863 0.0300  569 GLU A CB  
401 C CG  . GLU A 113 ? 0.8359 0.6476 0.5223 0.0602  -0.0905 0.0302  569 GLU A CG  
402 C CD  . GLU A 113 ? 0.6484 0.4619 0.3202 0.0629  -0.0812 0.0519  569 GLU A CD  
403 O OE1 . GLU A 113 ? 0.7561 0.5658 0.4479 0.0560  -0.0690 0.0653  569 GLU A OE1 
404 O OE2 . GLU A 113 ? 0.8465 0.6651 0.4878 0.0717  -0.0862 0.0552  569 GLU A OE2 
405 N N   . TYR A 114 ? 0.8537 0.6610 0.6048 0.0713  -0.1472 -0.0028 570 TYR A N   
406 C CA  . TYR A 114 ? 0.7735 0.5976 0.5310 0.0805  -0.1725 -0.0234 570 TYR A CA  
407 C C   . TYR A 114 ? 0.7962 0.6287 0.6007 0.0868  -0.1982 -0.0343 570 TYR A C   
408 O O   . TYR A 114 ? 0.8106 0.6601 0.6296 0.0939  -0.2196 -0.0521 570 TYR A O   
409 C CB  . TYR A 114 ? 0.8696 0.7024 0.6349 0.0728  -0.1682 -0.0449 570 TYR A CB  
410 C CG  . TYR A 114 ? 0.8027 0.6363 0.5290 0.0700  -0.1479 -0.0393 570 TYR A CG  
411 C CD1 . TYR A 114 ? 0.8334 0.6777 0.5335 0.0784  -0.1567 -0.0460 570 TYR A CD1 
412 C CD2 . TYR A 114 ? 0.8297 0.6545 0.5490 0.0591  -0.1209 -0.0282 570 TYR A CD2 
413 C CE1 . TYR A 114 ? 0.7425 0.5882 0.4113 0.0762  -0.1386 -0.0414 570 TYR A CE1 
414 C CE2 . TYR A 114 ? 0.6454 0.4758 0.3405 0.0568  -0.1031 -0.0238 570 TYR A CE2 
415 C CZ  . TYR A 114 ? 0.7578 0.5983 0.4274 0.0654  -0.1118 -0.0303 570 TYR A CZ  
416 O OH  . TYR A 114 ? 0.9343 0.7797 0.5805 0.0635  -0.0949 -0.0265 570 TYR A OH  
417 N N   . ALA A 115 ? 0.7199 0.5429 0.5549 0.0843  -0.1949 -0.0241 571 ALA A N   
418 C CA  . ALA A 115 ? 0.6753 0.5109 0.5739 0.0882  -0.2140 -0.0362 571 ALA A CA  
419 C C   . ALA A 115 ? 0.5459 0.3718 0.4588 0.0930  -0.2074 -0.0153 571 ALA A C   
420 O O   . ALA A 115 ? 0.5151 0.3246 0.3927 0.0902  -0.1867 0.0067  571 ALA A O   
421 C CB  . ALA A 115 ? 0.6577 0.4996 0.6109 0.0714  -0.1933 -0.0524 571 ALA A CB  
422 N N   . ILE A 116 ? 0.5275 0.3677 0.5008 0.0976  -0.2206 -0.0248 572 ILE A N   
423 C CA  . ILE A 116 ? 0.5135 0.3520 0.5047 0.1035  -0.2174 -0.0101 572 ILE A CA  
424 C C   . ILE A 116 ? 0.4758 0.3298 0.5466 0.1011  -0.2181 -0.0243 572 ILE A C   
425 O O   . ILE A 116 ? 0.5297 0.4048 0.6424 0.1011  -0.2355 -0.0473 572 ILE A O   
426 C CB  . ILE A 116 ? 0.5742 0.4212 0.5346 0.1177  -0.2387 -0.0048 572 ILE A CB  
427 C CG1 . ILE A 116 ? 0.7542 0.5831 0.6589 0.1195  -0.2210 0.0224  572 ILE A CG1 
428 C CG2 . ILE A 116 ? 0.6753 0.5398 0.6899 0.1267  -0.2564 -0.0111 572 ILE A CG2 
429 C CD1 . ILE A 116 ? 0.5467 0.3666 0.4726 0.1201  -0.2055 0.0405  572 ILE A CD1 
430 N N   . ARG A 117 ? 0.5537 0.4003 0.6465 0.0966  -0.1943 -0.0121 573 ARG A N   
431 C CA  . ARG A 117 ? 0.6590 0.5219 0.8225 0.0920  -0.1852 -0.0228 573 ARG A CA  
432 C C   . ARG A 117 ? 0.5397 0.4145 0.7289 0.1050  -0.2026 -0.0192 573 ARG A C   
433 O O   . ARG A 117 ? 0.6170 0.4793 0.7814 0.1110  -0.1942 -0.0001 573 ARG A O   
434 C CB  . ARG A 117 ? 0.5622 0.4157 0.7272 0.0780  -0.1435 -0.0137 573 ARG A CB  
435 C CG  . ARG A 117 ? 0.5085 0.3813 0.7332 0.0684  -0.1268 -0.0269 573 ARG A CG  
436 C CD  . ARG A 117 ? 0.4945 0.3607 0.7012 0.0567  -0.0859 -0.0180 573 ARG A CD  
437 N NE  . ARG A 117 ? 0.4866 0.3718 0.7436 0.0502  -0.0701 -0.0267 573 ARG A NE  
438 C CZ  . ARG A 117 ? 0.3792 0.2611 0.6267 0.0453  -0.0411 -0.0205 573 ARG A CZ  
439 N NH1 . ARG A 117 ? 0.4524 0.3126 0.6432 0.0460  -0.0273 -0.0091 573 ARG A NH1 
440 N NH2 . ARG A 117 ? 0.3247 0.2239 0.6190 0.0401  -0.0279 -0.0268 573 ARG A NH2 
441 N N   . SER A 118 ? 0.7495 0.4271 0.9735 0.2084  0.0554  -0.0804 574 SER A N   
442 C CA  . SER A 118 ? 0.7792 0.4840 1.0619 0.2487  0.0295  -0.0940 574 SER A CA  
443 C C   . SER A 118 ? 0.7593 0.5181 1.1070 0.2507  0.0735  -0.1093 574 SER A C   
444 O O   . SER A 118 ? 0.7130 0.5065 1.0818 0.2089  0.1169  -0.1125 574 SER A O   
445 C CB  . SER A 118 ? 0.7809 0.5466 1.1280 0.2410  -0.0239 -0.0996 574 SER A CB  
446 O OG  . SER A 118 ? 0.7266 0.5890 1.1570 0.1917  -0.0076 -0.1083 574 SER A OG  
447 N N   . SER A 119 ? 0.8067 0.5642 1.1760 0.3049  0.0615  -0.1186 575 SER A N   
448 C CA  . SER A 119 ? 0.8120 0.6191 1.2387 0.3263  0.0974  -0.1354 575 SER A CA  
449 C C   . SER A 119 ? 0.8008 0.7340 1.3473 0.3497  0.0658  -0.1455 575 SER A C   
450 O O   . SER A 119 ? 0.8516 0.7830 1.4078 0.4053  0.0260  -0.1453 575 SER A O   
451 C CB  . SER A 119 ? 0.8996 0.6032 1.2322 0.3745  0.1074  -0.1347 575 SER A CB  
452 O OG  . SER A 119 ? 0.9049 0.5466 1.1540 0.3334  0.1480  -0.1286 575 SER A OG  
453 N N   . GLY A 120 ? 0.9017 0.9504 1.5380 0.3042  0.0815  -0.1510 576 GLY A N   
454 C CA  . GLY A 120 ? 0.8812 1.0746 1.6370 0.3106  0.0496  -0.1536 576 GLY A CA  
455 C C   . GLY A 120 ? 0.7925 1.0466 1.6048 0.3893  0.0578  -0.1637 576 GLY A C   
456 O O   . GLY A 120 ? 1.0004 1.2683 1.8218 0.4105  0.1127  -0.1768 576 GLY A O   
457 N N   . LYS A 121 ? 1.0948 1.3791 1.9361 0.4378  0.0032  -0.1573 577 LYS A N   
458 C CA  . LYS A 121 ? 1.1799 1.5579 2.0951 0.5182  0.0048  -0.1638 577 LYS A CA  
459 C C   . LYS A 121 ? 1.1189 1.7100 2.1821 0.4893  0.0106  -0.1617 577 LYS A C   
460 O O   . LYS A 121 ? 0.8929 1.6193 2.0502 0.5092  -0.0351 -0.1499 577 LYS A O   
461 C CB  . LYS A 121 ? 1.2257 1.5802 2.1296 0.5770  -0.0602 -0.1541 577 LYS A CB  
462 C CG  . LYS A 121 ? 1.1183 1.2794 1.8763 0.5756  -0.0827 -0.1468 577 LYS A CG  
463 C CD  . LYS A 121 ? 1.2826 1.2923 1.9015 0.5787  -0.0223 -0.1453 577 LYS A CD  
464 C CE  . LYS A 121 ? 1.1207 0.9748 1.6065 0.5465  -0.0358 -0.1309 577 LYS A CE  
465 N NZ  . LYS A 121 ? 1.3702 1.1860 1.8191 0.5711  -0.0903 -0.1158 577 LYS A NZ  
466 N N   . GLY A 122 ? 1.3815 2.0096 2.4646 0.4374  0.0650  -0.1698 578 GLY A N   
467 C CA  . GLY A 122 ? 1.3503 2.1661 2.5564 0.3798  0.0676  -0.1637 578 GLY A CA  
468 C C   . GLY A 122 ? 1.1847 1.9853 2.3749 0.2800  0.0232  -0.1495 578 GLY A C   
469 O O   . GLY A 122 ? 1.0926 1.8589 2.2525 0.2099  0.0523  -0.1528 578 GLY A O   
470 N N   . ASP A 123 ? 1.7526 2.5620 2.9482 0.2762  -0.0497 -0.1334 579 ASP A N   
471 C CA  . ASP A 123 ? 1.8310 2.6159 2.9967 0.1874  -0.1027 -0.1185 579 ASP A CA  
472 C C   . ASP A 123 ? 1.8036 2.4075 2.8430 0.2013  -0.1484 -0.1135 579 ASP A C   
473 O O   . ASP A 123 ? 1.7645 2.3311 2.7866 0.2705  -0.1750 -0.1119 579 ASP A O   
474 C CB  . ASP A 123 ? 1.8276 2.8011 3.1096 0.1491  -0.1569 -0.0985 579 ASP A CB  
475 C CG  . ASP A 123 ? 1.8442 2.9302 3.2097 0.2353  -0.1794 -0.0919 579 ASP A CG  
476 O OD1 . ASP A 123 ? 1.6940 2.9917 3.1895 0.2227  -0.1950 -0.0764 579 ASP A OD1 
477 O OD2 . ASP A 123 ? 1.7697 2.7380 3.0693 0.3159  -0.1818 -0.1000 579 ASP A OD2 
478 N N   . LEU A 124 ? 1.4027 1.8927 2.3478 0.1407  -0.1566 -0.1106 580 LEU A N   
479 C CA  . LEU A 124 ? 1.5257 2.0403 2.4763 0.0650  -0.1230 -0.1134 580 LEU A CA  
480 C C   . LEU A 124 ? 1.3252 1.7540 2.2218 0.0890  -0.0487 -0.1280 580 LEU A C   
481 O O   . LEU A 124 ? 1.3045 1.6368 2.1398 0.1512  -0.0360 -0.1320 580 LEU A O   
482 C CB  . LEU A 124 ? 1.5457 1.9714 2.4078 -0.0058 -0.1750 -0.1012 580 LEU A CB  
483 C CG  . LEU A 124 ? 1.5130 1.7446 2.2196 -0.0015 -0.1838 -0.0994 580 LEU A CG  
484 C CD1 . LEU A 124 ? 1.4726 1.6057 2.1179 0.0806  -0.1790 -0.1015 580 LEU A CD1 
485 C CD2 . LEU A 124 ? 1.5607 1.7416 2.2184 -0.0402 -0.1308 -0.1050 580 LEU A CD2 
486 N N   . PRO A 125 ? 1.0768 1.5395 1.9911 0.0359  -0.0026 -0.1339 581 PRO A N   
487 C CA  . PRO A 125 ? 0.8879 1.2749 1.7501 0.0506  0.0648  -0.1444 581 PRO A CA  
488 C C   . PRO A 125 ? 0.9473 1.1702 1.6788 0.0634  0.0589  -0.1372 581 PRO A C   
489 O O   . PRO A 125 ? 1.0635 1.2206 1.7355 0.0617  0.0075  -0.1264 581 PRO A O   
490 C CB  . PRO A 125 ? 0.9908 1.4371 1.8849 -0.0246 0.0982  -0.1473 581 PRO A CB  
491 C CG  . PRO A 125 ? 1.0039 1.4963 1.9166 -0.0866 0.0390  -0.1353 581 PRO A CG  
492 C CD  . PRO A 125 ? 0.8310 1.3973 1.8048 -0.0467 -0.0112 -0.1289 581 PRO A CD  
493 N N   . ARG A 126 ? 0.5709 0.7298 1.2516 0.0752  0.1134  -0.1411 582 ARG A N   
494 C CA  . ARG A 126 ? 0.6388 0.6663 1.2030 0.0910  0.1154  -0.1296 582 ARG A CA  
495 C C   . ARG A 126 ? 0.5893 0.5665 1.0883 0.0473  0.0952  -0.1169 582 ARG A C   
496 O O   . ARG A 126 ? 0.6719 0.6570 1.1627 0.0000  0.1260  -0.1156 582 ARG A O   
497 C CB  . ARG A 126 ? 0.5927 0.5770 1.1176 0.0938  0.1764  -0.1316 582 ARG A CB  
498 C CG  . ARG A 126 ? 0.5917 0.6348 1.1815 0.1189  0.2119  -0.1490 582 ARG A CG  
499 C CD  . ARG A 126 ? 0.6169 0.5711 1.1257 0.1226  0.2599  -0.1471 582 ARG A CD  
500 N NE  . ARG A 126 ? 0.6592 0.5054 1.0681 0.1458  0.2393  -0.1303 582 ARG A NE  
501 C CZ  . ARG A 126 ? 0.6875 0.4457 1.0021 0.1341  0.2676  -0.1173 582 ARG A CZ  
502 N NH1 . ARG A 126 ? 0.7684 0.5214 1.0699 0.0991  0.3161  -0.1204 582 ARG A NH1 
503 N NH2 . ARG A 126 ? 0.8460 0.5229 1.0749 0.1527  0.2460  -0.0989 582 ARG A NH2 
504 N N   . LYS A 127 ? 0.6362 0.5525 1.0778 0.0671  0.0433  -0.1074 583 LYS A N   
505 C CA  . LYS A 127 ? 0.6595 0.5055 1.0146 0.0421  0.0215  -0.0955 583 LYS A CA  
506 C C   . LYS A 127 ? 0.6965 0.4393 0.9418 0.0872  0.0224  -0.0805 583 LYS A C   
507 O O   . LYS A 127 ? 0.7161 0.4356 0.9518 0.1322  0.0215  -0.0791 583 LYS A O   
508 C CB  . LYS A 127 ? 0.7070 0.5580 1.0660 0.0196  -0.0444 -0.0952 583 LYS A CB  
509 C CG  . LYS A 127 ? 0.7770 0.5579 1.0785 0.0651  -0.0984 -0.0885 583 LYS A CG  
510 C CD  . LYS A 127 ? 0.8355 0.6178 1.1330 0.0278  -0.1669 -0.0858 583 LYS A CD  
511 C CE  . LYS A 127 ? 0.9018 0.6450 1.1743 0.0681  -0.2247 -0.0808 583 LYS A CE  
512 N NZ  . LYS A 127 ? 0.9495 0.7386 1.2564 0.0201  -0.2917 -0.0764 583 LYS A NZ  
513 N N   . TRP A 128 ? 0.3491 0.5581 0.2928 -0.0359 -0.0542 0.1451  584 TRP A N   
514 C CA  . TRP A 128 ? 0.3373 0.5512 0.2949 -0.0197 -0.0563 0.1172  584 TRP A CA  
515 C C   . TRP A 128 ? 0.3461 0.5720 0.3065 -0.0257 -0.0657 0.1050  584 TRP A C   
516 O O   . TRP A 128 ? 0.3740 0.5836 0.3282 -0.0431 -0.0817 0.1065  584 TRP A O   
517 C CB  . TRP A 128 ? 0.3608 0.5303 0.3117 -0.0065 -0.0751 0.0982  584 TRP A CB  
518 C CG  . TRP A 128 ? 0.3578 0.5210 0.3051 0.0057  -0.0711 0.1013  584 TRP A CG  
519 C CD1 . TRP A 128 ? 0.3823 0.5250 0.3040 0.0043  -0.0755 0.1208  584 TRP A CD1 
520 C CD2 . TRP A 128 ? 0.3328 0.5127 0.3060 0.0239  -0.0615 0.0816  584 TRP A CD2 
521 N NE1 . TRP A 128 ? 0.3753 0.5241 0.2989 0.0227  -0.0727 0.1118  584 TRP A NE1 
522 C CE2 . TRP A 128 ? 0.3438 0.5157 0.3040 0.0327  -0.0649 0.0853  584 TRP A CE2 
523 C CE3 . TRP A 128 ? 0.3055 0.5066 0.3159 0.0353  -0.0482 0.0608  584 TRP A CE3 
524 C CZ2 . TRP A 128 ? 0.3977 0.5851 0.3853 0.0498  -0.0595 0.0623  584 TRP A CZ2 
525 C CZ3 . TRP A 128 ? 0.3446 0.5577 0.3887 0.0502  -0.0385 0.0419  584 TRP A CZ3 
526 C CH2 . TRP A 128 ? 0.3698 0.5775 0.4045 0.0562  -0.0461 0.0397  584 TRP A CH2 
527 N N   . VAL A 129 ? 0.4556 0.7110 0.4285 -0.0092 -0.0541 0.0916  585 VAL A N   
528 C CA  . VAL A 129 ? 0.3977 0.6656 0.3679 -0.0062 -0.0653 0.0738  585 VAL A CA  
529 C C   . VAL A 129 ? 0.4860 0.7491 0.4652 0.0188  -0.0601 0.0527  585 VAL A C   
530 O O   . VAL A 129 ? 0.3142 0.5873 0.3129 0.0343  -0.0374 0.0559  585 VAL A O   
531 C CB  . VAL A 129 ? 0.4395 0.7661 0.4097 -0.0065 -0.0525 0.0850  585 VAL A CB  
532 C CG1 . VAL A 129 ? 0.5276 0.8606 0.4960 -0.0332 -0.0590 0.1039  585 VAL A CG1 
533 C CG2 . VAL A 129 ? 0.4704 0.8376 0.4522 0.0152  -0.0163 0.1004  585 VAL A CG2 
534 N N   . ILE A 130 ? 0.4833 0.7305 0.4543 0.0228  -0.0798 0.0296  586 ILE A N   
535 C CA  . ILE A 130 ? 0.3834 0.6293 0.3624 0.0489  -0.0729 0.0111  586 ILE A CA  
536 C C   . ILE A 130 ? 0.3476 0.6492 0.3274 0.0699  -0.0480 0.0178  586 ILE A C   
537 O O   . ILE A 130 ? 0.4438 0.7755 0.4067 0.0672  -0.0568 0.0159  586 ILE A O   
538 C CB  . ILE A 130 ? 0.5358 0.7423 0.5028 0.0486  -0.1016 -0.0157 586 ILE A CB  
539 C CG1 . ILE A 130 ? 0.5408 0.6928 0.5097 0.0416  -0.1171 -0.0198 586 ILE A CG1 
540 C CG2 . ILE A 130 ? 0.4070 0.6243 0.3779 0.0784  -0.0916 -0.0326 586 ILE A CG2 
541 C CD1 . ILE A 130 ? 0.4277 0.5565 0.3867 0.0172  -0.1285 -0.0030 586 ILE A CD1 
542 N N   . LYS A 131 ? 0.4749 0.7926 0.4778 0.0933  -0.0153 0.0251  587 LYS A N   
543 C CA  . LYS A 131 ? 0.6113 0.9827 0.6173 0.1176  0.0191  0.0420  587 LYS A CA  
544 C C   . LYS A 131 ? 0.4194 0.8126 0.3998 0.1414  0.0120  0.0275  587 LYS A C   
545 O O   . LYS A 131 ? 0.4277 0.8711 0.3902 0.1555  0.0222  0.0383  587 LYS A O   
546 C CB  . LYS A 131 ? 0.5920 0.9675 0.6400 0.1379  0.0603  0.0520  587 LYS A CB  
547 C CG  . LYS A 131 ? 0.4272 0.7690 0.5044 0.1189  0.0559  0.0479  587 LYS A CG  
548 C CD  . LYS A 131 ? 0.3816 0.7285 0.5130 0.1339  0.0965  0.0520  587 LYS A CD  
549 C CE  . LYS A 131 ? 0.3998 0.7180 0.5511 0.1504  0.1057  0.0349  587 LYS A CE  
550 N NZ  . LYS A 131 ? 0.3809 0.6632 0.5816 0.1387  0.1209  0.0202  587 LYS A NZ  
551 N N   . ASP A 132 ? 0.3619 0.7208 0.3379 0.1488  -0.0065 0.0019  588 ASP A N   
552 C CA  . ASP A 132 ? 0.3933 0.7699 0.3452 0.1784  -0.0103 -0.0150 588 ASP A CA  
553 C C   . ASP A 132 ? 0.4298 0.7840 0.3567 0.1575  -0.0572 -0.0448 588 ASP A C   
554 O O   . ASP A 132 ? 0.4500 0.7569 0.3775 0.1528  -0.0774 -0.0665 588 ASP A O   
555 C CB  . ASP A 132 ? 0.4013 0.7566 0.3727 0.2073  0.0104  -0.0214 588 ASP A CB  
556 C CG  . ASP A 132 ? 0.4302 0.8082 0.3733 0.2462  0.0145  -0.0336 588 ASP A CG  
557 O OD1 . ASP A 132 ? 0.4552 0.8654 0.3619 0.2500  -0.0053 -0.0437 588 ASP A OD1 
558 O OD2 . ASP A 132 ? 0.4352 0.8008 0.3940 0.2749  0.0373  -0.0347 588 ASP A OD2 
559 N N   . ALA A 133 ? 0.4405 0.8308 0.3505 0.1462  -0.0731 -0.0472 589 ALA A N   
560 C CA  . ALA A 133 ? 0.4773 0.8497 0.3768 0.1243  -0.1151 -0.0790 589 ALA A CA  
561 C C   . ALA A 133 ? 0.5161 0.8839 0.3957 0.1519  -0.1281 -0.1114 589 ALA A C   
562 O O   . ALA A 133 ? 0.5490 0.8792 0.4280 0.1349  -0.1597 -0.1417 589 ALA A O   
563 C CB  . ALA A 133 ? 0.4815 0.9041 0.3768 0.1103  -0.1276 -0.0793 589 ALA A CB  
564 N N   . GLN A 134 ? 0.5699 0.9740 0.4345 0.1965  -0.1007 -0.1040 590 GLN A N   
565 C CA  . GLN A 134 ? 0.5752 0.9767 0.4170 0.2308  -0.1068 -0.1305 590 GLN A CA  
566 C C   . GLN A 134 ? 0.5596 0.8905 0.4170 0.2206  -0.1142 -0.1417 590 GLN A C   
567 O O   . GLN A 134 ? 0.5925 0.8859 0.4448 0.2040  -0.1477 -0.1730 590 GLN A O   
568 C CB  . GLN A 134 ? 0.5519 1.0018 0.3786 0.2848  -0.0646 -0.1088 590 GLN A CB  
569 C CG  . GLN A 134 ? 0.5912 1.0360 0.3939 0.3279  -0.0612 -0.1283 590 GLN A CG  
570 C CD  . GLN A 134 ? 0.6050 1.1128 0.3805 0.3880  -0.0230 -0.1081 590 GLN A CD  
571 O OE1 . GLN A 134 ? 0.5791 1.1167 0.3684 0.3911  0.0059  -0.0690 590 GLN A OE1 
572 N NE2 . GLN A 134 ? 0.6899 1.2038 0.4353 0.4276  -0.0281 -0.1267 590 GLN A NE2 
573 N N   . ASN A 135 ? 0.7218 1.0362 0.6033 0.2313  -0.0818 -0.1175 591 ASN A N   
574 C CA  . ASN A 135 ? 0.6709 0.9260 0.5718 0.2259  -0.0869 -0.1267 591 ASN A CA  
575 C C   . ASN A 135 ? 0.6542 0.8586 0.5558 0.1858  -0.1261 -0.1449 591 ASN A C   
576 O O   . ASN A 135 ? 0.5998 0.7641 0.4940 0.1868  -0.1467 -0.1698 591 ASN A O   
577 C CB  . ASN A 135 ? 0.6215 0.8719 0.5626 0.2281  -0.0530 -0.0999 591 ASN A CB  
578 C CG  . ASN A 135 ? 0.6395 0.8365 0.6051 0.2226  -0.0612 -0.1114 591 ASN A CG  
579 O OD1 . ASN A 135 ? 0.5350 0.7105 0.4944 0.2428  -0.0659 -0.1293 591 ASN A OD1 
580 N ND2 . ASN A 135 ? 0.4912 0.6680 0.4830 0.1978  -0.0643 -0.1023 591 ASN A ND2 
581 N N   . TRP A 136 ? 0.5276 0.7326 0.4383 0.1525  -0.1336 -0.1306 592 TRP A N   
582 C CA  . TRP A 136 ? 0.5486 0.7061 0.4619 0.1172  -0.1645 -0.1419 592 TRP A CA  
583 C C   . TRP A 136 ? 0.5982 0.7430 0.4960 0.1155  -0.1928 -0.1776 592 TRP A C   
584 O O   . TRP A 136 ? 0.6274 0.7176 0.5282 0.1061  -0.2105 -0.1944 592 TRP A O   
585 C CB  . TRP A 136 ? 0.5291 0.7020 0.4502 0.0870  -0.1654 -0.1210 592 TRP A CB  
586 C CG  . TRP A 136 ? 0.5484 0.6684 0.4776 0.0543  -0.1862 -0.1212 592 TRP A CG  
587 C CD1 . TRP A 136 ? 0.5861 0.6500 0.5150 0.0487  -0.2055 -0.1404 592 TRP A CD1 
588 C CD2 . TRP A 136 ? 0.5356 0.6522 0.4740 0.0269  -0.1850 -0.0972 592 TRP A CD2 
589 N NE1 . TRP A 136 ? 0.5995 0.6250 0.5376 0.0212  -0.2142 -0.1279 592 TRP A NE1 
590 C CE2 . TRP A 136 ? 0.5694 0.6261 0.5126 0.0078  -0.2020 -0.1013 592 TRP A CE2 
591 C CE3 . TRP A 136 ? 0.5017 0.6589 0.4446 0.0189  -0.1685 -0.0707 592 TRP A CE3 
592 C CZ2 . TRP A 136 ? 0.5725 0.6094 0.5235 -0.0166 -0.2015 -0.0781 592 TRP A CZ2 
593 C CZ3 . TRP A 136 ? 0.5022 0.6402 0.4523 -0.0075 -0.1707 -0.0502 592 TRP A CZ3 
594 C CH2 . TRP A 136 ? 0.5383 0.6169 0.4920 -0.0240 -0.1864 -0.0532 592 TRP A CH2 
595 N N   . GLU A 137 ? 0.8896 1.0867 0.7721 0.1275  -0.1971 -0.1919 593 GLU A N   
596 C CA  . GLU A 137 ? 0.8011 0.9919 0.6731 0.1271  -0.2266 -0.2338 593 GLU A CA  
597 C C   . GLU A 137 ? 0.8312 0.9875 0.6898 0.1541  -0.2285 -0.2547 593 GLU A C   
598 O O   . GLU A 137 ? 0.9037 1.0213 0.7636 0.1435  -0.2532 -0.2868 593 GLU A O   
599 C CB  . GLU A 137 ? 0.8708 1.1356 0.7257 0.1444  -0.2317 -0.2487 593 GLU A CB  
600 C CG  . GLU A 137 ? 0.8012 1.0693 0.6478 0.1480  -0.2647 -0.3006 593 GLU A CG  
601 C CD  . GLU A 137 ? 0.8031 1.0454 0.6850 0.1001  -0.2926 -0.3214 593 GLU A CD  
602 O OE1 . GLU A 137 ? 0.9213 1.1523 0.8270 0.0686  -0.2843 -0.2908 593 GLU A OE1 
603 O OE2 . GLU A 137 ? 1.0096 1.2380 0.9019 0.0940  -0.3134 -0.3607 593 GLU A OE2 
604 N N   . ASN A 138 ? 1.0863 1.2542 0.9370 0.1889  -0.2002 -0.2369 594 ASN A N   
605 C CA  . ASN A 138 ? 1.0787 1.2129 0.9204 0.2153  -0.1991 -0.2536 594 ASN A CA  
606 C C   . ASN A 138 ? 1.1170 1.1794 0.9785 0.1910  -0.2113 -0.2547 594 ASN A C   
607 O O   . ASN A 138 ? 1.0232 1.0446 0.8783 0.1926  -0.2295 -0.2818 594 ASN A O   
608 C CB  . ASN A 138 ? 1.0104 1.1709 0.8519 0.2563  -0.1603 -0.2298 594 ASN A CB  
609 C CG  . ASN A 138 ? 0.8929 1.1251 0.7136 0.2857  -0.1406 -0.2189 594 ASN A CG  
610 O OD1 . ASN A 138 ? 1.1115 1.3771 0.9035 0.2943  -0.1610 -0.2438 594 ASN A OD1 
611 N ND2 . ASN A 138 ? 0.8128 1.0714 0.6506 0.3029  -0.1004 -0.1830 594 ASN A ND2 
612 N N   . LEU A 139 ? 0.8061 0.8546 0.6905 0.1721  -0.2005 -0.2258 595 LEU A N   
613 C CA  . LEU A 139 ? 0.6741 0.6604 0.5724 0.1538  -0.2127 -0.2243 595 LEU A CA  
614 C C   . LEU A 139 ? 0.8182 0.7663 0.7147 0.1245  -0.2404 -0.2433 595 LEU A C   
615 O O   . LEU A 139 ? 0.7479 0.6401 0.6469 0.1214  -0.2519 -0.2540 595 LEU A O   
616 C CB  . LEU A 139 ? 0.6306 0.6185 0.5490 0.1409  -0.1994 -0.1930 595 LEU A CB  
617 C CG  . LEU A 139 ? 0.5889 0.6134 0.5243 0.1665  -0.1685 -0.1768 595 LEU A CG  
618 C CD1 . LEU A 139 ? 0.5847 0.6090 0.5444 0.1535  -0.1591 -0.1540 595 LEU A CD1 
619 C CD2 . LEU A 139 ? 0.7650 0.7734 0.7069 0.1975  -0.1603 -0.1902 595 LEU A CD2 
620 N N   . ARG A 140 ? 0.7180 0.6952 0.6156 0.1037  -0.2492 -0.2479 596 ARG A N   
621 C CA  . ARG A 140 ? 0.7628 0.7059 0.6717 0.0760  -0.2724 -0.2710 596 ARG A CA  
622 C C   . ARG A 140 ? 0.9211 0.8520 0.8194 0.0923  -0.2883 -0.3138 596 ARG A C   
623 O O   . ARG A 140 ? 0.8606 0.7408 0.7731 0.0752  -0.3039 -0.3353 596 ARG A O   
624 C CB  . ARG A 140 ? 0.7557 0.7396 0.6781 0.0504  -0.2783 -0.2701 596 ARG A CB  
625 C CG  . ARG A 140 ? 0.7163 0.7051 0.6502 0.0302  -0.2640 -0.2288 596 ARG A CG  
626 C CD  . ARG A 140 ? 0.7191 0.7357 0.6744 0.0000  -0.2715 -0.2294 596 ARG A CD  
627 N NE  . ARG A 140 ? 0.6710 0.7445 0.6210 0.0020  -0.2548 -0.2001 596 ARG A NE  
628 C CZ  . ARG A 140 ? 0.6618 0.8019 0.6103 0.0055  -0.2570 -0.2090 596 ARG A CZ  
629 N NH1 . ARG A 140 ? 0.6982 0.8612 0.6505 0.0075  -0.2789 -0.2509 596 ARG A NH1 
630 N NH2 . ARG A 140 ? 0.7105 0.8972 0.6543 0.0088  -0.2381 -0.1780 596 ARG A NH2 
631 N N   . ALA A 141 ? 0.8394 0.8145 0.7132 0.1280  -0.2818 -0.3256 597 ALA A N   
632 C CA  . ALA A 141 ? 0.8891 0.8583 0.7460 0.1497  -0.2965 -0.3676 597 ALA A CA  
633 C C   . ALA A 141 ? 0.9049 0.8180 0.7566 0.1677  -0.2910 -0.3681 597 ALA A C   
634 O O   . ALA A 141 ? 0.9548 0.8294 0.8045 0.1693  -0.3071 -0.4012 597 ALA A O   
635 C CB  . ALA A 141 ? 0.8870 0.9294 0.7136 0.1879  -0.2898 -0.3776 597 ALA A CB  
636 N N   . ASN A 142 ? 1.2238 1.1332 1.0780 0.1818  -0.2683 -0.3342 598 ASN A N   
637 C CA  . ASN A 142 ? 1.2576 1.1165 1.1144 0.1972  -0.2637 -0.3328 598 ASN A CA  
638 C C   . ASN A 142 ? 1.1091 0.8993 0.9799 0.1701  -0.2808 -0.3392 598 ASN A C   
639 O O   . ASN A 142 ? 1.1389 0.8833 1.0067 0.1829  -0.2852 -0.3530 598 ASN A O   
640 C CB  . ASN A 142 ? 1.2280 1.0991 1.0997 0.2099  -0.2391 -0.2981 598 ASN A CB  
641 C CG  . ASN A 142 ? 1.2249 1.1522 1.0895 0.2444  -0.2132 -0.2897 598 ASN A CG  
642 O OD1 . ASN A 142 ? 1.0907 1.0539 0.9304 0.2623  -0.2142 -0.3063 598 ASN A OD1 
643 N ND2 . ASN A 142 ? 1.1555 1.0927 1.0448 0.2568  -0.1885 -0.2646 598 ASN A ND2 
644 N N   . ALA A 143 ? 1.2600 1.0414 1.1470 0.1356  -0.2871 -0.3266 599 ALA A N   
645 C CA  . ALA A 143 ? 1.2701 0.9869 1.1730 0.1114  -0.2982 -0.3307 599 ALA A CA  
646 C C   . ALA A 143 ? 1.1925 0.8904 1.1026 0.1011  -0.3161 -0.3747 599 ALA A C   
647 O O   . ALA A 143 ? 1.2276 0.8760 1.1625 0.0749  -0.3215 -0.3780 599 ALA A O   
648 C CB  . ALA A 143 ? 1.2697 0.9845 1.1899 0.0812  -0.2943 -0.3003 599 ALA A CB  
649 N N   . ASN A 144 ? 1.5608 1.2985 1.4532 0.1231  -0.3214 -0.4048 600 ASN A N   
650 C CA  . ASN A 144 ? 1.4920 1.2337 1.3956 0.1166  -0.3308 -0.4395 600 ASN A CA  
651 C C   . ASN A 144 ? 1.5892 1.3523 1.5237 0.0807  -0.3412 -0.4519 600 ASN A C   
652 O O   . ASN A 144 ? 1.5531 1.2738 1.5186 0.0486  -0.3420 -0.4413 600 ASN A O   
653 C CB  . ASN A 144 ? 1.6942 1.3663 1.6097 0.1139  -0.3299 -0.4475 600 ASN A CB  
# 
loop_
_pdbx_poly_seq_scheme.asym_id 
_pdbx_poly_seq_scheme.entity_id 
_pdbx_poly_seq_scheme.seq_id 
_pdbx_poly_seq_scheme.mon_id 
_pdbx_poly_seq_scheme.ndb_seq_num 
_pdbx_poly_seq_scheme.pdb_seq_num 
_pdbx_poly_seq_scheme.auth_seq_num 
_pdbx_poly_seq_scheme.pdb_mon_id 
_pdbx_poly_seq_scheme.auth_mon_id 
_pdbx_poly_seq_scheme.pdb_strand_id 
_pdbx_poly_seq_scheme.pdb_ins_code 
_pdbx_poly_seq_scheme.hetero 
A 1 1   SER 1   457 ?   ?   ?   A . n 
A 1 2   ASN 2   458 ?   ?   ?   A . n 
A 1 3   PHE 3   459 ?   ?   ?   A . n 
A 1 4   GLU 4   460 ?   ?   ?   A . n 
A 1 5   ASN 5   461 ?   ?   ?   A . n 
A 1 6   LEU 6   462 ?   ?   ?   A . n 
A 1 7   SER 7   463 ?   ?   ?   A . n 
A 1 8   GLU 8   464 ?   ?   ?   A . n 
A 1 9   GLU 9   465 ?   ?   ?   A . n 
A 1 10  ASN 10  466 ?   ?   ?   A . n 
A 1 11  LYS 11  467 ?   ?   ?   A . n 
A 1 12  ARG 12  468 ?   ?   ?   A . n 
A 1 13  TYR 13  469 ?   ?   ?   A . n 
A 1 14  LEU 14  470 ?   ?   ?   A . n 
A 1 15  GLN 15  471 ?   ?   ?   A . n 
A 1 16  GLN 16  472 ?   ?   ?   A . n 
A 1 17  LEU 17  473 ?   ?   ?   A . n 
A 1 18  LYS 18  474 ?   ?   ?   A . n 
A 1 19  ALA 19  475 ?   ?   ?   A . n 
A 1 20  GLU 20  476 ?   ?   ?   A . n 
A 1 21  VAL 21  477 ?   ?   ?   A . n 
A 1 22  ILE 22  478 ?   ?   ?   A . n 
A 1 23  ILE 23  479 ?   ?   ?   A . n 
A 1 24  GLU 24  480 ?   ?   ?   A . n 
A 1 25  THR 25  481 ?   ?   ?   A . n 
A 1 26  ASP 26  482 ?   ?   ?   A . n 
A 1 27  GLY 27  483 ?   ?   ?   A . n 
A 1 28  PRO 28  484 ?   ?   ?   A . n 
A 1 29  ILE 29  485 ?   ?   ?   A . n 
A 1 30  ASP 30  486 ?   ?   ?   A . n 
A 1 31  PRO 31  487 ?   ?   ?   A . n 
A 1 32  PHE 32  488 ?   ?   ?   A . n 
A 1 33  LYS 33  489 ?   ?   ?   A . n 
A 1 34  GLU 34  490 ?   ?   ?   A . n 
A 1 35  PRO 35  491 ?   ?   ?   A . n 
A 1 36  LYS 36  492 ?   ?   ?   A . n 
A 1 37  THR 37  493 ?   ?   ?   A . n 
A 1 38  SER 38  494 ?   ?   ?   A . n 
A 1 39  SER 39  495 ?   ?   ?   A . n 
A 1 40  LEU 40  496 ?   ?   ?   A . n 
A 1 41  PRO 41  497 ?   ?   ?   A . n 
A 1 42  SER 42  498 ?   ?   ?   A . n 
A 1 43  LYS 43  499 ?   ?   ?   A . n 
A 1 44  ARG 44  500 ?   ?   ?   A . n 
A 1 45  SER 45  501 ?   ?   ?   A . n 
A 1 46  ASN 46  502 ?   ?   ?   A . n 
A 1 47  SER 47  503 ?   ?   ?   A . n 
A 1 48  ASP 48  504 ?   ?   ?   A . n 
A 1 49  LEU 49  505 ?   ?   ?   A . n 
A 1 50  GLN 50  506 ?   ?   ?   A . n 
A 1 51  ALA 51  507 ?   ?   ?   A . n 
A 1 52  GLN 52  508 ?   ?   ?   A . n 
A 1 53  THR 53  509 ?   ?   ?   A . n 
A 1 54  ALA 54  510 ?   ?   ?   A . n 
A 1 55  SER 55  511 ?   ?   ?   A . n 
A 1 56  GLN 56  512 ?   ?   ?   A . n 
A 1 57  SER 57  513 ?   ?   ?   A . n 
A 1 58  GLN 58  514 ?   ?   ?   A . n 
A 1 59  SER 59  515 ?   ?   ?   A . n 
A 1 60  PRO 60  516 ?   ?   ?   A . n 
A 1 61  GLU 61  517 ?   ?   ?   A . n 
A 1 62  LYS 62  518 ?   ?   ?   A . n 
A 1 63  LYS 63  519 ?   ?   ?   A . n 
A 1 64  GLN 64  520 520 GLN GLN A . n 
A 1 65  LYS 65  521 521 LYS LYS A . n 
A 1 66  ALA 66  522 522 ALA ALA A . n 
A 1 67  MET 67  523 523 MET MET A . n 
A 1 68  ILE 68  524 524 ILE ILE A . n 
A 1 69  THR 69  525 525 THR THR A . n 
A 1 70  ASP 70  526 526 ASP ASP A . n 
A 1 71  PRO 71  527 527 PRO PRO A . n 
A 1 72  MET 72  528 528 MET MET A . n 
A 1 73  ASP 73  529 529 ASP ASP A . n 
A 1 74  LEU 74  530 530 LEU LEU A . n 
A 1 75  LEU 75  531 531 LEU LEU A . n 
A 1 76  ARG 76  532 532 ARG ARG A . n 
A 1 77  LEU 77  533 533 LEU LEU A . n 
A 1 78  PHE 78  534 534 PHE PHE A . n 
A 1 79  ASP 79  535 535 ASP ASP A . n 
A 1 80  GLY 80  536 536 GLY GLY A . n 
A 1 81  VAL 81  537 537 VAL VAL A . n 
A 1 82  GLN 82  538 538 GLN GLN A . n 
A 1 83  ASP 83  539 539 ASP ASP A . n 
A 1 84  SER 84  540 540 SER SER A . n 
A 1 85  THR 85  541 541 THR THR A . n 
A 1 86  PHE 86  542 542 PHE PHE A . n 
A 1 87  SER 87  543 543 SER SER A . n 
A 1 88  LEU 88  544 544 LEU LEU A . n 
A 1 89  GLY 89  545 545 GLY GLY A . n 
A 1 90  THR 90  546 546 THR THR A . n 
A 1 91  VAL 91  547 547 VAL VAL A . n 
A 1 92  THR 92  548 548 THR THR A . n 
A 1 93  GLU 93  549 549 GLU GLU A . n 
A 1 94  ILE 94  550 550 ILE ILE A . n 
A 1 95  ALA 95  551 551 ALA ALA A . n 
A 1 96  GLN 96  552 552 GLN GLN A . n 
A 1 97  LYS 97  553 553 LYS LYS A . n 
A 1 98  ASN 98  554 554 ASN ASN A . n 
A 1 99  LEU 99  555 555 LEU LEU A . n 
A 1 100 PRO 100 556 556 PRO PRO A . n 
A 1 101 GLN 101 557 557 GLN GLN A . n 
A 1 102 TYR 102 558 558 TYR TYR A . n 
A 1 103 ASN 103 559 559 ASN ASN A . n 
A 1 104 LYS 104 560 560 LYS LYS A . n 
A 1 105 GLN 105 561 561 GLN GLN A . n 
A 1 106 THR 106 562 562 THR THR A . n 
A 1 107 ILE 107 563 563 ILE ILE A . n 
A 1 108 LYS 108 564 564 LYS LYS A . n 
A 1 109 ASN 109 565 565 ASN ASN A . n 
A 1 110 THR 110 566 566 THR THR A . n 
A 1 111 ILE 111 567 567 ILE ILE A . n 
A 1 112 LYS 112 568 568 LYS LYS A . n 
A 1 113 GLU 113 569 569 GLU GLU A . n 
A 1 114 TYR 114 570 570 TYR TYR A . n 
A 1 115 ALA 115 571 571 ALA ALA A . n 
A 1 116 ILE 116 572 572 ILE ILE A . n 
A 1 117 ARG 117 573 573 ARG ARG A . n 
A 1 118 SER 118 574 574 SER SER A . n 
A 1 119 SER 119 575 575 SER SER A . n 
A 1 120 GLY 120 576 576 GLY GLY A . n 
A 1 121 LYS 121 577 577 LYS LYS A . n 
A 1 122 GLY 122 578 578 GLY GLY A . n 
A 1 123 ASP 123 579 579 ASP ASP A . n 
A 1 124 LEU 124 580 580 LEU LEU A . n 
A 1 125 PRO 125 581 581 PRO PRO A . n 
A 1 126 ARG 126 582 582 ARG ARG A . n 
A 1 127 LYS 127 583 583 LYS LYS A . n 
A 1 128 TRP 128 584 584 TRP TRP A . n 
A 1 129 VAL 129 585 585 VAL VAL A . n 
A 1 130 ILE 130 586 586 ILE ILE A . n 
A 1 131 LYS 131 587 587 LYS LYS A . n 
A 1 132 ASP 132 588 588 ASP ASP A . n 
A 1 133 ALA 133 589 589 ALA ALA A . n 
A 1 134 GLN 134 590 590 GLN GLN A . n 
A 1 135 ASN 135 591 591 ASN ASN A . n 
A 1 136 TRP 136 592 592 TRP TRP A . n 
A 1 137 GLU 137 593 593 GLU GLU A . n 
A 1 138 ASN 138 594 594 ASN ASN A . n 
A 1 139 LEU 139 595 595 LEU LEU A . n 
A 1 140 ARG 140 596 596 ARG ARG A . n 
A 1 141 ALA 141 597 597 ALA ALA A . n 
A 1 142 ASN 142 598 598 ASN ASN A . n 
A 1 143 ALA 143 599 599 ALA ALA A . n 
A 1 144 ASN 144 600 600 ASN ASN A . n 
A 1 145 MET 145 601 ?   ?   ?   A . n 
A 1 146 PRO 146 602 ?   ?   ?   A . n 
A 1 147 THR 147 603 ?   ?   ?   A . n 
A 1 148 PRO 148 604 ?   ?   ?   A . n 
A 1 149 SER 149 605 ?   ?   ?   A . n 
A 1 150 LEU 150 606 ?   ?   ?   A . n 
# 
_pdbx_nonpoly_scheme.asym_id         B 
_pdbx_nonpoly_scheme.entity_id       2 
_pdbx_nonpoly_scheme.mon_id          HOH 
_pdbx_nonpoly_scheme.ndb_seq_num     1 
_pdbx_nonpoly_scheme.pdb_seq_num     701 
_pdbx_nonpoly_scheme.auth_seq_num    1 
_pdbx_nonpoly_scheme.pdb_mon_id      HOH 
_pdbx_nonpoly_scheme.auth_mon_id     HOH 
_pdbx_nonpoly_scheme.pdb_strand_id   A 
_pdbx_nonpoly_scheme.pdb_ins_code    . 
# 
_pdbx_struct_assembly.id                   1 
_pdbx_struct_assembly.details              software_defined_assembly 
_pdbx_struct_assembly.method_details       PISA 
_pdbx_struct_assembly.oligomeric_details   monomeric 
_pdbx_struct_assembly.oligomeric_count     1 
# 
_pdbx_struct_assembly_gen.assembly_id       1 
_pdbx_struct_assembly_gen.oper_expression   1 
_pdbx_struct_assembly_gen.asym_id_list      A,B 
# 
_pdbx_struct_oper_list.id                   1 
_pdbx_struct_oper_list.type                 'identity operation' 
_pdbx_struct_oper_list.name                 1_555 
_pdbx_struct_oper_list.symmetry_operation   x,y,z 
_pdbx_struct_oper_list.matrix[1][1]         1.0000000000 
_pdbx_struct_oper_list.matrix[1][2]         0.0000000000 
_pdbx_struct_oper_list.matrix[1][3]         0.0000000000 
_pdbx_struct_oper_list.vector[1]            0.0000000000 
_pdbx_struct_oper_list.matrix[2][1]         0.0000000000 
_pdbx_struct_oper_list.matrix[2][2]         1.0000000000 
_pdbx_struct_oper_list.matrix[2][3]         0.0000000000 
_pdbx_struct_oper_list.vector[2]            0.0000000000 
_pdbx_struct_oper_list.matrix[3][1]         0.0000000000 
_pdbx_struct_oper_list.matrix[3][2]         0.0000000000 
_pdbx_struct_oper_list.matrix[3][3]         1.0000000000 
_pdbx_struct_oper_list.vector[3]            0.0000000000 
# 
loop_
_pdbx_audit_revision_history.ordinal 
_pdbx_audit_revision_history.data_content_type 
_pdbx_audit_revision_history.major_revision 
_pdbx_audit_revision_history.minor_revision 
_pdbx_audit_revision_history.revision_date 
1 'Structure model' 1 0 2016-10-26 
2 'Structure model' 1 1 2017-09-20 
3 'Structure model' 1 2 2019-12-25 
4 'Structure model' 1 3 2023-09-27 
# 
_pdbx_audit_revision_details.ordinal             1 
_pdbx_audit_revision_details.revision_ordinal    1 
_pdbx_audit_revision_details.data_content_type   'Structure model' 
_pdbx_audit_revision_details.provider            repository 
_pdbx_audit_revision_details.type                'Initial release' 
_pdbx_audit_revision_details.description         ? 
_pdbx_audit_revision_details.details             ? 
# 
loop_
_pdbx_audit_revision_group.ordinal 
_pdbx_audit_revision_group.revision_ordinal 
_pdbx_audit_revision_group.data_content_type 
_pdbx_audit_revision_group.group 
1 2 'Structure model' 'Author supporting evidence' 
2 2 'Structure model' 'Derived calculations'       
3 3 'Structure model' 'Author supporting evidence' 
4 4 'Structure model' 'Data collection'            
5 4 'Structure model' 'Database references'        
6 4 'Structure model' 'Refinement description'     
# 
loop_
_pdbx_audit_revision_category.ordinal 
_pdbx_audit_revision_category.revision_ordinal 
_pdbx_audit_revision_category.data_content_type 
_pdbx_audit_revision_category.category 
1 2 'Structure model' pdbx_audit_support            
2 2 'Structure model' pdbx_struct_oper_list         
3 3 'Structure model' pdbx_audit_support            
4 4 'Structure model' chem_comp_atom                
5 4 'Structure model' chem_comp_bond                
6 4 'Structure model' database_2                    
7 4 'Structure model' pdbx_initial_refinement_model 
# 
loop_
_pdbx_audit_revision_item.ordinal 
_pdbx_audit_revision_item.revision_ordinal 
_pdbx_audit_revision_item.data_content_type 
_pdbx_audit_revision_item.item 
1 2 'Structure model' '_pdbx_audit_support.funding_organization'  
2 2 'Structure model' '_pdbx_struct_oper_list.symmetry_operation' 
3 3 'Structure model' '_pdbx_audit_support.funding_organization'  
4 4 'Structure model' '_database_2.pdbx_DOI'                      
5 4 'Structure model' '_database_2.pdbx_database_accession'       
# 
loop_
_pdbx_refine_tls.pdbx_refine_id 
_pdbx_refine_tls.id 
_pdbx_refine_tls.details 
_pdbx_refine_tls.method 
_pdbx_refine_tls.origin_x 
_pdbx_refine_tls.origin_y 
_pdbx_refine_tls.origin_z 
_pdbx_refine_tls.T[1][1] 
_pdbx_refine_tls.T[2][2] 
_pdbx_refine_tls.T[3][3] 
_pdbx_refine_tls.T[1][2] 
_pdbx_refine_tls.T[1][3] 
_pdbx_refine_tls.T[2][3] 
_pdbx_refine_tls.L[1][1] 
_pdbx_refine_tls.L[2][2] 
_pdbx_refine_tls.L[3][3] 
_pdbx_refine_tls.L[1][2] 
_pdbx_refine_tls.L[1][3] 
_pdbx_refine_tls.L[2][3] 
_pdbx_refine_tls.S[1][1] 
_pdbx_refine_tls.S[1][2] 
_pdbx_refine_tls.S[1][3] 
_pdbx_refine_tls.S[2][1] 
_pdbx_refine_tls.S[2][2] 
_pdbx_refine_tls.S[2][3] 
_pdbx_refine_tls.S[3][1] 
_pdbx_refine_tls.S[3][2] 
_pdbx_refine_tls.S[3][3] 
'X-RAY DIFFRACTION' 1 ? refined 3.0878   -0.7433 2.6412  0.2534 0.0590 0.1998 0.0026 -0.0524 -0.0685 2.8338 4.0398 1.5640  -1.2048 -0.5509 0.1663  0.8860  0.2466 0.1014  -1.0499 0.0460  0.6620 0.2471  -0.3995 0.3691  
'X-RAY DIFFRACTION' 2 ? refined -14.9257 8.4627  2.2443  0.6779 0.8496 1.3979 0.2106 0.0139  -0.1383 0.6146 4.0622 13.3241 0.5479  2.0420  -3.0162 -0.7312 0.5827 -0.3074 -0.0991 -1.0420 2.7015 -1.2494 -2.3048 -0.6594 
'X-RAY DIFFRACTION' 3 ? refined -1.2546  -2.7673 -9.6761 0.5375 0.6938 0.4568 0.1018 -0.1647 -0.1307 5.4685 3.6289 1.7928  -3.7197 -2.2976 0.6176  0.2095  1.3745 -0.9675 -0.0006 -0.4665 0.0584 0.6195  -0.4690 -0.5869 
# 
loop_
_pdbx_refine_tls_group.pdbx_refine_id 
_pdbx_refine_tls_group.id 
_pdbx_refine_tls_group.refine_tls_id 
_pdbx_refine_tls_group.beg_auth_asym_id 
_pdbx_refine_tls_group.beg_auth_seq_id 
_pdbx_refine_tls_group.beg_label_asym_id 
_pdbx_refine_tls_group.beg_label_seq_id 
_pdbx_refine_tls_group.end_auth_asym_id 
_pdbx_refine_tls_group.end_auth_seq_id 
_pdbx_refine_tls_group.end_label_asym_id 
_pdbx_refine_tls_group.end_label_seq_id 
_pdbx_refine_tls_group.selection 
_pdbx_refine_tls_group.selection_details 
'X-RAY DIFFRACTION' 1 1 ? ? ? ? ? ? ? ? ? 
;chain 'A' and (resid 520 through 573 )
;
'X-RAY DIFFRACTION' 2 2 ? ? ? ? ? ? ? ? ? 
;chain 'A' and (resid 574 through 583 )
;
'X-RAY DIFFRACTION' 3 3 ? ? ? ? ? ? ? ? ? 
;chain 'A' and (resid 584 through 600 )
;
# 
loop_
_software.citation_id 
_software.classification 
_software.compiler_name 
_software.compiler_version 
_software.contact_author 
_software.contact_author_email 
_software.date 
_software.description 
_software.dependencies 
_software.hardware 
_software.language 
_software.location 
_software.mods 
_software.name 
_software.os 
_software.os_version 
_software.type 
_software.version 
_software.pdbx_ordinal 
? refinement       ? ? ? ? ? ? ? ? ? ? ? PHENIX ? ? ? '(1.10.1_2155: ???)' 1 
? 'data reduction' ? ? ? ? ? ? ? ? ? ? ? d*TREK ? ? ? .                    2 
? 'data scaling'   ? ? ? ? ? ? ? ? ? ? ? d*TREK ? ? ? .                    3 
? phasing          ? ? ? ? ? ? ? ? ? ? ? PHASER ? ? ? .                    4 
# 
loop_
_pdbx_validate_torsion.id 
_pdbx_validate_torsion.PDB_model_num 
_pdbx_validate_torsion.auth_comp_id 
_pdbx_validate_torsion.auth_asym_id 
_pdbx_validate_torsion.auth_seq_id 
_pdbx_validate_torsion.PDB_ins_code 
_pdbx_validate_torsion.label_alt_id 
_pdbx_validate_torsion.phi 
_pdbx_validate_torsion.psi 
1 1 ASP A 535 ? ? -55.14 -6.21  
2 1 ASP A 539 ? ? 78.21  -5.38  
3 1 PRO A 581 ? ? -57.61 172.91 
4 1 GLN A 590 ? ? -60.54 -72.24 
# 
loop_
_pdbx_unobs_or_zero_occ_atoms.id 
_pdbx_unobs_or_zero_occ_atoms.PDB_model_num 
_pdbx_unobs_or_zero_occ_atoms.polymer_flag 
_pdbx_unobs_or_zero_occ_atoms.occupancy_flag 
_pdbx_unobs_or_zero_occ_atoms.auth_asym_id 
_pdbx_unobs_or_zero_occ_atoms.auth_comp_id 
_pdbx_unobs_or_zero_occ_atoms.auth_seq_id 
_pdbx_unobs_or_zero_occ_atoms.PDB_ins_code 
_pdbx_unobs_or_zero_occ_atoms.auth_atom_id 
_pdbx_unobs_or_zero_occ_atoms.label_alt_id 
_pdbx_unobs_or_zero_occ_atoms.label_asym_id 
_pdbx_unobs_or_zero_occ_atoms.label_comp_id 
_pdbx_unobs_or_zero_occ_atoms.label_seq_id 
_pdbx_unobs_or_zero_occ_atoms.label_atom_id 
1 1 Y 1 A GLN 520 ? CG  ? A GLN 64  CG  
2 1 Y 1 A GLN 520 ? CD  ? A GLN 64  CD  
3 1 Y 1 A GLN 520 ? OE1 ? A GLN 64  OE1 
4 1 Y 1 A GLN 520 ? NE2 ? A GLN 64  NE2 
5 1 Y 1 A ASN 600 ? CG  ? A ASN 144 CG  
6 1 Y 1 A ASN 600 ? OD1 ? A ASN 144 OD1 
7 1 Y 1 A ASN 600 ? ND2 ? A ASN 144 ND2 
# 
loop_
_pdbx_unobs_or_zero_occ_residues.id 
_pdbx_unobs_or_zero_occ_residues.PDB_model_num 
_pdbx_unobs_or_zero_occ_residues.polymer_flag 
_pdbx_unobs_or_zero_occ_residues.occupancy_flag 
_pdbx_unobs_or_zero_occ_residues.auth_asym_id 
_pdbx_unobs_or_zero_occ_residues.auth_comp_id 
_pdbx_unobs_or_zero_occ_residues.auth_seq_id 
_pdbx_unobs_or_zero_occ_residues.PDB_ins_code 
_pdbx_unobs_or_zero_occ_residues.label_asym_id 
_pdbx_unobs_or_zero_occ_residues.label_comp_id 
_pdbx_unobs_or_zero_occ_residues.label_seq_id 
1  1 Y 1 A SER 457 ? A SER 1   
2  1 Y 1 A ASN 458 ? A ASN 2   
3  1 Y 1 A PHE 459 ? A PHE 3   
4  1 Y 1 A GLU 460 ? A GLU 4   
5  1 Y 1 A ASN 461 ? A ASN 5   
6  1 Y 1 A LEU 462 ? A LEU 6   
7  1 Y 1 A SER 463 ? A SER 7   
8  1 Y 1 A GLU 464 ? A GLU 8   
9  1 Y 1 A GLU 465 ? A GLU 9   
10 1 Y 1 A ASN 466 ? A ASN 10  
11 1 Y 1 A LYS 467 ? A LYS 11  
12 1 Y 1 A ARG 468 ? A ARG 12  
13 1 Y 1 A TYR 469 ? A TYR 13  
14 1 Y 1 A LEU 470 ? A LEU 14  
15 1 Y 1 A GLN 471 ? A GLN 15  
16 1 Y 1 A GLN 472 ? A GLN 16  
17 1 Y 1 A LEU 473 ? A LEU 17  
18 1 Y 1 A LYS 474 ? A LYS 18  
19 1 Y 1 A ALA 475 ? A ALA 19  
20 1 Y 1 A GLU 476 ? A GLU 20  
21 1 Y 1 A VAL 477 ? A VAL 21  
22 1 Y 1 A ILE 478 ? A ILE 22  
23 1 Y 1 A ILE 479 ? A ILE 23  
24 1 Y 1 A GLU 480 ? A GLU 24  
25 1 Y 1 A THR 481 ? A THR 25  
26 1 Y 1 A ASP 482 ? A ASP 26  
27 1 Y 1 A GLY 483 ? A GLY 27  
28 1 Y 1 A PRO 484 ? A PRO 28  
29 1 Y 1 A ILE 485 ? A ILE 29  
30 1 Y 1 A ASP 486 ? A ASP 30  
31 1 Y 1 A PRO 487 ? A PRO 31  
32 1 Y 1 A PHE 488 ? A PHE 32  
33 1 Y 1 A LYS 489 ? A LYS 33  
34 1 Y 1 A GLU 490 ? A GLU 34  
35 1 Y 1 A PRO 491 ? A PRO 35  
36 1 Y 1 A LYS 492 ? A LYS 36  
37 1 Y 1 A THR 493 ? A THR 37  
38 1 Y 1 A SER 494 ? A SER 38  
39 1 Y 1 A SER 495 ? A SER 39  
40 1 Y 1 A LEU 496 ? A LEU 40  
41 1 Y 1 A PRO 497 ? A PRO 41  
42 1 Y 1 A SER 498 ? A SER 42  
43 1 Y 1 A LYS 499 ? A LYS 43  
44 1 Y 1 A ARG 500 ? A ARG 44  
45 1 Y 1 A SER 501 ? A SER 45  
46 1 Y 1 A ASN 502 ? A ASN 46  
47 1 Y 1 A SER 503 ? A SER 47  
48 1 Y 1 A ASP 504 ? A ASP 48  
49 1 Y 1 A LEU 505 ? A LEU 49  
50 1 Y 1 A GLN 506 ? A GLN 50  
51 1 Y 1 A ALA 507 ? A ALA 51  
52 1 Y 1 A GLN 508 ? A GLN 52  
53 1 Y 1 A THR 509 ? A THR 53  
54 1 Y 1 A ALA 510 ? A ALA 54  
55 1 Y 1 A SER 511 ? A SER 55  
56 1 Y 1 A GLN 512 ? A GLN 56  
57 1 Y 1 A SER 513 ? A SER 57  
58 1 Y 1 A GLN 514 ? A GLN 58  
59 1 Y 1 A SER 515 ? A SER 59  
60 1 Y 1 A PRO 516 ? A PRO 60  
61 1 Y 1 A GLU 517 ? A GLU 61  
62 1 Y 1 A LYS 518 ? A LYS 62  
63 1 Y 1 A LYS 519 ? A LYS 63  
64 1 Y 1 A MET 601 ? A MET 145 
65 1 Y 1 A PRO 602 ? A PRO 146 
66 1 Y 1 A THR 603 ? A THR 147 
67 1 Y 1 A PRO 604 ? A PRO 148 
68 1 Y 1 A SER 605 ? A SER 149 
69 1 Y 1 A LEU 606 ? A LEU 150 
# 
loop_
_chem_comp_atom.comp_id 
_chem_comp_atom.atom_id 
_chem_comp_atom.type_symbol 
_chem_comp_atom.pdbx_aromatic_flag 
_chem_comp_atom.pdbx_stereo_config 
_chem_comp_atom.pdbx_ordinal 
ALA N    N N N 1   
ALA CA   C N S 2   
ALA C    C N N 3   
ALA O    O N N 4   
ALA CB   C N N 5   
ALA OXT  O N N 6   
ALA H    H N N 7   
ALA H2   H N N 8   
ALA HA   H N N 9   
ALA HB1  H N N 10  
ALA HB2  H N N 11  
ALA HB3  H N N 12  
ALA HXT  H N N 13  
ARG N    N N N 14  
ARG CA   C N S 15  
ARG C    C N N 16  
ARG O    O N N 17  
ARG CB   C N N 18  
ARG CG   C N N 19  
ARG CD   C N N 20  
ARG NE   N N N 21  
ARG CZ   C N N 22  
ARG NH1  N N N 23  
ARG NH2  N N N 24  
ARG OXT  O N N 25  
ARG H    H N N 26  
ARG H2   H N N 27  
ARG HA   H N N 28  
ARG HB2  H N N 29  
ARG HB3  H N N 30  
ARG HG2  H N N 31  
ARG HG3  H N N 32  
ARG HD2  H N N 33  
ARG HD3  H N N 34  
ARG HE   H N N 35  
ARG HH11 H N N 36  
ARG HH12 H N N 37  
ARG HH21 H N N 38  
ARG HH22 H N N 39  
ARG HXT  H N N 40  
ASN N    N N N 41  
ASN CA   C N S 42  
ASN C    C N N 43  
ASN O    O N N 44  
ASN CB   C N N 45  
ASN CG   C N N 46  
ASN OD1  O N N 47  
ASN ND2  N N N 48  
ASN OXT  O N N 49  
ASN H    H N N 50  
ASN H2   H N N 51  
ASN HA   H N N 52  
ASN HB2  H N N 53  
ASN HB3  H N N 54  
ASN HD21 H N N 55  
ASN HD22 H N N 56  
ASN HXT  H N N 57  
ASP N    N N N 58  
ASP CA   C N S 59  
ASP C    C N N 60  
ASP O    O N N 61  
ASP CB   C N N 62  
ASP CG   C N N 63  
ASP OD1  O N N 64  
ASP OD2  O N N 65  
ASP OXT  O N N 66  
ASP H    H N N 67  
ASP H2   H N N 68  
ASP HA   H N N 69  
ASP HB2  H N N 70  
ASP HB3  H N N 71  
ASP HD2  H N N 72  
ASP HXT  H N N 73  
GLN N    N N N 74  
GLN CA   C N S 75  
GLN C    C N N 76  
GLN O    O N N 77  
GLN CB   C N N 78  
GLN CG   C N N 79  
GLN CD   C N N 80  
GLN OE1  O N N 81  
GLN NE2  N N N 82  
GLN OXT  O N N 83  
GLN H    H N N 84  
GLN H2   H N N 85  
GLN HA   H N N 86  
GLN HB2  H N N 87  
GLN HB3  H N N 88  
GLN HG2  H N N 89  
GLN HG3  H N N 90  
GLN HE21 H N N 91  
GLN HE22 H N N 92  
GLN HXT  H N N 93  
GLU N    N N N 94  
GLU CA   C N S 95  
GLU C    C N N 96  
GLU O    O N N 97  
GLU CB   C N N 98  
GLU CG   C N N 99  
GLU CD   C N N 100 
GLU OE1  O N N 101 
GLU OE2  O N N 102 
GLU OXT  O N N 103 
GLU H    H N N 104 
GLU H2   H N N 105 
GLU HA   H N N 106 
GLU HB2  H N N 107 
GLU HB3  H N N 108 
GLU HG2  H N N 109 
GLU HG3  H N N 110 
GLU HE2  H N N 111 
GLU HXT  H N N 112 
GLY N    N N N 113 
GLY CA   C N N 114 
GLY C    C N N 115 
GLY O    O N N 116 
GLY OXT  O N N 117 
GLY H    H N N 118 
GLY H2   H N N 119 
GLY HA2  H N N 120 
GLY HA3  H N N 121 
GLY HXT  H N N 122 
HOH O    O N N 123 
HOH H1   H N N 124 
HOH H2   H N N 125 
ILE N    N N N 126 
ILE CA   C N S 127 
ILE C    C N N 128 
ILE O    O N N 129 
ILE CB   C N S 130 
ILE CG1  C N N 131 
ILE CG2  C N N 132 
ILE CD1  C N N 133 
ILE OXT  O N N 134 
ILE H    H N N 135 
ILE H2   H N N 136 
ILE HA   H N N 137 
ILE HB   H N N 138 
ILE HG12 H N N 139 
ILE HG13 H N N 140 
ILE HG21 H N N 141 
ILE HG22 H N N 142 
ILE HG23 H N N 143 
ILE HD11 H N N 144 
ILE HD12 H N N 145 
ILE HD13 H N N 146 
ILE HXT  H N N 147 
LEU N    N N N 148 
LEU CA   C N S 149 
LEU C    C N N 150 
LEU O    O N N 151 
LEU CB   C N N 152 
LEU CG   C N N 153 
LEU CD1  C N N 154 
LEU CD2  C N N 155 
LEU OXT  O N N 156 
LEU H    H N N 157 
LEU H2   H N N 158 
LEU HA   H N N 159 
LEU HB2  H N N 160 
LEU HB3  H N N 161 
LEU HG   H N N 162 
LEU HD11 H N N 163 
LEU HD12 H N N 164 
LEU HD13 H N N 165 
LEU HD21 H N N 166 
LEU HD22 H N N 167 
LEU HD23 H N N 168 
LEU HXT  H N N 169 
LYS N    N N N 170 
LYS CA   C N S 171 
LYS C    C N N 172 
LYS O    O N N 173 
LYS CB   C N N 174 
LYS CG   C N N 175 
LYS CD   C N N 176 
LYS CE   C N N 177 
LYS NZ   N N N 178 
LYS OXT  O N N 179 
LYS H    H N N 180 
LYS H2   H N N 181 
LYS HA   H N N 182 
LYS HB2  H N N 183 
LYS HB3  H N N 184 
LYS HG2  H N N 185 
LYS HG3  H N N 186 
LYS HD2  H N N 187 
LYS HD3  H N N 188 
LYS HE2  H N N 189 
LYS HE3  H N N 190 
LYS HZ1  H N N 191 
LYS HZ2  H N N 192 
LYS HZ3  H N N 193 
LYS HXT  H N N 194 
MET N    N N N 195 
MET CA   C N S 196 
MET C    C N N 197 
MET O    O N N 198 
MET CB   C N N 199 
MET CG   C N N 200 
MET SD   S N N 201 
MET CE   C N N 202 
MET OXT  O N N 203 
MET H    H N N 204 
MET H2   H N N 205 
MET HA   H N N 206 
MET HB2  H N N 207 
MET HB3  H N N 208 
MET HG2  H N N 209 
MET HG3  H N N 210 
MET HE1  H N N 211 
MET HE2  H N N 212 
MET HE3  H N N 213 
MET HXT  H N N 214 
PHE N    N N N 215 
PHE CA   C N S 216 
PHE C    C N N 217 
PHE O    O N N 218 
PHE CB   C N N 219 
PHE CG   C Y N 220 
PHE CD1  C Y N 221 
PHE CD2  C Y N 222 
PHE CE1  C Y N 223 
PHE CE2  C Y N 224 
PHE CZ   C Y N 225 
PHE OXT  O N N 226 
PHE H    H N N 227 
PHE H2   H N N 228 
PHE HA   H N N 229 
PHE HB2  H N N 230 
PHE HB3  H N N 231 
PHE HD1  H N N 232 
PHE HD2  H N N 233 
PHE HE1  H N N 234 
PHE HE2  H N N 235 
PHE HZ   H N N 236 
PHE HXT  H N N 237 
PRO N    N N N 238 
PRO CA   C N S 239 
PRO C    C N N 240 
PRO O    O N N 241 
PRO CB   C N N 242 
PRO CG   C N N 243 
PRO CD   C N N 244 
PRO OXT  O N N 245 
PRO H    H N N 246 
PRO HA   H N N 247 
PRO HB2  H N N 248 
PRO HB3  H N N 249 
PRO HG2  H N N 250 
PRO HG3  H N N 251 
PRO HD2  H N N 252 
PRO HD3  H N N 253 
PRO HXT  H N N 254 
SER N    N N N 255 
SER CA   C N S 256 
SER C    C N N 257 
SER O    O N N 258 
SER CB   C N N 259 
SER OG   O N N 260 
SER OXT  O N N 261 
SER H    H N N 262 
SER H2   H N N 263 
SER HA   H N N 264 
SER HB2  H N N 265 
SER HB3  H N N 266 
SER HG   H N N 267 
SER HXT  H N N 268 
THR N    N N N 269 
THR CA   C N S 270 
THR C    C N N 271 
THR O    O N N 272 
THR CB   C N R 273 
THR OG1  O N N 274 
THR CG2  C N N 275 
THR OXT  O N N 276 
THR H    H N N 277 
THR H2   H N N 278 
THR HA   H N N 279 
THR HB   H N N 280 
THR HG1  H N N 281 
THR HG21 H N N 282 
THR HG22 H N N 283 
THR HG23 H N N 284 
THR HXT  H N N 285 
TRP N    N N N 286 
TRP CA   C N S 287 
TRP C    C N N 288 
TRP O    O N N 289 
TRP CB   C N N 290 
TRP CG   C Y N 291 
TRP CD1  C Y N 292 
TRP CD2  C Y N 293 
TRP NE1  N Y N 294 
TRP CE2  C Y N 295 
TRP CE3  C Y N 296 
TRP CZ2  C Y N 297 
TRP CZ3  C Y N 298 
TRP CH2  C Y N 299 
TRP OXT  O N N 300 
TRP H    H N N 301 
TRP H2   H N N 302 
TRP HA   H N N 303 
TRP HB2  H N N 304 
TRP HB3  H N N 305 
TRP HD1  H N N 306 
TRP HE1  H N N 307 
TRP HE3  H N N 308 
TRP HZ2  H N N 309 
TRP HZ3  H N N 310 
TRP HH2  H N N 311 
TRP HXT  H N N 312 
TYR N    N N N 313 
TYR CA   C N S 314 
TYR C    C N N 315 
TYR O    O N N 316 
TYR CB   C N N 317 
TYR CG   C Y N 318 
TYR CD1  C Y N 319 
TYR CD2  C Y N 320 
TYR CE1  C Y N 321 
TYR CE2  C Y N 322 
TYR CZ   C Y N 323 
TYR OH   O N N 324 
TYR OXT  O N N 325 
TYR H    H N N 326 
TYR H2   H N N 327 
TYR HA   H N N 328 
TYR HB2  H N N 329 
TYR HB3  H N N 330 
TYR HD1  H N N 331 
TYR HD2  H N N 332 
TYR HE1  H N N 333 
TYR HE2  H N N 334 
TYR HH   H N N 335 
TYR HXT  H N N 336 
VAL N    N N N 337 
VAL CA   C N S 338 
VAL C    C N N 339 
VAL O    O N N 340 
VAL CB   C N N 341 
VAL CG1  C N N 342 
VAL CG2  C N N 343 
VAL OXT  O N N 344 
VAL H    H N N 345 
VAL H2   H N N 346 
VAL HA   H N N 347 
VAL HB   H N N 348 
VAL HG11 H N N 349 
VAL HG12 H N N 350 
VAL HG13 H N N 351 
VAL HG21 H N N 352 
VAL HG22 H N N 353 
VAL HG23 H N N 354 
VAL HXT  H N N 355 
# 
loop_
_chem_comp_bond.comp_id 
_chem_comp_bond.atom_id_1 
_chem_comp_bond.atom_id_2 
_chem_comp_bond.value_order 
_chem_comp_bond.pdbx_aromatic_flag 
_chem_comp_bond.pdbx_stereo_config 
_chem_comp_bond.pdbx_ordinal 
ALA N   CA   sing N N 1   
ALA N   H    sing N N 2   
ALA N   H2   sing N N 3   
ALA CA  C    sing N N 4   
ALA CA  CB   sing N N 5   
ALA CA  HA   sing N N 6   
ALA C   O    doub N N 7   
ALA C   OXT  sing N N 8   
ALA CB  HB1  sing N N 9   
ALA CB  HB2  sing N N 10  
ALA CB  HB3  sing N N 11  
ALA OXT HXT  sing N N 12  
ARG N   CA   sing N N 13  
ARG N   H    sing N N 14  
ARG N   H2   sing N N 15  
ARG CA  C    sing N N 16  
ARG CA  CB   sing N N 17  
ARG CA  HA   sing N N 18  
ARG C   O    doub N N 19  
ARG C   OXT  sing N N 20  
ARG CB  CG   sing N N 21  
ARG CB  HB2  sing N N 22  
ARG CB  HB3  sing N N 23  
ARG CG  CD   sing N N 24  
ARG CG  HG2  sing N N 25  
ARG CG  HG3  sing N N 26  
ARG CD  NE   sing N N 27  
ARG CD  HD2  sing N N 28  
ARG CD  HD3  sing N N 29  
ARG NE  CZ   sing N N 30  
ARG NE  HE   sing N N 31  
ARG CZ  NH1  sing N N 32  
ARG CZ  NH2  doub N N 33  
ARG NH1 HH11 sing N N 34  
ARG NH1 HH12 sing N N 35  
ARG NH2 HH21 sing N N 36  
ARG NH2 HH22 sing N N 37  
ARG OXT HXT  sing N N 38  
ASN N   CA   sing N N 39  
ASN N   H    sing N N 40  
ASN N   H2   sing N N 41  
ASN CA  C    sing N N 42  
ASN CA  CB   sing N N 43  
ASN CA  HA   sing N N 44  
ASN C   O    doub N N 45  
ASN C   OXT  sing N N 46  
ASN CB  CG   sing N N 47  
ASN CB  HB2  sing N N 48  
ASN CB  HB3  sing N N 49  
ASN CG  OD1  doub N N 50  
ASN CG  ND2  sing N N 51  
ASN ND2 HD21 sing N N 52  
ASN ND2 HD22 sing N N 53  
ASN OXT HXT  sing N N 54  
ASP N   CA   sing N N 55  
ASP N   H    sing N N 56  
ASP N   H2   sing N N 57  
ASP CA  C    sing N N 58  
ASP CA  CB   sing N N 59  
ASP CA  HA   sing N N 60  
ASP C   O    doub N N 61  
ASP C   OXT  sing N N 62  
ASP CB  CG   sing N N 63  
ASP CB  HB2  sing N N 64  
ASP CB  HB3  sing N N 65  
ASP CG  OD1  doub N N 66  
ASP CG  OD2  sing N N 67  
ASP OD2 HD2  sing N N 68  
ASP OXT HXT  sing N N 69  
GLN N   CA   sing N N 70  
GLN N   H    sing N N 71  
GLN N   H2   sing N N 72  
GLN CA  C    sing N N 73  
GLN CA  CB   sing N N 74  
GLN CA  HA   sing N N 75  
GLN C   O    doub N N 76  
GLN C   OXT  sing N N 77  
GLN CB  CG   sing N N 78  
GLN CB  HB2  sing N N 79  
GLN CB  HB3  sing N N 80  
GLN CG  CD   sing N N 81  
GLN CG  HG2  sing N N 82  
GLN CG  HG3  sing N N 83  
GLN CD  OE1  doub N N 84  
GLN CD  NE2  sing N N 85  
GLN NE2 HE21 sing N N 86  
GLN NE2 HE22 sing N N 87  
GLN OXT HXT  sing N N 88  
GLU N   CA   sing N N 89  
GLU N   H    sing N N 90  
GLU N   H2   sing N N 91  
GLU CA  C    sing N N 92  
GLU CA  CB   sing N N 93  
GLU CA  HA   sing N N 94  
GLU C   O    doub N N 95  
GLU C   OXT  sing N N 96  
GLU CB  CG   sing N N 97  
GLU CB  HB2  sing N N 98  
GLU CB  HB3  sing N N 99  
GLU CG  CD   sing N N 100 
GLU CG  HG2  sing N N 101 
GLU CG  HG3  sing N N 102 
GLU CD  OE1  doub N N 103 
GLU CD  OE2  sing N N 104 
GLU OE2 HE2  sing N N 105 
GLU OXT HXT  sing N N 106 
GLY N   CA   sing N N 107 
GLY N   H    sing N N 108 
GLY N   H2   sing N N 109 
GLY CA  C    sing N N 110 
GLY CA  HA2  sing N N 111 
GLY CA  HA3  sing N N 112 
GLY C   O    doub N N 113 
GLY C   OXT  sing N N 114 
GLY OXT HXT  sing N N 115 
HOH O   H1   sing N N 116 
HOH O   H2   sing N N 117 
ILE N   CA   sing N N 118 
ILE N   H    sing N N 119 
ILE N   H2   sing N N 120 
ILE CA  C    sing N N 121 
ILE CA  CB   sing N N 122 
ILE CA  HA   sing N N 123 
ILE C   O    doub N N 124 
ILE C   OXT  sing N N 125 
ILE CB  CG1  sing N N 126 
ILE CB  CG2  sing N N 127 
ILE CB  HB   sing N N 128 
ILE CG1 CD1  sing N N 129 
ILE CG1 HG12 sing N N 130 
ILE CG1 HG13 sing N N 131 
ILE CG2 HG21 sing N N 132 
ILE CG2 HG22 sing N N 133 
ILE CG2 HG23 sing N N 134 
ILE CD1 HD11 sing N N 135 
ILE CD1 HD12 sing N N 136 
ILE CD1 HD13 sing N N 137 
ILE OXT HXT  sing N N 138 
LEU N   CA   sing N N 139 
LEU N   H    sing N N 140 
LEU N   H2   sing N N 141 
LEU CA  C    sing N N 142 
LEU CA  CB   sing N N 143 
LEU CA  HA   sing N N 144 
LEU C   O    doub N N 145 
LEU C   OXT  sing N N 146 
LEU CB  CG   sing N N 147 
LEU CB  HB2  sing N N 148 
LEU CB  HB3  sing N N 149 
LEU CG  CD1  sing N N 150 
LEU CG  CD2  sing N N 151 
LEU CG  HG   sing N N 152 
LEU CD1 HD11 sing N N 153 
LEU CD1 HD12 sing N N 154 
LEU CD1 HD13 sing N N 155 
LEU CD2 HD21 sing N N 156 
LEU CD2 HD22 sing N N 157 
LEU CD2 HD23 sing N N 158 
LEU OXT HXT  sing N N 159 
LYS N   CA   sing N N 160 
LYS N   H    sing N N 161 
LYS N   H2   sing N N 162 
LYS CA  C    sing N N 163 
LYS CA  CB   sing N N 164 
LYS CA  HA   sing N N 165 
LYS C   O    doub N N 166 
LYS C   OXT  sing N N 167 
LYS CB  CG   sing N N 168 
LYS CB  HB2  sing N N 169 
LYS CB  HB3  sing N N 170 
LYS CG  CD   sing N N 171 
LYS CG  HG2  sing N N 172 
LYS CG  HG3  sing N N 173 
LYS CD  CE   sing N N 174 
LYS CD  HD2  sing N N 175 
LYS CD  HD3  sing N N 176 
LYS CE  NZ   sing N N 177 
LYS CE  HE2  sing N N 178 
LYS CE  HE3  sing N N 179 
LYS NZ  HZ1  sing N N 180 
LYS NZ  HZ2  sing N N 181 
LYS NZ  HZ3  sing N N 182 
LYS OXT HXT  sing N N 183 
MET N   CA   sing N N 184 
MET N   H    sing N N 185 
MET N   H2   sing N N 186 
MET CA  C    sing N N 187 
MET CA  CB   sing N N 188 
MET CA  HA   sing N N 189 
MET C   O    doub N N 190 
MET C   OXT  sing N N 191 
MET CB  CG   sing N N 192 
MET CB  HB2  sing N N 193 
MET CB  HB3  sing N N 194 
MET CG  SD   sing N N 195 
MET CG  HG2  sing N N 196 
MET CG  HG3  sing N N 197 
MET SD  CE   sing N N 198 
MET CE  HE1  sing N N 199 
MET CE  HE2  sing N N 200 
MET CE  HE3  sing N N 201 
MET OXT HXT  sing N N 202 
PHE N   CA   sing N N 203 
PHE N   H    sing N N 204 
PHE N   H2   sing N N 205 
PHE CA  C    sing N N 206 
PHE CA  CB   sing N N 207 
PHE CA  HA   sing N N 208 
PHE C   O    doub N N 209 
PHE C   OXT  sing N N 210 
PHE CB  CG   sing N N 211 
PHE CB  HB2  sing N N 212 
PHE CB  HB3  sing N N 213 
PHE CG  CD1  doub Y N 214 
PHE CG  CD2  sing Y N 215 
PHE CD1 CE1  sing Y N 216 
PHE CD1 HD1  sing N N 217 
PHE CD2 CE2  doub Y N 218 
PHE CD2 HD2  sing N N 219 
PHE CE1 CZ   doub Y N 220 
PHE CE1 HE1  sing N N 221 
PHE CE2 CZ   sing Y N 222 
PHE CE2 HE2  sing N N 223 
PHE CZ  HZ   sing N N 224 
PHE OXT HXT  sing N N 225 
PRO N   CA   sing N N 226 
PRO N   CD   sing N N 227 
PRO N   H    sing N N 228 
PRO CA  C    sing N N 229 
PRO CA  CB   sing N N 230 
PRO CA  HA   sing N N 231 
PRO C   O    doub N N 232 
PRO C   OXT  sing N N 233 
PRO CB  CG   sing N N 234 
PRO CB  HB2  sing N N 235 
PRO CB  HB3  sing N N 236 
PRO CG  CD   sing N N 237 
PRO CG  HG2  sing N N 238 
PRO CG  HG3  sing N N 239 
PRO CD  HD2  sing N N 240 
PRO CD  HD3  sing N N 241 
PRO OXT HXT  sing N N 242 
SER N   CA   sing N N 243 
SER N   H    sing N N 244 
SER N   H2   sing N N 245 
SER CA  C    sing N N 246 
SER CA  CB   sing N N 247 
SER CA  HA   sing N N 248 
SER C   O    doub N N 249 
SER C   OXT  sing N N 250 
SER CB  OG   sing N N 251 
SER CB  HB2  sing N N 252 
SER CB  HB3  sing N N 253 
SER OG  HG   sing N N 254 
SER OXT HXT  sing N N 255 
THR N   CA   sing N N 256 
THR N   H    sing N N 257 
THR N   H2   sing N N 258 
THR CA  C    sing N N 259 
THR CA  CB   sing N N 260 
THR CA  HA   sing N N 261 
THR C   O    doub N N 262 
THR C   OXT  sing N N 263 
THR CB  OG1  sing N N 264 
THR CB  CG2  sing N N 265 
THR CB  HB   sing N N 266 
THR OG1 HG1  sing N N 267 
THR CG2 HG21 sing N N 268 
THR CG2 HG22 sing N N 269 
THR CG2 HG23 sing N N 270 
THR OXT HXT  sing N N 271 
TRP N   CA   sing N N 272 
TRP N   H    sing N N 273 
TRP N   H2   sing N N 274 
TRP CA  C    sing N N 275 
TRP CA  CB   sing N N 276 
TRP CA  HA   sing N N 277 
TRP C   O    doub N N 278 
TRP C   OXT  sing N N 279 
TRP CB  CG   sing N N 280 
TRP CB  HB2  sing N N 281 
TRP CB  HB3  sing N N 282 
TRP CG  CD1  doub Y N 283 
TRP CG  CD2  sing Y N 284 
TRP CD1 NE1  sing Y N 285 
TRP CD1 HD1  sing N N 286 
TRP CD2 CE2  doub Y N 287 
TRP CD2 CE3  sing Y N 288 
TRP NE1 CE2  sing Y N 289 
TRP NE1 HE1  sing N N 290 
TRP CE2 CZ2  sing Y N 291 
TRP CE3 CZ3  doub Y N 292 
TRP CE3 HE3  sing N N 293 
TRP CZ2 CH2  doub Y N 294 
TRP CZ2 HZ2  sing N N 295 
TRP CZ3 CH2  sing Y N 296 
TRP CZ3 HZ3  sing N N 297 
TRP CH2 HH2  sing N N 298 
TRP OXT HXT  sing N N 299 
TYR N   CA   sing N N 300 
TYR N   H    sing N N 301 
TYR N   H2   sing N N 302 
TYR CA  C    sing N N 303 
TYR CA  CB   sing N N 304 
TYR CA  HA   sing N N 305 
TYR C   O    doub N N 306 
TYR C   OXT  sing N N 307 
TYR CB  CG   sing N N 308 
TYR CB  HB2  sing N N 309 
TYR CB  HB3  sing N N 310 
TYR CG  CD1  doub Y N 311 
TYR CG  CD2  sing Y N 312 
TYR CD1 CE1  sing Y N 313 
TYR CD1 HD1  sing N N 314 
TYR CD2 CE2  doub Y N 315 
TYR CD2 HD2  sing N N 316 
TYR CE1 CZ   doub Y N 317 
TYR CE1 HE1  sing N N 318 
TYR CE2 CZ   sing Y N 319 
TYR CE2 HE2  sing N N 320 
TYR CZ  OH   sing N N 321 
TYR OH  HH   sing N N 322 
TYR OXT HXT  sing N N 323 
VAL N   CA   sing N N 324 
VAL N   H    sing N N 325 
VAL N   H2   sing N N 326 
VAL CA  C    sing N N 327 
VAL CA  CB   sing N N 328 
VAL CA  HA   sing N N 329 
VAL C   O    doub N N 330 
VAL C   OXT  sing N N 331 
VAL CB  CG1  sing N N 332 
VAL CB  CG2  sing N N 333 
VAL CB  HB   sing N N 334 
VAL CG1 HG11 sing N N 335 
VAL CG1 HG12 sing N N 336 
VAL CG1 HG13 sing N N 337 
VAL CG2 HG21 sing N N 338 
VAL CG2 HG22 sing N N 339 
VAL CG2 HG23 sing N N 340 
VAL OXT HXT  sing N N 341 
# 
_pdbx_audit_support.funding_organization   
'National Institutes of Health/National Institute of General Medical Sciences (NIH/NIGMS)' 
_pdbx_audit_support.country                'United States' 
_pdbx_audit_support.grant_number           'R01 GM111902-02' 
_pdbx_audit_support.ordinal                1 
# 
_pdbx_entity_nonpoly.entity_id   2 
_pdbx_entity_nonpoly.name        water 
_pdbx_entity_nonpoly.comp_id     HOH 
# 
_pdbx_initial_refinement_model.id               1 
_pdbx_initial_refinement_model.entity_id_list   ? 
_pdbx_initial_refinement_model.type             'experimental model' 
_pdbx_initial_refinement_model.source_name      PDB 
_pdbx_initial_refinement_model.accession_code   5EJO 
_pdbx_initial_refinement_model.details          ? 
# 
